data_5WNP
#
_entry.id   5WNP
#
_cell.length_a   400.000
_cell.length_b   400.000
_cell.length_c   173.000
_cell.angle_alpha   90.000
_cell.angle_beta   90.000
_cell.angle_gamma   90.000
#
_symmetry.space_group_name_H-M   'P 41 21 2'
#
loop_
_entity.id
_entity.type
_entity.pdbx_description
1 polymer '16S Ribosomal RNA rRNA'
2 polymer '30S ribosomal protein S2'
3 polymer '30S ribosomal protein S3'
4 polymer '30S ribosomal protein S4'
5 polymer '30S ribosomal protein S5'
6 polymer '30S ribosomal protein S6'
7 polymer '30S ribosomal protein S7'
8 polymer '30S ribosomal protein S8'
9 polymer '30S ribosomal protein S9'
10 polymer '30S ribosomal protein S10'
11 polymer '30S ribosomal protein S11'
12 polymer '30S ribosomal protein S12'
13 polymer '30S ribosomal protein S13'
14 polymer '30S ribosomal protein S14 type Z'
15 polymer '30S ribosomal protein S15'
16 polymer '30S ribosomal protein S16'
17 polymer '30S ribosomal protein S17'
18 polymer '30S ribosomal protein S18'
19 polymer '30S ribosomal protein S19'
20 polymer '30S ribosomal protein S20'
21 polymer '30S ribosomal protein Thx'
22 polymer "RNA (5'-R(*AP*AP*AP*UP*UP*U)-3')"
23 polymer "RNA (5'-R(P*UP*AP*GP*AP*CP*UP*(70U)P*UP*UP*(12A)P*AP*(PSU)P*CP*UP*A)-3')"
24 non-polymer 'MAGNESIUM ION'
25 non-polymer 'POTASSIUM ION'
26 non-polymer 'ZINC ION'
27 water water
#
loop_
_entity_poly.entity_id
_entity_poly.type
_entity_poly.pdbx_seq_one_letter_code
_entity_poly.pdbx_strand_id
1 'polyribonucleotide'
;UUUGUUGGAGAGUUUGAUCCUGGCUCAGGGUGAACGCUGGCGGCGUGCCUAAGACAUGCAAGUCGUGCGGGCCGCGGGGU
UUUACUCCGUGGUCAGCGGCGGACGGGUGAGUAACGCGUGGGUGACCUACCCGGAAGAGGGGGACAACCCGGGGAAACUC
GGGCUAAUCCCCCAUGUGGACCCGCCCCUUGGGGUGUGUCCAAAGGGCUUUGCCCGCUUCCGGAUGGGCCCGCGUCCCAU
CAGCUAGUUGGUGGGGUAAUGGCCCACCAAGGCGACGACGGGUAGCCGGUCUGAGAGGAUGGCCGGCCACAGGGGCACUG
AGACACGGGCCCCACUCCUACGGGAGGCAGCAGUUAGGAAUCUUCCGCAAUGGGCGCAAGCCUGACGGAGCGACGCCGCU
UGGAGGAAGAAGCCCUUCGGGGUGUAAACUCCUGAACCCGGGACGAAACCCCCGACGAGGGGACUGACGGUACCGGGGUA
AUAGCGCCGGCCAACUCCG(PSU)GCCAGCAGCC(7MG)CGGUAAUACGGAGGGCGCGAGCGUUACCCGGAUUCACUGGG
CGUAAAGGGCGUGUAGGCGGCCUGGGGCGUCCCAUGUGAAAGACCACGGCUCAACCGUGGGGGAGCGUGGGAUACGCUCA
GGCUAGACGGUGGGAGAGGGUGGUGGAAUUCCCGGAGUAGCGGUGAAAUGCGCAGAUACCGGGAGGAACGCCGAUGGCGA
AGGCAGCCACCUGGUCCACCCGUGACGCUGAGGCGCGAAAGCGUGGGGAGCAAACCGGAUUAGAUACCCGGGUAGUCCAC
GCCCUAAACGAUGCGCGCUAGGUCUCUGGGUCUCCUGGGGGCCGAAGCUAACGCGUUAAGCGCGCCGCCUGGGGAGUACG
GCCGCAAGGCUGAAACUCAAAGGAAUUGACGGGGGCCCGCACAAGCGGUGGAGCAUGUGGUUUAAUUCGAA(M2G)
(5MC)AACGCGAAGAACCUUACCAGGCCUUGACAUGCUAGGGAACCCGGGUGAAAGCCUGGGGUGCCCCGCGAGGGGAGC
CCUAGCACAGGUGCUGCAUGGCCGUCGUCAGCUCGUGCCGUGAGGUGUUGGGUUAAGUCCCGCAACGAGCGCAACCCCCG
CCGUUAGUUGCCAGCGGUUCGGCCGGGCACUCUAACGGGACUGCCCGCGAAAGCGGGAGGAAGGAGGGGACGACGUCUGG
UCAGCAUG(2MG)CCCUUACGGCCUGGGCGACACACGUGCUACAAUGCCCACUACAAAGCGAUGCCACCCGGCAACGGGG
AGCUAAUCGCAAAAAGGUGGGCCCAGUUCGGAUUGGGGUCUGCAACCCGACCCCAUGAAGCCGGAAUCGCUAGUAAUCGC
GGAUCAGCCAUGCCGCGGUGAAUACGUUCCCGGGCCUUGUACACAC(5MC)G(4OC)C(5MC)GU(5MC)ACGCCAUGGG
AGCGGGCUCUACCCGAAGUCGCCGGGAGCCUACGGGCAGGCGCCGAGGGUAGGGCCCGUGACUGGGGCGAAGUCG(UR3)
AACAAGGUAGCUGUACCGG(MA6)(MA6)GGUGCGGCUGGAUCCACUCC(PSU)(PSU)UCU
;
A
2 'polypeptide(L)'
;TVKELLEAGVHFGHERKRWNPKFARYIYAERNGIHIIDLQKTMEELERTFRFIEDLAMRGGTILFVGTKKQAQDIVRMEA
ERAGMPYVNQRWLGGMLTNFKTISQRVHRLEELEALFASPEIEERPKKEQVRLKHELERLQKYLSGFRLLKRLPDAIFVV
DPTKEAIAVREARKLFIPVIALADTDSDPDLVDYIIPGNDDAIRSIQLILSRAVDLIIQARGGVVEPSPSYALVQE
;
B
3 'polypeptide(L)'
;GNKIHPIGFRLGITRDWESRWYAGKKQYRHLLLEDQRIRGLLEKELYSAGLARVDIERAADNVAVTVHVAKPGVVIGRGG
ERIRVLREELAKLTGKNVALNVQEVQNPNLSAPLVAQRVAEQIERRFAVRRAIKQAVQRVMESGAKGAKVIVSGRIGGAE
QARTEWAAQGRVPLHTLRANIDYGFALARTTYGVLGVKAYIFLGEVI
;
C
4 'polypeptide(L)'
;GRYIGPVCRLCRREGVKLYLKGERCYSPKCAMERRPYPPGQHGQKRARRPSDYAVRLREKQKLRRIYGISERQFRNLFEE
ASKKKGVTGSVFLGLLESRLDNVVYRLGFAVSRRQARQLVRHGHITVNGRRVDLPSYRVRPGDEIAVAEKSRNLELIRQN
LEAMKGRKVGPWLSLDVEGMKGKFLRLPDREDLALPVNEQLVIEFYSR
;
D
5 'polypeptide(L)'
;DFEEKMILIRRTARMQAGGRRFRFGALVVVGDRQGRVGLGFGKAPEVPLAVQKAGYYARRNMVEVPLQNGTIPHEIEVEF
GASKIVLKPAAPGTGVIAGAVPRAILELAGVTDILTKELGSRNPINIAYATMEALRQLRTKADVERLRKGE
;
E
6 'polypeptide(L)'
;MRRYEVNIVLNPNLDQSQLALEKEIIQRALENYGARVEKVEELGLRRLAYPIAKDPQGYFLWYQVEMPEDRVNDLARELR
IRDNVRRVMVVKSQEPFLANA
;
F
7 'polypeptide(L)'
;ARRRRAEVRQLQPDLVYGDVLVTAFINKIMRDGKKNLAARIFYDACKIIQEKTGQEPLKVFKQAVENVKPRMEVRSRRVG
GANYQVPMEVSPRRQQSLALRWLVQAANQRPERRAAVRIAHELMDAAEGKGGAVKKKEDVERMAEANRAYAHYRW
;
G
8 'polypeptide(L)'
;MLTDPIADMLTRIRNATRVYKESTDVPASRFKEEILRILAREGFIKGYERVDVDGKPYLRVYLKYGPRRQGPDPRPEQVI
HHIRRISKPGRRVYVGVKEIPRVRRGLGIAILSTSKGVLTDREARKLGVGGELICEVW
;
H
9 'polypeptide(L)'
;EQYYGTGRRKEAVARVFLRPGNGKVTVNGQDFNEYFQGLVRAVAALEPLRAVDALGHFDAYITVRGGGKSGQIDAIKLGI
ARALVQYNPDYRAKLKPLGFLTRDARVVERKKYGKHKARRAPQYSKR
;
I
10 'polypeptide(L)'
;KIRIKLRGFDHKTLDASAQKIVEAARRSGAQVSGPIPLPTRVRRFTVIRGPFKHKDSREHFELRTHNRLVDIINPNRKTI
EQLMTLDLPTGVEIEIKTV
;
J
11 'polypeptide(L)'
;KRQVASGRAYIHASYNNTIVTITDPDGNPITWSSGGVIGYKGSRKGTPYAAQLAALDAAKKAMAYGMQSVDVIVRGTGAG
REQAIRALQASGLQVKSIVDDTPVPHNGCRPKKKFRKAS
;
K
12 'polypeptide(L)'
;PTINQLVRKGREKVRKKSKVPALKGAPFRRGVCTVVRTVTPKKPNSALRKVAKVRLTSGYEVTAYIPGEGHNLQEHSVVL
IRGGRVK(0TD)LPGVRYHIVRGVYDAAGVKDRKKSRSKYGTKKPKEAA
;
L
13 'polypeptide(L)'
;ARIAGVEIPRNKRVDVALTYIYGIGKARAKEALEKTGINPATRVKDLTEAEVVRLREYVENTWKLEGELRAEVAANIKRL
MDIGCYRGLRHRRGLPVRGQRTRTNARTRKGPRKTVAG
;
M
14 'polypeptide(L)' ARKALIEKAKRTPKFKVRAYTRCVRCGRARSVYRFFGLCRICLRELAHKGQLPGVRKASW N
15 'polypeptide(L)'
;PITKEEKQKVIQEFARFPGDTGSTEVQVALLTLRINRLSEHLKVHKKDHHSHRGLLMMVGQRRRLLRYLQREDPERYRAL
IEKLGIRG
;
O
16 'polypeptide(L)'
;MVKIRLARFGSKHNPHYRIVVTDARRKRDGKYIEKIGYYDPRKTTPDWLKVDVERARYWLSVGAQPTDTARRLLRQAGVF
RQEA
;
P
17 'polypeptide(L)'
;PKKVLTGVVVSDKMQKTVTVLVERQFPHPLYGKVIKRSKKYLAHDPEEKYKLGDVVEIIESRPISKRKRFRVLRLVESGR
MDLVEKYLIRRQNYESLSK
;
Q
18 'polypeptide(L)' PSRKAKVKATLGEFDLRDYRNVEVLKRFLSETGKILPRRRTGLSAKEQRILAKTIKRARILGLLPFTEKLVRK R
19 'polypeptide(L)'
;PRSLKKGVFVDDHLLEKVLELNAKGEKRLIKTWSRRSTIVPEMVGHTIAVYNGKQHVPVYITENMVGHKLGEFAPTRTYR
G
;
S
20 'polypeptide(L)'
;RNLSALKRHRQSLKRRLRNKAKKSAIKTLSKKAIQLAQEGKAEEALKIMRKAESLIDKAAKGSTLHKNAAARRKSRLMRK
VRQLLEAAGAPLIGGGLSA
;
T
21 'polypeptide(L)' GKGDRRTRRGKIWRGTYGKYRPRKK U
22 'polyribonucleotide' AAAUUU a
23 'polyribonucleotide' UAGACU(70U)UU(12A)A(PSU)CUA b
#
# COMPACT_ATOMS: atom_id res chain seq x y z
N THR B 1 -10.21 -52.01 27.69
CA THR B 1 -11.57 -51.83 28.17
C THR B 1 -11.65 -52.12 29.67
N VAL B 2 -10.50 -52.40 30.27
CA VAL B 2 -10.41 -52.69 31.70
C VAL B 2 -9.40 -51.76 32.36
N LYS B 3 -9.24 -50.56 31.80
CA LYS B 3 -8.21 -49.62 32.26
C LYS B 3 -8.62 -48.84 33.52
N GLU B 4 -9.55 -49.36 34.33
CA GLU B 4 -10.04 -48.63 35.49
C GLU B 4 -8.90 -48.30 36.47
N LEU B 5 -8.28 -49.34 37.03
CA LEU B 5 -7.25 -49.16 38.03
C LEU B 5 -5.84 -49.21 37.47
N LEU B 6 -5.67 -49.66 36.23
CA LEU B 6 -4.35 -49.76 35.61
C LEU B 6 -3.84 -48.43 35.10
N GLU B 7 -4.57 -47.33 35.31
CA GLU B 7 -4.15 -46.01 34.85
C GLU B 7 -3.07 -45.48 35.79
N ALA B 8 -1.84 -45.94 35.54
CA ALA B 8 -0.67 -45.58 36.34
C ALA B 8 0.17 -44.58 35.55
N GLY B 9 0.10 -43.31 35.94
CA GLY B 9 0.85 -42.25 35.30
C GLY B 9 0.04 -41.31 34.46
N VAL B 10 -1.28 -41.49 34.40
CA VAL B 10 -2.12 -40.63 33.56
C VAL B 10 -2.60 -39.40 34.31
N HIS B 11 -2.85 -39.52 35.62
CA HIS B 11 -3.37 -38.39 36.40
C HIS B 11 -2.38 -37.23 36.48
N PHE B 12 -1.09 -37.49 36.24
CA PHE B 12 -0.10 -36.42 36.27
C PHE B 12 -0.36 -35.43 35.13
N GLY B 13 -0.50 -34.15 35.48
CA GLY B 13 -0.66 -33.10 34.52
C GLY B 13 0.58 -32.23 34.39
N HIS B 14 0.38 -31.06 33.80
CA HIS B 14 1.47 -30.08 33.69
C HIS B 14 1.60 -29.32 35.00
N GLU B 15 2.42 -28.27 35.00
CA GLU B 15 2.72 -27.52 36.22
C GLU B 15 1.54 -26.62 36.58
N ARG B 16 1.72 -25.78 37.61
CA ARG B 16 0.66 -24.86 38.00
C ARG B 16 0.41 -23.82 36.91
N LYS B 17 1.48 -23.35 36.26
CA LYS B 17 1.36 -22.43 35.14
C LYS B 17 1.14 -23.23 33.86
N ARG B 18 1.13 -22.54 32.72
CA ARG B 18 0.99 -23.16 31.40
C ARG B 18 -0.27 -24.02 31.30
N TRP B 19 -1.29 -23.68 32.06
CA TRP B 19 -2.56 -24.40 32.06
C TRP B 19 -3.63 -23.57 31.33
N ASN B 20 -4.79 -24.18 31.16
CA ASN B 20 -5.95 -23.51 30.58
C ASN B 20 -7.07 -23.54 31.61
N PRO B 21 -7.63 -22.39 31.99
CA PRO B 21 -8.71 -22.41 32.99
C PRO B 21 -9.92 -23.22 32.57
N LYS B 22 -10.18 -23.33 31.26
CA LYS B 22 -11.30 -24.13 30.79
C LYS B 22 -11.17 -25.61 31.15
N PHE B 23 -9.99 -26.05 31.59
CA PHE B 23 -9.77 -27.42 32.02
C PHE B 23 -10.06 -27.62 33.51
N ALA B 24 -10.44 -26.56 34.23
CA ALA B 24 -10.59 -26.65 35.67
C ALA B 24 -11.61 -27.70 36.09
N ARG B 25 -12.59 -27.99 35.23
CA ARG B 25 -13.59 -28.98 35.58
C ARG B 25 -13.02 -30.40 35.64
N TYR B 26 -11.98 -30.66 34.86
CA TYR B 26 -11.40 -32.01 34.79
C TYR B 26 -10.22 -32.20 35.73
N ILE B 27 -10.01 -31.28 36.66
CA ILE B 27 -8.88 -31.33 37.59
C ILE B 27 -9.39 -31.70 38.97
N TYR B 28 -8.70 -32.65 39.62
CA TYR B 28 -9.07 -33.04 40.97
C TYR B 28 -8.56 -32.03 41.99
N ALA B 29 -7.25 -31.83 42.04
CA ALA B 29 -6.63 -30.88 42.96
C ALA B 29 -5.23 -30.56 42.43
N GLU B 30 -4.43 -29.89 43.27
CA GLU B 30 -3.05 -29.54 42.94
C GLU B 30 -2.14 -30.09 44.01
N ARG B 31 -1.26 -31.01 43.62
CA ARG B 31 -0.28 -31.61 44.52
C ARG B 31 1.12 -31.14 44.13
N ASN B 32 1.79 -30.44 45.05
CA ASN B 32 3.17 -30.00 44.86
C ASN B 32 3.34 -29.18 43.59
N GLY B 33 2.43 -28.22 43.39
CA GLY B 33 2.52 -27.34 42.24
C GLY B 33 2.33 -28.03 40.89
N ILE B 34 1.57 -29.12 40.86
CA ILE B 34 1.29 -29.84 39.61
C ILE B 34 -0.18 -30.20 39.61
N HIS B 35 -0.90 -29.79 38.56
CA HIS B 35 -2.30 -30.17 38.42
C HIS B 35 -2.41 -31.68 38.22
N ILE B 36 -3.38 -32.29 38.90
CA ILE B 36 -3.64 -33.71 38.79
C ILE B 36 -5.06 -33.89 38.28
N ILE B 37 -5.22 -34.74 37.26
CA ILE B 37 -6.50 -34.90 36.59
C ILE B 37 -7.47 -35.65 37.50
N ASP B 38 -8.74 -35.29 37.41
CA ASP B 38 -9.79 -36.00 38.14
C ASP B 38 -9.92 -37.42 37.59
N LEU B 39 -9.73 -38.42 38.45
CA LEU B 39 -9.75 -39.80 37.99
C LEU B 39 -11.15 -40.24 37.58
N GLN B 40 -12.19 -39.73 38.24
CA GLN B 40 -13.55 -40.14 37.93
C GLN B 40 -14.00 -39.59 36.58
N LYS B 41 -13.87 -38.28 36.38
CA LYS B 41 -14.29 -37.68 35.12
C LYS B 41 -13.48 -38.21 33.94
N THR B 42 -12.28 -38.71 34.18
CA THR B 42 -11.50 -39.32 33.11
C THR B 42 -12.28 -40.47 32.48
N MET B 43 -12.68 -41.46 33.28
CA MET B 43 -13.48 -42.57 32.77
C MET B 43 -14.89 -42.12 32.38
N GLU B 44 -15.40 -41.08 33.05
CA GLU B 44 -16.71 -40.53 32.67
C GLU B 44 -16.72 -40.09 31.22
N GLU B 45 -15.65 -39.41 30.78
CA GLU B 45 -15.53 -39.03 29.37
C GLU B 45 -15.06 -40.19 28.51
N LEU B 46 -14.29 -41.12 29.09
CA LEU B 46 -13.83 -42.28 28.32
C LEU B 46 -14.98 -43.13 27.84
N GLU B 47 -16.02 -43.27 28.67
CA GLU B 47 -17.20 -44.03 28.24
C GLU B 47 -17.74 -43.49 26.91
N ARG B 48 -18.10 -42.21 26.88
CA ARG B 48 -18.68 -41.63 25.67
C ARG B 48 -17.68 -41.61 24.52
N THR B 49 -16.41 -41.33 24.81
CA THR B 49 -15.40 -41.26 23.75
C THR B 49 -15.21 -42.62 23.09
N PHE B 50 -14.93 -43.65 23.90
CA PHE B 50 -14.75 -44.99 23.36
C PHE B 50 -16.02 -45.53 22.73
N ARG B 51 -17.19 -45.11 23.21
CA ARG B 51 -18.44 -45.53 22.57
C ARG B 51 -18.56 -44.92 21.18
N PHE B 52 -18.22 -43.65 21.03
CA PHE B 52 -18.18 -43.04 19.71
C PHE B 52 -17.14 -43.73 18.82
N ILE B 53 -16.00 -44.09 19.40
CA ILE B 53 -14.96 -44.76 18.63
C ILE B 53 -15.46 -46.11 18.12
N GLU B 54 -16.14 -46.87 18.98
CA GLU B 54 -16.66 -48.17 18.58
C GLU B 54 -17.74 -48.03 17.51
N ASP B 55 -18.63 -47.04 17.68
CA ASP B 55 -19.68 -46.82 16.69
C ASP B 55 -19.08 -46.47 15.34
N LEU B 56 -18.10 -45.56 15.32
CA LEU B 56 -17.48 -45.17 14.06
C LEU B 56 -16.63 -46.29 13.47
N ALA B 57 -16.08 -47.16 14.32
CA ALA B 57 -15.23 -48.24 13.84
C ALA B 57 -16.04 -49.36 13.20
N MET B 58 -17.08 -49.83 13.89
CA MET B 58 -17.90 -50.90 13.34
C MET B 58 -18.66 -50.47 12.10
N ARG B 59 -18.77 -49.16 11.85
CA ARG B 59 -19.35 -48.66 10.61
C ARG B 59 -18.34 -48.61 9.46
N GLY B 60 -17.06 -48.89 9.73
CA GLY B 60 -16.05 -48.83 8.71
C GLY B 60 -15.45 -47.47 8.49
N GLY B 61 -15.47 -46.60 9.50
CA GLY B 61 -14.95 -45.25 9.33
C GLY B 61 -13.46 -45.18 9.55
N THR B 62 -12.83 -44.21 8.88
CA THR B 62 -11.39 -43.99 8.96
C THR B 62 -11.09 -42.87 9.93
N ILE B 63 -10.09 -43.10 10.78
CA ILE B 63 -9.66 -42.13 11.78
C ILE B 63 -8.20 -41.76 11.50
N LEU B 64 -7.91 -40.47 11.51
CA LEU B 64 -6.57 -39.96 11.26
C LEU B 64 -5.88 -39.70 12.59
N PHE B 65 -4.77 -40.40 12.83
CA PHE B 65 -4.00 -40.22 14.04
C PHE B 65 -2.92 -39.16 13.79
N VAL B 66 -2.79 -38.20 14.71
CA VAL B 66 -1.87 -37.09 14.55
C VAL B 66 -1.02 -36.99 15.80
N GLY B 67 0.30 -37.09 15.63
CA GLY B 67 1.22 -37.00 16.74
C GLY B 67 2.57 -36.46 16.33
N THR B 68 3.00 -35.38 16.99
CA THR B 68 4.28 -34.76 16.70
C THR B 68 5.08 -34.41 17.95
N LYS B 69 4.59 -34.74 19.13
CA LYS B 69 5.18 -34.30 20.39
C LYS B 69 6.57 -34.87 20.66
N LYS B 70 7.13 -35.68 19.75
CA LYS B 70 8.40 -36.40 19.90
C LYS B 70 8.37 -37.44 21.03
N GLN B 71 7.27 -37.53 21.77
CA GLN B 71 7.10 -38.58 22.76
C GLN B 71 6.07 -39.61 22.34
N ALA B 72 5.27 -39.30 21.32
CA ALA B 72 4.28 -40.22 20.78
C ALA B 72 4.52 -40.53 19.31
N GLN B 73 5.70 -40.18 18.78
CA GLN B 73 5.96 -40.44 17.36
C GLN B 73 6.07 -41.94 17.09
N ASP B 74 7.00 -42.61 17.78
CA ASP B 74 7.21 -44.03 17.56
C ASP B 74 6.02 -44.88 17.98
N ILE B 75 5.13 -44.34 18.80
CA ILE B 75 3.93 -45.07 19.19
C ILE B 75 2.85 -44.94 18.12
N VAL B 76 2.58 -43.71 17.67
CA VAL B 76 1.58 -43.49 16.64
C VAL B 76 1.99 -44.16 15.34
N ARG B 77 3.30 -44.22 15.05
CA ARG B 77 3.75 -44.81 13.79
C ARG B 77 3.42 -46.29 13.68
N MET B 78 3.09 -46.97 14.79
CA MET B 78 2.74 -48.37 14.74
C MET B 78 1.32 -48.68 15.22
N GLU B 79 0.78 -47.91 16.18
CA GLU B 79 -0.60 -48.12 16.58
C GLU B 79 -1.56 -47.85 15.43
N ALA B 80 -1.23 -46.89 14.56
CA ALA B 80 -1.97 -46.68 13.34
C ALA B 80 -1.49 -47.57 12.20
N GLU B 81 -0.26 -48.05 12.25
CA GLU B 81 0.21 -49.06 11.30
C GLU B 81 -0.45 -50.41 11.53
N ARG B 82 -1.20 -50.56 12.62
CA ARG B 82 -2.18 -51.62 12.79
C ARG B 82 -3.39 -51.24 11.97
N ALA B 83 -4.56 -51.81 12.25
CA ALA B 83 -5.78 -51.59 11.45
C ALA B 83 -5.80 -50.24 10.75
N GLY B 84 -6.11 -50.26 9.46
CA GLY B 84 -5.50 -49.37 8.47
C GLY B 84 -5.72 -47.87 8.58
N MET B 85 -6.18 -47.39 9.73
CA MET B 85 -6.30 -45.97 9.96
C MET B 85 -4.98 -45.26 9.63
N PRO B 86 -5.01 -44.19 8.82
CA PRO B 86 -3.77 -43.48 8.48
C PRO B 86 -3.20 -42.71 9.66
N TYR B 87 -2.06 -42.04 9.45
CA TYR B 87 -1.46 -41.25 10.51
C TYR B 87 -0.53 -40.20 9.92
N VAL B 88 -0.22 -39.19 10.73
CA VAL B 88 0.75 -38.15 10.41
C VAL B 88 1.72 -38.05 11.58
N ASN B 89 3.01 -38.18 11.29
CA ASN B 89 4.01 -38.37 12.34
C ASN B 89 5.03 -37.26 12.42
N GLN B 90 5.70 -36.92 11.31
CA GLN B 90 6.85 -36.03 11.39
C GLN B 90 6.42 -34.59 11.67
N ARG B 91 5.44 -34.09 10.93
CA ARG B 91 4.85 -32.78 11.19
C ARG B 91 3.58 -32.66 10.37
N TRP B 92 2.65 -31.84 10.86
CA TRP B 92 1.36 -31.67 10.22
C TRP B 92 1.46 -30.53 9.21
N LEU B 93 1.43 -30.87 7.92
CA LEU B 93 1.56 -29.88 6.87
C LEU B 93 0.28 -29.05 6.77
N GLY B 94 0.43 -27.73 6.75
CA GLY B 94 -0.71 -26.83 6.65
C GLY B 94 -1.51 -27.04 5.37
N GLY B 95 -2.74 -27.49 5.53
CA GLY B 95 -3.60 -27.77 4.40
C GLY B 95 -3.81 -29.24 4.09
N MET B 96 -3.42 -30.15 5.00
CA MET B 96 -3.61 -31.57 4.75
C MET B 96 -5.07 -31.93 4.60
N LEU B 97 -5.96 -31.16 5.22
CA LEU B 97 -7.39 -31.41 5.18
C LEU B 97 -8.16 -30.40 4.34
N THR B 98 -7.93 -29.10 4.55
CA THR B 98 -8.63 -28.09 3.76
C THR B 98 -8.14 -28.08 2.32
N ASN B 99 -6.83 -28.21 2.11
CA ASN B 99 -6.22 -28.31 0.79
C ASN B 99 -5.90 -29.77 0.45
N PHE B 100 -6.79 -30.69 0.86
CA PHE B 100 -6.53 -32.11 0.74
C PHE B 100 -6.22 -32.53 -0.70
N LYS B 101 -6.72 -31.80 -1.69
CA LYS B 101 -6.51 -32.19 -3.08
C LYS B 101 -5.04 -32.04 -3.48
N THR B 102 -4.40 -30.94 -3.10
CA THR B 102 -3.00 -30.73 -3.48
C THR B 102 -2.09 -31.74 -2.76
N ILE B 103 -2.40 -32.06 -1.52
CA ILE B 103 -1.60 -33.06 -0.82
C ILE B 103 -1.83 -34.45 -1.40
N SER B 104 -3.05 -34.71 -1.91
CA SER B 104 -3.27 -35.96 -2.64
C SER B 104 -2.48 -35.97 -3.95
N GLN B 105 -2.30 -34.81 -4.58
CA GLN B 105 -1.41 -34.73 -5.73
C GLN B 105 0.03 -35.07 -5.34
N ARG B 106 0.46 -34.59 -4.18
CA ARG B 106 1.78 -34.97 -3.66
C ARG B 106 1.86 -36.48 -3.46
N VAL B 107 0.79 -37.08 -2.96
CA VAL B 107 0.76 -38.54 -2.80
C VAL B 107 0.83 -39.24 -4.16
N HIS B 108 0.17 -38.66 -5.16
CA HIS B 108 0.28 -39.18 -6.52
C HIS B 108 1.72 -39.16 -6.99
N ARG B 109 2.44 -38.07 -6.72
CA ARG B 109 3.86 -38.00 -7.08
C ARG B 109 4.67 -39.04 -6.30
N LEU B 110 4.31 -39.27 -5.03
CA LEU B 110 4.98 -40.29 -4.23
C LEU B 110 4.87 -41.66 -4.88
N GLU B 111 3.64 -42.10 -5.16
CA GLU B 111 3.49 -43.42 -5.78
C GLU B 111 4.00 -43.45 -7.21
N GLU B 112 4.04 -42.31 -7.90
CA GLU B 112 4.65 -42.25 -9.22
C GLU B 112 6.15 -42.55 -9.13
N LEU B 113 6.85 -41.89 -8.20
CA LEU B 113 8.27 -42.16 -8.02
C LEU B 113 8.52 -43.56 -7.48
N GLU B 114 7.56 -44.12 -6.72
CA GLU B 114 7.67 -45.51 -6.32
C GLU B 114 7.56 -46.44 -7.53
N ALA B 115 6.69 -46.10 -8.48
CA ALA B 115 6.59 -46.89 -9.70
C ALA B 115 7.83 -46.72 -10.59
N LEU B 116 8.50 -45.56 -10.51
CA LEU B 116 9.71 -45.36 -11.29
C LEU B 116 10.85 -46.21 -10.76
N PHE B 117 11.02 -46.29 -9.44
CA PHE B 117 12.06 -47.12 -8.84
C PHE B 117 11.72 -48.60 -8.86
N ALA B 118 10.51 -48.96 -9.31
CA ALA B 118 10.17 -50.36 -9.56
C ALA B 118 10.34 -50.75 -11.02
N SER B 119 10.19 -49.80 -11.93
CA SER B 119 10.40 -50.03 -13.35
C SER B 119 11.89 -49.92 -13.69
N PRO B 120 12.32 -50.50 -14.81
CA PRO B 120 13.73 -50.39 -15.21
C PRO B 120 14.17 -48.99 -15.59
N GLU B 121 13.30 -47.97 -15.45
CA GLU B 121 13.63 -46.60 -15.81
C GLU B 121 14.51 -45.90 -14.79
N ILE B 122 15.11 -46.64 -13.85
CA ILE B 122 15.94 -46.01 -12.83
C ILE B 122 17.26 -45.51 -13.43
N GLU B 123 17.80 -46.24 -14.40
CA GLU B 123 19.14 -45.98 -14.89
C GLU B 123 19.18 -44.93 -16.00
N GLU B 124 18.14 -44.83 -16.82
CA GLU B 124 18.10 -43.80 -17.85
C GLU B 124 18.01 -42.42 -17.21
N ARG B 125 18.25 -41.37 -18.02
CA ARG B 125 18.25 -40.00 -17.51
C ARG B 125 19.23 -39.88 -16.34
N PRO B 126 20.53 -39.71 -16.63
CA PRO B 126 21.60 -40.18 -15.72
C PRO B 126 21.57 -39.69 -14.28
N LYS B 127 22.48 -40.27 -13.50
CA LYS B 127 22.53 -40.30 -12.03
C LYS B 127 22.05 -39.05 -11.31
N LYS B 128 22.14 -37.88 -11.95
CA LYS B 128 21.64 -36.65 -11.33
C LYS B 128 20.20 -36.84 -10.85
N GLU B 129 19.34 -37.32 -11.74
CA GLU B 129 17.97 -37.64 -11.35
C GLU B 129 17.92 -38.80 -10.36
N GLN B 130 18.83 -39.77 -10.51
CA GLN B 130 18.84 -40.91 -9.59
C GLN B 130 19.15 -40.50 -8.16
N VAL B 131 19.72 -39.32 -7.96
CA VAL B 131 19.94 -38.77 -6.63
C VAL B 131 18.84 -37.80 -6.22
N ARG B 132 18.43 -36.92 -7.14
CA ARG B 132 17.37 -35.98 -6.84
C ARG B 132 16.09 -36.70 -6.46
N LEU B 133 15.60 -37.57 -7.35
CA LEU B 133 14.37 -38.31 -7.08
C LEU B 133 14.52 -39.25 -5.91
N LYS B 134 15.73 -39.76 -5.67
CA LYS B 134 15.96 -40.59 -4.48
C LYS B 134 15.68 -39.79 -3.22
N HIS B 135 16.29 -38.61 -3.09
CA HIS B 135 16.04 -37.78 -1.92
C HIS B 135 14.61 -37.29 -1.86
N GLU B 136 13.98 -37.06 -3.02
CA GLU B 136 12.61 -36.59 -3.05
C GLU B 136 11.66 -37.67 -2.53
N LEU B 137 11.82 -38.90 -3.02
CA LEU B 137 11.04 -40.03 -2.51
C LEU B 137 11.35 -40.26 -1.03
N GLU B 138 12.59 -40.06 -0.62
CA GLU B 138 12.96 -40.18 0.79
C GLU B 138 12.12 -39.23 1.65
N ARG B 139 12.09 -37.94 1.29
CA ARG B 139 11.34 -36.99 2.10
C ARG B 139 9.83 -37.19 1.97
N LEU B 140 9.36 -37.64 0.80
CA LEU B 140 7.94 -37.91 0.64
C LEU B 140 7.49 -39.07 1.52
N GLN B 141 8.33 -40.10 1.65
CA GLN B 141 8.02 -41.17 2.60
C GLN B 141 8.21 -40.70 4.04
N LYS B 142 9.11 -39.75 4.26
CA LYS B 142 9.28 -39.21 5.61
C LYS B 142 8.03 -38.48 6.09
N TYR B 143 7.41 -37.69 5.23
CA TYR B 143 6.26 -36.88 5.64
C TYR B 143 4.93 -37.57 5.38
N LEU B 144 4.76 -38.14 4.18
CA LEU B 144 3.50 -38.77 3.80
C LEU B 144 3.48 -40.27 4.04
N SER B 145 4.18 -40.74 5.08
CA SER B 145 4.24 -42.17 5.37
C SER B 145 2.85 -42.74 5.61
N GLY B 146 2.16 -42.25 6.63
CA GLY B 146 0.83 -42.75 6.94
C GLY B 146 -0.26 -42.01 6.20
N PHE B 147 0.03 -40.78 5.76
CA PHE B 147 -0.97 -39.98 5.08
C PHE B 147 -1.33 -40.54 3.70
N ARG B 148 -0.48 -41.38 3.13
CA ARG B 148 -0.75 -41.92 1.80
C ARG B 148 -2.00 -42.80 1.77
N LEU B 149 -2.46 -43.27 2.93
CA LEU B 149 -3.59 -44.19 2.98
C LEU B 149 -4.93 -43.49 2.78
N LEU B 150 -4.98 -42.17 2.94
CA LEU B 150 -6.23 -41.43 2.81
C LEU B 150 -6.56 -41.22 1.34
N LYS B 151 -7.64 -41.85 0.88
CA LYS B 151 -8.16 -41.60 -0.45
C LYS B 151 -9.19 -40.48 -0.47
N ARG B 152 -9.98 -40.35 0.59
CA ARG B 152 -10.92 -39.26 0.79
C ARG B 152 -10.64 -38.59 2.13
N LEU B 153 -11.48 -37.62 2.47
CA LEU B 153 -11.34 -36.96 3.77
C LEU B 153 -11.63 -37.95 4.90
N PRO B 154 -10.91 -37.87 6.01
CA PRO B 154 -11.14 -38.80 7.10
C PRO B 154 -12.45 -38.51 7.82
N ASP B 155 -13.01 -39.56 8.42
CA ASP B 155 -14.27 -39.43 9.14
C ASP B 155 -14.08 -38.91 10.56
N ALA B 156 -12.85 -38.94 11.07
CA ALA B 156 -12.51 -38.40 12.39
C ALA B 156 -11.00 -38.31 12.48
N ILE B 157 -10.52 -37.51 13.43
CA ILE B 157 -9.10 -37.38 13.69
C ILE B 157 -8.83 -37.66 15.16
N PHE B 158 -7.64 -38.17 15.44
CA PHE B 158 -7.18 -38.47 16.79
C PHE B 158 -5.90 -37.69 17.04
N VAL B 159 -5.90 -36.86 18.07
CA VAL B 159 -4.79 -35.97 18.38
C VAL B 159 -4.20 -36.36 19.74
N VAL B 160 -2.89 -36.28 19.85
CA VAL B 160 -2.21 -36.59 21.11
C VAL B 160 -2.06 -35.36 21.98
N ASP B 161 -1.70 -34.22 21.39
CA ASP B 161 -1.63 -32.94 22.10
C ASP B 161 -2.36 -31.90 21.27
N PRO B 162 -3.62 -31.57 21.62
CA PRO B 162 -4.36 -30.57 20.82
C PRO B 162 -3.76 -29.18 20.87
N THR B 163 -2.88 -28.89 21.83
CA THR B 163 -2.20 -27.59 21.84
C THR B 163 -1.05 -27.58 20.85
N LYS B 164 -0.25 -28.65 20.83
CA LYS B 164 0.87 -28.73 19.90
C LYS B 164 0.38 -28.93 18.47
N GLU B 165 -0.73 -29.64 18.29
CA GLU B 165 -1.30 -29.92 16.98
C GLU B 165 -2.57 -29.09 16.74
N ALA B 166 -2.56 -27.83 17.17
CA ALA B 166 -3.74 -27.00 17.08
C ALA B 166 -4.17 -26.71 15.64
N ILE B 167 -3.23 -26.77 14.69
CA ILE B 167 -3.57 -26.50 13.30
C ILE B 167 -4.46 -27.61 12.74
N ALA B 168 -4.13 -28.86 13.03
CA ALA B 168 -4.98 -29.97 12.62
C ALA B 168 -6.37 -29.86 13.25
N VAL B 169 -6.42 -29.46 14.52
CA VAL B 169 -7.70 -29.28 15.19
C VAL B 169 -8.52 -28.21 14.48
N ARG B 170 -7.90 -27.07 14.19
CA ARG B 170 -8.60 -25.98 13.50
C ARG B 170 -9.13 -26.43 12.15
N GLU B 171 -8.31 -27.15 11.38
CA GLU B 171 -8.77 -27.63 10.07
C GLU B 171 -9.90 -28.64 10.20
N ALA B 172 -9.89 -29.45 11.25
CA ALA B 172 -11.00 -30.37 11.49
C ALA B 172 -12.27 -29.60 11.82
N ARG B 173 -12.17 -28.56 12.64
CA ARG B 173 -13.34 -27.74 12.94
C ARG B 173 -13.88 -27.08 11.66
N LYS B 174 -12.99 -26.64 10.78
CA LYS B 174 -13.42 -25.96 9.56
C LYS B 174 -14.26 -26.89 8.68
N LEU B 175 -13.93 -28.17 8.66
CA LEU B 175 -14.60 -29.13 7.79
C LEU B 175 -15.61 -30.01 8.54
N PHE B 176 -15.97 -29.63 9.77
CA PHE B 176 -16.97 -30.36 10.57
C PHE B 176 -16.54 -31.80 10.84
N ILE B 177 -15.24 -32.04 10.92
CA ILE B 177 -14.71 -33.37 11.20
C ILE B 177 -14.58 -33.53 12.71
N PRO B 178 -15.14 -34.59 13.31
CA PRO B 178 -15.02 -34.76 14.76
C PRO B 178 -13.57 -34.86 15.20
N VAL B 179 -13.31 -34.33 16.40
CA VAL B 179 -11.95 -34.21 16.92
C VAL B 179 -11.88 -35.04 18.21
N ILE B 180 -11.31 -36.23 18.13
CA ILE B 180 -10.95 -37.00 19.31
C ILE B 180 -9.54 -36.61 19.71
N ALA B 181 -9.34 -36.33 21.00
CA ALA B 181 -8.04 -35.83 21.42
C ALA B 181 -7.76 -36.26 22.85
N LEU B 182 -6.47 -36.49 23.12
CA LEU B 182 -5.98 -36.75 24.48
C LEU B 182 -5.56 -35.41 25.06
N ALA B 183 -6.48 -34.77 25.77
CA ALA B 183 -6.26 -33.42 26.27
C ALA B 183 -5.54 -33.44 27.61
N ASP B 184 -4.73 -32.42 27.83
CA ASP B 184 -4.03 -32.19 29.10
C ASP B 184 -4.44 -30.82 29.64
N THR B 185 -3.76 -30.40 30.70
CA THR B 185 -4.12 -29.14 31.36
C THR B 185 -3.84 -27.92 30.50
N ASP B 186 -2.96 -28.03 29.50
CA ASP B 186 -2.58 -26.90 28.66
C ASP B 186 -3.47 -26.74 27.44
N SER B 187 -4.55 -27.50 27.33
CA SER B 187 -5.38 -27.53 26.14
C SER B 187 -6.76 -26.93 26.41
N ASP B 188 -7.41 -26.48 25.34
CA ASP B 188 -8.74 -25.91 25.42
C ASP B 188 -9.77 -27.01 25.16
N PRO B 189 -10.57 -27.40 26.16
CA PRO B 189 -11.50 -28.53 25.94
C PRO B 189 -12.64 -28.22 24.99
N ASP B 190 -12.97 -26.95 24.78
CA ASP B 190 -14.13 -26.62 23.95
C ASP B 190 -13.94 -27.07 22.50
N LEU B 191 -12.70 -26.95 21.98
CA LEU B 191 -12.44 -27.34 20.60
C LEU B 191 -12.44 -28.85 20.40
N VAL B 192 -12.37 -29.64 21.48
CA VAL B 192 -12.34 -31.08 21.38
C VAL B 192 -13.76 -31.61 21.52
N ASP B 193 -14.23 -32.34 20.49
CA ASP B 193 -15.57 -32.89 20.53
C ASP B 193 -15.68 -34.03 21.54
N TYR B 194 -14.77 -35.00 21.47
CA TYR B 194 -14.72 -36.12 22.40
C TYR B 194 -13.36 -36.07 23.10
N ILE B 195 -13.38 -35.77 24.39
CA ILE B 195 -12.16 -35.43 25.14
C ILE B 195 -11.68 -36.65 25.91
N ILE B 196 -10.36 -36.76 26.03
CA ILE B 196 -9.71 -37.78 26.86
C ILE B 196 -8.75 -37.05 27.82
N PRO B 197 -9.18 -36.74 29.04
CA PRO B 197 -8.33 -35.95 29.93
C PRO B 197 -7.20 -36.74 30.55
N GLY B 198 -6.08 -36.85 29.83
CA GLY B 198 -4.92 -37.56 30.34
C GLY B 198 -3.62 -36.81 30.18
N ASN B 199 -2.50 -37.50 30.41
CA ASN B 199 -1.18 -36.90 30.29
C ASN B 199 -0.66 -37.11 28.87
N ASP B 200 -0.12 -36.04 28.28
CA ASP B 200 0.42 -36.10 26.93
C ASP B 200 1.94 -36.17 26.89
N ASP B 201 2.61 -36.07 28.03
CA ASP B 201 4.06 -36.12 28.09
C ASP B 201 4.59 -37.52 28.36
N ALA B 202 4.02 -38.20 29.36
CA ALA B 202 4.49 -39.52 29.74
C ALA B 202 4.23 -40.52 28.61
N ILE B 203 5.19 -41.42 28.40
CA ILE B 203 5.05 -42.41 27.34
C ILE B 203 4.03 -43.47 27.73
N ARG B 204 3.90 -43.75 29.02
CA ARG B 204 3.00 -44.82 29.45
C ARG B 204 1.54 -44.43 29.22
N SER B 205 1.18 -43.18 29.47
CA SER B 205 -0.18 -42.73 29.21
C SER B 205 -0.53 -42.86 27.73
N ILE B 206 0.36 -42.41 26.86
CA ILE B 206 0.11 -42.48 25.42
C ILE B 206 0.01 -43.94 24.98
N GLN B 207 0.97 -44.78 25.41
CA GLN B 207 0.95 -46.18 25.03
C GLN B 207 -0.35 -46.84 25.49
N LEU B 208 -0.73 -46.63 26.75
CA LEU B 208 -1.94 -47.23 27.29
C LEU B 208 -3.17 -46.81 26.49
N ILE B 209 -3.37 -45.49 26.35
CA ILE B 209 -4.59 -45.00 25.71
C ILE B 209 -4.65 -45.43 24.25
N LEU B 210 -3.55 -45.26 23.50
CA LEU B 210 -3.58 -45.60 22.09
C LEU B 210 -3.68 -47.10 21.87
N SER B 211 -3.00 -47.91 22.70
CA SER B 211 -3.10 -49.35 22.57
C SER B 211 -4.53 -49.81 22.81
N ARG B 212 -5.15 -49.34 23.91
CA ARG B 212 -6.53 -49.73 24.17
C ARG B 212 -7.48 -49.21 23.11
N ALA B 213 -7.19 -48.04 22.53
CA ALA B 213 -8.04 -47.50 21.48
C ALA B 213 -7.98 -48.36 20.22
N VAL B 214 -6.77 -48.72 19.79
CA VAL B 214 -6.64 -49.57 18.60
C VAL B 214 -7.20 -50.96 18.87
N ASP B 215 -7.07 -51.45 20.11
CA ASP B 215 -7.66 -52.74 20.46
C ASP B 215 -9.18 -52.67 20.37
N LEU B 216 -9.78 -51.57 20.84
CA LEU B 216 -11.22 -51.40 20.71
C LEU B 216 -11.63 -51.29 19.25
N ILE B 217 -10.80 -50.63 18.43
CA ILE B 217 -11.09 -50.51 17.01
C ILE B 217 -11.15 -51.88 16.35
N ILE B 218 -10.11 -52.70 16.58
CA ILE B 218 -10.09 -54.02 15.96
C ILE B 218 -11.15 -54.93 16.57
N GLN B 219 -11.51 -54.71 17.83
CA GLN B 219 -12.60 -55.47 18.44
C GLN B 219 -13.94 -55.12 17.82
N ALA B 220 -14.10 -53.87 17.37
CA ALA B 220 -15.34 -53.48 16.72
C ALA B 220 -15.47 -54.11 15.34
N ARG B 221 -14.35 -54.39 14.67
CA ARG B 221 -14.34 -55.02 13.35
C ARG B 221 -14.04 -56.51 13.42
N GLY B 222 -14.17 -57.12 14.61
CA GLY B 222 -13.93 -58.54 14.76
C GLY B 222 -12.47 -58.93 14.64
N GLY B 223 -12.13 -60.16 14.98
CA GLY B 223 -10.76 -60.62 14.90
C GLY B 223 -9.85 -59.92 15.88
N VAL B 224 -10.04 -60.21 17.18
CA VAL B 224 -9.25 -59.55 18.22
C VAL B 224 -7.77 -59.80 17.99
N VAL B 225 -7.00 -58.72 17.94
CA VAL B 225 -5.58 -58.76 17.65
C VAL B 225 -4.79 -58.90 18.94
N GLU B 226 -3.61 -59.51 18.84
CA GLU B 226 -2.72 -59.67 19.98
C GLU B 226 -2.33 -58.31 20.55
N PRO B 227 -1.81 -58.29 21.79
CA PRO B 227 -1.37 -57.01 22.36
C PRO B 227 -0.32 -56.33 21.48
N SER B 228 -0.39 -54.99 21.44
CA SER B 228 0.43 -54.23 20.52
C SER B 228 1.90 -54.32 20.94
N PRO B 229 2.83 -54.48 19.97
CA PRO B 229 4.25 -54.52 20.30
C PRO B 229 4.87 -53.13 20.49
N SER B 230 4.20 -52.29 21.27
CA SER B 230 4.70 -50.95 21.59
C SER B 230 5.27 -50.87 23.00
N TYR B 231 5.17 -51.93 23.79
CA TYR B 231 5.74 -51.94 25.13
C TYR B 231 7.27 -51.84 25.07
N ALA B 232 7.88 -52.53 24.12
CA ALA B 232 9.34 -52.48 23.97
C ALA B 232 9.84 -51.07 23.68
N LEU B 233 8.97 -50.18 23.21
CA LEU B 233 9.34 -48.79 22.97
C LEU B 233 9.35 -47.96 24.26
N VAL B 234 9.23 -48.59 25.43
CA VAL B 234 9.38 -47.85 26.67
C VAL B 234 10.82 -47.39 26.84
N GLN B 235 11.78 -48.25 26.53
CA GLN B 235 13.21 -47.91 26.50
C GLN B 235 13.78 -47.53 27.87
N GLU B 236 13.09 -46.65 28.59
N GLY C 1 13.42 -4.88 -26.15
CA GLY C 1 14.72 -5.20 -26.71
C GLY C 1 15.31 -6.48 -26.15
N ASN C 2 14.64 -7.59 -26.40
CA ASN C 2 15.06 -8.91 -25.93
C ASN C 2 14.21 -9.95 -26.64
N LYS C 3 14.30 -11.20 -26.20
CA LYS C 3 13.42 -12.29 -26.64
C LYS C 3 13.54 -12.53 -28.15
N ILE C 4 14.72 -13.04 -28.55
CA ILE C 4 14.96 -13.35 -29.95
C ILE C 4 13.95 -14.39 -30.46
N HIS C 5 13.85 -14.47 -31.78
CA HIS C 5 12.93 -15.40 -32.42
C HIS C 5 13.24 -16.83 -32.02
N PRO C 6 12.26 -17.61 -31.56
CA PRO C 6 12.56 -18.98 -31.13
C PRO C 6 12.85 -19.92 -32.29
N ILE C 7 12.18 -19.75 -33.43
CA ILE C 7 12.47 -20.59 -34.59
C ILE C 7 13.90 -20.38 -35.05
N GLY C 8 14.31 -19.12 -35.19
CA GLY C 8 15.70 -18.82 -35.52
C GLY C 8 16.67 -19.21 -34.43
N PHE C 9 16.20 -19.32 -33.19
CA PHE C 9 17.04 -19.77 -32.09
C PHE C 9 17.20 -21.29 -32.06
N ARG C 10 16.29 -22.02 -32.69
CA ARG C 10 16.32 -23.48 -32.69
C ARG C 10 16.56 -24.07 -34.08
N LEU C 11 17.00 -23.26 -35.04
CA LEU C 11 17.21 -23.78 -36.39
C LEU C 11 18.24 -24.90 -36.45
N GLY C 12 19.05 -25.06 -35.40
CA GLY C 12 20.01 -26.14 -35.36
C GLY C 12 19.42 -27.46 -34.93
N ILE C 13 18.71 -27.46 -33.80
CA ILE C 13 18.13 -28.67 -33.23
C ILE C 13 16.65 -28.40 -32.94
N THR C 14 15.80 -29.40 -33.20
CA THR C 14 14.36 -29.35 -32.99
C THR C 14 13.67 -28.30 -33.86
N ARG C 15 14.28 -27.94 -34.98
CA ARG C 15 13.67 -27.05 -35.96
C ARG C 15 14.49 -27.10 -37.24
N ASP C 16 13.82 -27.15 -38.38
CA ASP C 16 14.47 -27.26 -39.68
C ASP C 16 14.13 -26.05 -40.54
N TRP C 17 14.94 -25.86 -41.58
CA TRP C 17 14.75 -24.73 -42.48
C TRP C 17 13.54 -24.96 -43.38
N GLU C 18 12.80 -23.88 -43.66
CA GLU C 18 11.69 -23.97 -44.60
C GLU C 18 12.20 -24.24 -46.02
N SER C 19 13.30 -23.59 -46.40
CA SER C 19 13.97 -23.85 -47.67
C SER C 19 15.24 -24.63 -47.38
N ARG C 20 15.38 -25.79 -48.03
CA ARG C 20 16.52 -26.68 -47.82
C ARG C 20 17.07 -27.11 -49.17
N TRP C 21 18.13 -26.44 -49.60
CA TRP C 21 18.77 -26.74 -50.88
C TRP C 21 20.15 -26.09 -50.90
N TYR C 22 21.02 -26.64 -51.74
CA TYR C 22 22.37 -26.12 -51.90
C TYR C 22 22.44 -25.24 -53.14
N ALA C 23 23.27 -24.20 -53.05
CA ALA C 23 23.47 -23.29 -54.17
C ALA C 23 24.80 -22.59 -54.00
N GLY C 24 25.50 -22.36 -55.10
CA GLY C 24 26.74 -21.62 -55.07
C GLY C 24 26.53 -20.15 -54.74
N LYS C 25 27.64 -19.45 -54.56
CA LYS C 25 27.60 -18.03 -54.26
C LYS C 25 27.04 -17.22 -55.43
N LYS C 26 27.14 -17.72 -56.65
CA LYS C 26 26.62 -17.05 -57.82
C LYS C 26 25.15 -17.35 -58.08
N GLN C 27 24.58 -18.34 -57.37
CA GLN C 27 23.20 -18.74 -57.58
C GLN C 27 22.34 -18.62 -56.34
N TYR C 28 22.94 -18.41 -55.16
CA TYR C 28 22.17 -18.42 -53.91
C TYR C 28 21.14 -17.30 -53.89
N ARG C 29 21.55 -16.09 -54.27
CA ARG C 29 20.66 -14.94 -54.17
C ARG C 29 19.47 -15.08 -55.12
N HIS C 30 19.69 -15.63 -56.32
CA HIS C 30 18.61 -15.75 -57.29
C HIS C 30 17.57 -16.78 -56.83
N LEU C 31 18.04 -17.95 -56.38
CA LEU C 31 17.13 -18.95 -55.86
C LEU C 31 16.40 -18.45 -54.61
N LEU C 32 17.08 -17.63 -53.79
CA LEU C 32 16.43 -17.07 -52.61
C LEU C 32 15.33 -16.09 -53.00
N LEU C 33 15.61 -15.22 -53.98
CA LEU C 33 14.58 -14.32 -54.49
C LEU C 33 13.41 -15.10 -55.07
N GLU C 34 13.70 -16.20 -55.77
CA GLU C 34 12.63 -17.02 -56.33
C GLU C 34 11.78 -17.64 -55.24
N ASP C 35 12.41 -18.16 -54.18
CA ASP C 35 11.66 -18.71 -53.05
C ASP C 35 10.81 -17.63 -52.37
N GLN C 36 11.36 -16.41 -52.27
CA GLN C 36 10.61 -15.34 -51.64
C GLN C 36 9.39 -14.95 -52.47
N ARG C 37 9.54 -14.88 -53.79
CA ARG C 37 8.40 -14.62 -54.65
C ARG C 37 7.37 -15.76 -54.57
N ILE C 38 7.85 -17.00 -54.46
CA ILE C 38 6.95 -18.14 -54.32
C ILE C 38 6.11 -17.99 -53.07
N ARG C 39 6.76 -17.75 -51.93
CA ARG C 39 6.02 -17.60 -50.68
C ARG C 39 5.11 -16.38 -50.70
N GLY C 40 5.54 -15.30 -51.37
CA GLY C 40 4.71 -14.12 -51.46
C GLY C 40 3.42 -14.38 -52.22
N LEU C 41 3.53 -14.92 -53.44
CA LEU C 41 2.32 -15.21 -54.21
C LEU C 41 1.50 -16.33 -53.57
N LEU C 42 2.13 -17.23 -52.82
CA LEU C 42 1.40 -18.31 -52.17
C LEU C 42 0.56 -17.79 -51.02
N GLU C 43 1.14 -16.96 -50.15
CA GLU C 43 0.40 -16.43 -49.02
C GLU C 43 -0.64 -15.40 -49.42
N LYS C 44 -0.58 -14.87 -50.64
CA LYS C 44 -1.59 -13.94 -51.13
C LYS C 44 -2.80 -14.64 -51.74
N GLU C 45 -2.73 -15.95 -51.95
CA GLU C 45 -3.82 -16.72 -52.56
C GLU C 45 -4.39 -17.77 -51.64
N LEU C 46 -3.56 -18.43 -50.83
CA LEU C 46 -3.98 -19.55 -50.01
C LEU C 46 -4.35 -19.15 -48.59
N TYR C 47 -4.41 -17.86 -48.28
CA TYR C 47 -4.74 -17.42 -46.93
C TYR C 47 -6.12 -17.91 -46.52
N SER C 48 -7.07 -17.98 -47.47
CA SER C 48 -8.40 -18.47 -47.13
C SER C 48 -8.37 -19.93 -46.69
N ALA C 49 -7.36 -20.68 -47.12
CA ALA C 49 -7.23 -22.08 -46.73
C ALA C 49 -6.47 -22.26 -45.43
N GLY C 50 -5.81 -21.22 -44.92
CA GLY C 50 -5.06 -21.33 -43.69
C GLY C 50 -3.78 -22.13 -43.85
N LEU C 51 -2.82 -21.60 -44.61
CA LEU C 51 -1.53 -22.25 -44.78
C LEU C 51 -0.63 -21.91 -43.60
N ALA C 52 -0.05 -22.94 -42.98
CA ALA C 52 0.80 -22.75 -41.81
C ALA C 52 2.28 -22.75 -42.14
N ARG C 53 2.69 -23.40 -43.23
CA ARG C 53 4.09 -23.46 -43.58
C ARG C 53 4.20 -23.83 -45.06
N VAL C 54 5.24 -23.31 -45.70
CA VAL C 54 5.53 -23.57 -47.10
C VAL C 54 6.98 -24.00 -47.21
N ASP C 55 7.22 -25.28 -47.43
CA ASP C 55 8.57 -25.80 -47.57
C ASP C 55 8.98 -25.84 -49.04
N ILE C 56 10.26 -25.59 -49.29
CA ILE C 56 10.80 -25.50 -50.63
C ILE C 56 12.09 -26.30 -50.70
N GLU C 57 12.22 -27.17 -51.70
CA GLU C 57 13.40 -27.99 -51.91
C GLU C 57 13.80 -27.90 -53.39
N ARG C 58 15.10 -27.98 -53.65
CA ARG C 58 15.60 -27.82 -55.02
C ARG C 58 16.71 -28.83 -55.26
N ALA C 59 16.65 -29.55 -56.38
CA ALA C 59 17.77 -30.39 -56.79
C ALA C 59 18.37 -29.87 -58.08
N ALA C 60 17.56 -29.68 -59.13
CA ALA C 60 18.07 -29.27 -60.43
C ALA C 60 16.88 -28.86 -61.28
N ASP C 61 16.61 -27.57 -61.30
CA ASP C 61 15.48 -26.99 -62.03
C ASP C 61 14.14 -27.60 -61.62
N ASN C 62 14.10 -28.32 -60.50
CA ASN C 62 12.87 -28.92 -59.99
C ASN C 62 12.70 -28.54 -58.53
N VAL C 63 11.53 -27.99 -58.19
CA VAL C 63 11.26 -27.46 -56.87
C VAL C 63 10.10 -28.24 -56.27
N ALA C 64 10.33 -28.84 -55.12
CA ALA C 64 9.31 -29.65 -54.45
C ALA C 64 8.62 -28.81 -53.38
N VAL C 65 7.87 -27.81 -53.84
CA VAL C 65 7.11 -26.94 -52.95
C VAL C 65 6.01 -27.77 -52.28
N THR C 66 6.02 -27.78 -50.95
CA THR C 66 5.02 -28.51 -50.16
C THR C 66 4.34 -27.52 -49.22
N VAL C 67 3.03 -27.40 -49.35
CA VAL C 67 2.24 -26.43 -48.58
C VAL C 67 1.47 -27.20 -47.51
N HIS C 68 1.68 -26.83 -46.25
CA HIS C 68 0.95 -27.43 -45.13
C HIS C 68 -0.30 -26.59 -44.87
N VAL C 69 -1.46 -27.15 -45.18
CA VAL C 69 -2.74 -26.46 -45.07
C VAL C 69 -3.66 -27.28 -44.19
N ALA C 70 -4.35 -26.60 -43.27
CA ALA C 70 -5.29 -27.29 -42.40
C ALA C 70 -6.51 -27.79 -43.16
N LYS C 71 -6.88 -27.13 -44.26
CA LYS C 71 -8.05 -27.48 -45.06
C LYS C 71 -7.63 -27.60 -46.52
N PRO C 72 -7.15 -28.77 -46.95
CA PRO C 72 -6.71 -28.93 -48.34
C PRO C 72 -7.84 -28.86 -49.36
N GLY C 73 -9.09 -28.97 -48.93
CA GLY C 73 -10.20 -28.90 -49.86
C GLY C 73 -10.32 -27.56 -50.57
N VAL C 74 -9.72 -26.51 -50.02
CA VAL C 74 -9.75 -25.21 -50.67
C VAL C 74 -8.64 -25.10 -51.70
N VAL C 75 -7.45 -25.58 -51.37
CA VAL C 75 -6.34 -25.52 -52.32
C VAL C 75 -6.51 -26.51 -53.44
N ILE C 76 -7.28 -27.58 -53.24
CA ILE C 76 -7.54 -28.51 -54.34
C ILE C 76 -8.56 -27.92 -55.32
N GLY C 77 -9.61 -27.29 -54.81
CA GLY C 77 -10.65 -26.76 -55.66
C GLY C 77 -11.62 -27.85 -56.09
N ARG C 78 -12.40 -27.53 -57.11
CA ARG C 78 -13.37 -28.50 -57.65
C ARG C 78 -12.64 -29.43 -58.61
N GLY C 79 -12.57 -30.72 -58.27
CA GLY C 79 -11.93 -31.71 -59.12
C GLY C 79 -10.44 -31.55 -59.29
N GLY C 80 -9.83 -30.51 -58.75
CA GLY C 80 -8.41 -30.30 -58.90
C GLY C 80 -8.00 -29.24 -59.90
N GLU C 81 -8.88 -28.28 -60.21
CA GLU C 81 -8.53 -27.22 -61.13
C GLU C 81 -7.79 -26.08 -60.44
N ARG C 82 -8.04 -25.87 -59.14
CA ARG C 82 -7.36 -24.83 -58.40
C ARG C 82 -5.85 -25.08 -58.37
N ILE C 83 -5.45 -26.32 -58.09
CA ILE C 83 -4.03 -26.64 -58.07
C ILE C 83 -3.44 -26.53 -59.48
N ARG C 84 -4.24 -26.81 -60.51
CA ARG C 84 -3.77 -26.63 -61.88
C ARG C 84 -3.47 -25.16 -62.15
N VAL C 85 -4.38 -24.26 -61.75
CA VAL C 85 -4.17 -22.83 -61.96
C VAL C 85 -2.98 -22.34 -61.14
N LEU C 86 -2.81 -22.87 -59.93
CA LEU C 86 -1.70 -22.43 -59.10
C LEU C 86 -0.36 -22.90 -59.65
N ARG C 87 -0.31 -24.14 -60.16
CA ARG C 87 0.90 -24.61 -60.83
C ARG C 87 1.15 -23.84 -62.13
N GLU C 88 0.08 -23.37 -62.78
CA GLU C 88 0.24 -22.55 -63.97
C GLU C 88 0.90 -21.22 -63.61
N GLU C 89 0.40 -20.55 -62.57
CA GLU C 89 1.04 -19.32 -62.11
C GLU C 89 2.47 -19.58 -61.64
N LEU C 90 2.72 -20.75 -61.05
CA LEU C 90 4.06 -21.11 -60.63
C LEU C 90 5.00 -21.21 -61.83
N ALA C 91 4.58 -21.92 -62.88
CA ALA C 91 5.40 -22.05 -64.07
C ALA C 91 5.54 -20.72 -64.81
N LYS C 92 4.57 -19.83 -64.66
CA LYS C 92 4.67 -18.51 -65.31
C LYS C 92 5.65 -17.61 -64.58
N LEU C 93 5.60 -17.56 -63.24
CA LEU C 93 6.55 -16.75 -62.50
C LEU C 93 7.97 -17.29 -62.65
N THR C 94 8.17 -18.56 -62.31
CA THR C 94 9.45 -19.24 -62.48
C THR C 94 9.30 -20.27 -63.59
N GLY C 95 10.10 -20.15 -64.64
CA GLY C 95 10.03 -21.06 -65.77
C GLY C 95 10.61 -22.42 -65.50
N LYS C 96 10.78 -22.76 -64.22
CA LYS C 96 11.39 -24.04 -63.85
C LYS C 96 10.47 -25.22 -64.13
N ASN C 97 9.16 -25.00 -64.20
CA ASN C 97 8.18 -26.04 -64.54
C ASN C 97 8.26 -27.21 -63.56
N VAL C 98 7.89 -26.90 -62.32
CA VAL C 98 8.03 -27.83 -61.21
C VAL C 98 6.65 -28.27 -60.73
N ALA C 99 6.63 -29.23 -59.81
CA ALA C 99 5.41 -29.81 -59.27
C ALA C 99 5.04 -29.11 -57.96
N LEU C 100 4.04 -29.67 -57.27
CA LEU C 100 3.51 -29.06 -56.05
C LEU C 100 2.84 -30.14 -55.22
N ASN C 101 2.92 -29.99 -53.89
CA ASN C 101 2.34 -30.97 -52.97
C ASN C 101 1.63 -30.26 -51.83
N VAL C 102 0.61 -30.93 -51.29
CA VAL C 102 -0.21 -30.40 -50.21
C VAL C 102 -0.23 -31.41 -49.07
N GLN C 103 -0.06 -30.91 -47.85
CA GLN C 103 -0.08 -31.74 -46.64
C GLN C 103 -1.11 -31.18 -45.67
N GLU C 104 -2.05 -32.02 -45.24
CA GLU C 104 -3.05 -31.60 -44.28
C GLU C 104 -2.44 -31.53 -42.88
N VAL C 105 -2.84 -30.50 -42.14
CA VAL C 105 -2.38 -30.29 -40.77
C VAL C 105 -3.46 -30.78 -39.82
N GLN C 106 -3.17 -31.85 -39.08
CA GLN C 106 -4.11 -32.35 -38.09
C GLN C 106 -4.14 -31.43 -36.89
N ASN C 107 -5.34 -31.16 -36.38
CA ASN C 107 -5.55 -30.26 -35.25
C ASN C 107 -4.89 -28.92 -35.51
N PRO C 108 -5.47 -28.07 -36.37
CA PRO C 108 -4.86 -26.77 -36.67
C PRO C 108 -4.63 -25.89 -35.46
N ASN C 109 -5.20 -26.22 -34.30
CA ASN C 109 -4.97 -25.48 -33.08
C ASN C 109 -3.64 -25.83 -32.42
N LEU C 110 -2.80 -26.63 -33.07
CA LEU C 110 -1.46 -26.92 -32.58
C LEU C 110 -0.37 -26.27 -33.41
N SER C 111 -0.70 -25.68 -34.55
CA SER C 111 0.24 -24.91 -35.35
C SER C 111 0.09 -23.44 -34.98
N ALA C 112 1.14 -22.85 -34.43
CA ALA C 112 1.06 -21.48 -33.93
C ALA C 112 0.71 -20.44 -34.98
N PRO C 113 1.19 -20.52 -36.24
CA PRO C 113 0.74 -19.54 -37.23
C PRO C 113 -0.77 -19.52 -37.42
N LEU C 114 -1.41 -20.69 -37.45
CA LEU C 114 -2.87 -20.72 -37.62
C LEU C 114 -3.59 -20.17 -36.40
N VAL C 115 -3.05 -20.43 -35.20
CA VAL C 115 -3.64 -19.88 -33.98
C VAL C 115 -3.56 -18.35 -34.01
N ALA C 116 -2.39 -17.83 -34.39
CA ALA C 116 -2.23 -16.38 -34.49
C ALA C 116 -3.16 -15.80 -35.55
N GLN C 117 -3.35 -16.51 -36.67
CA GLN C 117 -4.26 -16.04 -37.71
C GLN C 117 -5.70 -16.03 -37.21
N ARG C 118 -6.09 -17.03 -36.43
CA ARG C 118 -7.44 -17.06 -35.87
C ARG C 118 -7.66 -15.89 -34.91
N VAL C 119 -6.69 -15.65 -34.03
CA VAL C 119 -6.79 -14.53 -33.11
C VAL C 119 -6.82 -13.21 -33.87
N ALA C 120 -6.07 -13.12 -34.98
CA ALA C 120 -6.07 -11.91 -35.78
C ALA C 120 -7.42 -11.68 -36.46
N GLU C 121 -8.02 -12.74 -37.00
CA GLU C 121 -9.37 -12.63 -37.56
C GLU C 121 -10.36 -12.16 -36.50
N GLN C 122 -10.29 -12.74 -35.30
CA GLN C 122 -11.19 -12.33 -34.23
C GLN C 122 -10.99 -10.85 -33.88
N ILE C 123 -9.74 -10.42 -33.71
CA ILE C 123 -9.46 -9.03 -33.39
C ILE C 123 -9.97 -8.12 -34.50
N GLU C 124 -9.84 -8.55 -35.76
CA GLU C 124 -10.30 -7.73 -36.87
C GLU C 124 -11.82 -7.67 -36.92
N ARG C 125 -12.52 -8.68 -36.41
CA ARG C 125 -13.98 -8.64 -36.39
C ARG C 125 -14.53 -7.84 -35.21
N ARG C 126 -13.67 -7.15 -34.46
CA ARG C 126 -14.06 -6.38 -33.27
C ARG C 126 -14.53 -7.32 -32.15
N PHE C 127 -13.75 -8.36 -31.91
CA PHE C 127 -13.99 -9.30 -30.82
C PHE C 127 -13.29 -8.82 -29.54
N ALA C 128 -13.80 -9.29 -28.41
CA ALA C 128 -13.16 -9.00 -27.13
C ALA C 128 -11.77 -9.60 -27.10
N VAL C 129 -10.75 -8.74 -27.07
CA VAL C 129 -9.36 -9.21 -27.24
C VAL C 129 -8.96 -10.10 -26.07
N ARG C 130 -9.32 -9.72 -24.84
CA ARG C 130 -9.00 -10.54 -23.69
C ARG C 130 -9.65 -11.92 -23.81
N ARG C 131 -10.95 -11.95 -24.12
CA ARG C 131 -11.62 -13.22 -24.30
C ARG C 131 -11.08 -13.98 -25.51
N ALA C 132 -10.70 -13.26 -26.57
CA ALA C 132 -10.10 -13.92 -27.73
C ALA C 132 -8.84 -14.68 -27.32
N ILE C 133 -7.92 -14.01 -26.62
CA ILE C 133 -6.67 -14.65 -26.22
C ILE C 133 -6.95 -15.80 -25.25
N LYS C 134 -7.86 -15.58 -24.29
CA LYS C 134 -8.15 -16.62 -23.31
C LYS C 134 -8.72 -17.85 -23.98
N GLN C 135 -9.72 -17.68 -24.85
CA GLN C 135 -10.32 -18.81 -25.55
C GLN C 135 -9.31 -19.49 -26.46
N ALA C 136 -8.43 -18.72 -27.12
CA ALA C 136 -7.44 -19.33 -27.98
C ALA C 136 -6.48 -20.20 -27.19
N VAL C 137 -5.97 -19.68 -26.07
CA VAL C 137 -5.06 -20.48 -25.25
C VAL C 137 -5.77 -21.70 -24.69
N GLN C 138 -7.06 -21.56 -24.36
CA GLN C 138 -7.82 -22.70 -23.86
C GLN C 138 -7.96 -23.77 -24.94
N ARG C 139 -8.31 -23.38 -26.17
CA ARG C 139 -8.45 -24.33 -27.26
C ARG C 139 -7.12 -25.02 -27.56
N VAL C 140 -6.01 -24.28 -27.46
CA VAL C 140 -4.71 -24.88 -27.71
C VAL C 140 -4.36 -25.88 -26.61
N MET C 141 -4.50 -25.48 -25.35
CA MET C 141 -4.13 -26.35 -24.24
C MET C 141 -5.01 -27.59 -24.16
N GLU C 142 -6.28 -27.47 -24.55
CA GLU C 142 -7.22 -28.56 -24.37
C GLU C 142 -7.00 -29.73 -25.33
N SER C 143 -5.99 -29.66 -26.20
CA SER C 143 -5.64 -30.76 -27.11
C SER C 143 -4.12 -30.88 -27.14
N GLY C 144 -3.56 -31.71 -26.26
CA GLY C 144 -2.12 -31.82 -26.17
C GLY C 144 -1.54 -30.52 -25.67
N ALA C 145 -0.46 -30.06 -26.31
CA ALA C 145 0.08 -28.72 -26.11
C ALA C 145 0.47 -28.48 -24.64
N LYS C 146 1.51 -29.20 -24.22
CA LYS C 146 2.00 -29.07 -22.85
C LYS C 146 2.27 -27.62 -22.43
N GLY C 147 2.41 -26.71 -23.38
CA GLY C 147 2.51 -25.30 -23.05
C GLY C 147 1.89 -24.43 -24.12
N ALA C 148 1.45 -23.25 -23.72
CA ALA C 148 0.82 -22.33 -24.67
C ALA C 148 1.00 -20.90 -24.18
N LYS C 149 0.96 -19.97 -25.14
CA LYS C 149 1.02 -18.54 -24.83
C LYS C 149 0.56 -17.77 -26.05
N VAL C 150 -0.22 -16.71 -25.84
CA VAL C 150 -0.65 -15.83 -26.91
C VAL C 150 -0.54 -14.39 -26.43
N ILE C 151 0.14 -13.56 -27.21
CA ILE C 151 0.39 -12.16 -26.87
C ILE C 151 -0.21 -11.28 -27.95
N VAL C 152 -0.90 -10.22 -27.52
CA VAL C 152 -1.47 -9.23 -28.43
C VAL C 152 -0.87 -7.87 -28.10
N SER C 153 -0.45 -7.14 -29.12
CA SER C 153 0.28 -5.89 -28.95
C SER C 153 -0.66 -4.74 -28.66
N GLY C 154 -0.15 -3.52 -28.77
CA GLY C 154 -0.87 -2.31 -28.37
C GLY C 154 -2.15 -2.02 -29.10
N ARG C 155 -2.85 -0.96 -28.65
CA ARG C 155 -4.14 -0.55 -29.19
C ARG C 155 -5.19 -1.64 -29.00
N ILE C 156 -5.15 -2.30 -27.85
CA ILE C 156 -6.14 -3.34 -27.54
C ILE C 156 -7.50 -2.70 -27.40
N GLY C 157 -8.47 -3.23 -28.15
CA GLY C 157 -9.83 -2.68 -28.10
C GLY C 157 -9.98 -1.31 -28.70
N GLY C 158 -9.04 -0.90 -29.57
CA GLY C 158 -9.12 0.41 -30.16
C GLY C 158 -8.79 1.55 -29.22
N ALA C 159 -8.11 1.26 -28.11
CA ALA C 159 -7.78 2.29 -27.14
C ALA C 159 -6.71 3.23 -27.70
N GLU C 160 -6.63 4.43 -27.10
CA GLU C 160 -5.64 5.40 -27.52
C GLU C 160 -4.25 5.05 -27.00
N GLN C 161 -4.17 4.33 -25.88
CA GLN C 161 -2.90 3.93 -25.27
C GLN C 161 -2.60 2.48 -25.63
N ALA C 162 -1.36 2.21 -26.05
CA ALA C 162 -0.98 0.86 -26.42
C ALA C 162 -0.77 0.02 -25.16
N ARG C 163 -1.32 -1.19 -25.15
CA ARG C 163 -1.24 -2.09 -24.02
C ARG C 163 -0.71 -3.45 -24.49
N THR C 164 -0.64 -4.40 -23.57
CA THR C 164 -0.19 -5.75 -23.89
C THR C 164 -0.92 -6.73 -23.00
N GLU C 165 -1.74 -7.58 -23.61
CA GLU C 165 -2.52 -8.58 -22.88
C GLU C 165 -1.78 -9.91 -22.90
N TRP C 166 -1.60 -10.49 -21.71
CA TRP C 166 -0.67 -11.60 -21.54
C TRP C 166 -1.37 -12.95 -21.69
N ALA C 167 -2.31 -13.26 -20.79
CA ALA C 167 -3.16 -14.44 -20.92
C ALA C 167 -2.45 -15.71 -21.37
N ALA C 168 -1.48 -16.20 -20.63
CA ALA C 168 -0.79 -17.43 -20.98
C ALA C 168 -0.89 -18.46 -19.87
N GLN C 169 -0.80 -19.73 -20.25
CA GLN C 169 -0.83 -20.82 -19.27
C GLN C 169 -0.10 -22.02 -19.84
N GLY C 170 0.45 -22.83 -18.94
CA GLY C 170 1.20 -24.01 -19.33
C GLY C 170 2.67 -23.90 -19.04
N ARG C 171 3.51 -24.40 -19.95
CA ARG C 171 4.96 -24.31 -19.84
C ARG C 171 5.54 -23.82 -21.14
N VAL C 172 6.16 -22.64 -21.12
CA VAL C 172 6.80 -22.11 -22.32
C VAL C 172 8.27 -21.84 -22.00
N PRO C 173 9.12 -22.86 -21.96
CA PRO C 173 10.54 -22.64 -21.67
C PRO C 173 11.34 -22.16 -22.88
N LEU C 174 11.32 -20.85 -23.14
CA LEU C 174 11.99 -20.33 -24.33
C LEU C 174 13.50 -20.56 -24.29
N HIS C 175 14.09 -20.48 -23.09
CA HIS C 175 15.54 -20.66 -22.97
C HIS C 175 15.98 -22.11 -23.10
N THR C 176 15.04 -23.06 -23.10
CA THR C 176 15.38 -24.45 -23.32
C THR C 176 15.49 -24.72 -24.82
N LEU C 177 16.64 -25.22 -25.25
CA LEU C 177 16.88 -25.43 -26.68
C LEU C 177 15.96 -26.52 -27.22
N ARG C 178 15.90 -27.67 -26.54
CA ARG C 178 15.12 -28.81 -26.99
C ARG C 178 13.61 -28.62 -26.80
N ALA C 179 13.15 -27.42 -26.45
CA ALA C 179 11.74 -27.22 -26.13
C ALA C 179 10.81 -27.58 -27.28
N ASN C 180 11.27 -27.39 -28.52
CA ASN C 180 10.44 -27.64 -29.70
C ASN C 180 9.14 -26.83 -29.65
N ILE C 181 9.30 -25.52 -29.66
CA ILE C 181 8.18 -24.58 -29.54
C ILE C 181 7.85 -24.06 -30.93
N ASP C 182 6.62 -24.29 -31.36
CA ASP C 182 6.13 -23.72 -32.62
C ASP C 182 5.72 -22.27 -32.38
N TYR C 183 6.23 -21.38 -33.22
CA TYR C 183 5.99 -19.95 -33.12
C TYR C 183 5.23 -19.46 -34.34
N GLY C 184 4.27 -18.57 -34.10
CA GLY C 184 3.48 -18.01 -35.17
C GLY C 184 3.19 -16.53 -34.97
N PHE C 185 3.30 -15.74 -36.03
CA PHE C 185 3.06 -14.31 -35.96
C PHE C 185 2.01 -13.91 -36.99
N ALA C 186 1.09 -13.05 -36.59
CA ALA C 186 0.03 -12.58 -37.47
C ALA C 186 -0.24 -11.11 -37.20
N LEU C 187 -0.71 -10.42 -38.23
CA LEU C 187 -1.11 -9.03 -38.12
C LEU C 187 -2.62 -8.90 -38.17
N ALA C 188 -3.11 -7.81 -37.59
CA ALA C 188 -4.52 -7.44 -37.63
C ALA C 188 -4.59 -5.99 -38.08
N ARG C 189 -5.07 -5.77 -39.30
CA ARG C 189 -5.20 -4.44 -39.87
C ARG C 189 -6.61 -3.93 -39.54
N THR C 190 -6.70 -2.96 -38.64
CA THR C 190 -7.96 -2.41 -38.20
C THR C 190 -8.09 -0.97 -38.67
N THR C 191 -9.24 -0.36 -38.36
CA THR C 191 -9.45 1.03 -38.72
C THR C 191 -8.59 1.97 -37.88
N TYR C 192 -8.25 1.56 -36.65
CA TYR C 192 -7.51 2.43 -35.74
C TYR C 192 -6.00 2.18 -35.76
N GLY C 193 -5.55 1.05 -36.27
CA GLY C 193 -4.11 0.81 -36.33
C GLY C 193 -3.79 -0.64 -36.64
N VAL C 194 -2.62 -1.07 -36.18
CA VAL C 194 -2.09 -2.41 -36.42
C VAL C 194 -1.99 -3.15 -35.10
N LEU C 195 -2.41 -4.42 -35.11
CA LEU C 195 -2.33 -5.29 -33.95
C LEU C 195 -1.39 -6.44 -34.26
N GLY C 196 -0.41 -6.66 -33.39
CA GLY C 196 0.52 -7.76 -33.54
C GLY C 196 0.11 -8.92 -32.63
N VAL C 197 0.04 -10.11 -33.22
CA VAL C 197 -0.40 -11.31 -32.53
C VAL C 197 0.72 -12.35 -32.59
N LYS C 198 1.25 -12.73 -31.44
CA LYS C 198 2.27 -13.75 -31.33
C LYS C 198 1.68 -14.98 -30.63
N ALA C 199 2.08 -16.16 -31.09
CA ALA C 199 1.57 -17.42 -30.57
C ALA C 199 2.73 -18.38 -30.35
N TYR C 200 2.87 -18.87 -29.13
CA TYR C 200 3.86 -19.87 -28.76
C TYR C 200 3.14 -21.14 -28.34
N ILE C 201 3.55 -22.28 -28.90
CA ILE C 201 2.97 -23.57 -28.55
C ILE C 201 4.12 -24.53 -28.22
N PHE C 202 4.09 -25.10 -27.02
CA PHE C 202 5.16 -25.97 -26.52
C PHE C 202 4.65 -27.41 -26.50
N LEU C 203 5.39 -28.29 -27.17
CA LEU C 203 5.05 -29.70 -27.25
C LEU C 203 6.33 -30.52 -27.36
N GLY C 204 6.39 -31.62 -26.62
CA GLY C 204 7.56 -32.48 -26.63
C GLY C 204 8.74 -31.89 -25.88
N GLU C 205 9.64 -32.76 -25.41
CA GLU C 205 10.81 -32.32 -24.66
C GLU C 205 12.12 -32.67 -25.33
N VAL C 206 12.29 -33.90 -25.80
CA VAL C 206 13.51 -34.30 -26.47
C VAL C 206 13.25 -34.47 -27.96
N ILE C 207 13.68 -33.49 -28.75
N GLY D 1 -51.06 14.44 -24.65
CA GLY D 1 -50.10 14.14 -25.71
C GLY D 1 -50.18 12.73 -26.24
N ARG D 2 -50.28 11.77 -25.32
CA ARG D 2 -50.35 10.34 -25.64
C ARG D 2 -49.19 9.89 -26.53
N TYR D 3 -48.07 10.61 -26.48
CA TYR D 3 -46.82 10.16 -27.11
C TYR D 3 -46.89 10.14 -28.63
N ILE D 4 -48.01 10.59 -29.21
CA ILE D 4 -48.43 10.20 -30.56
C ILE D 4 -47.27 10.21 -31.54
N GLY D 5 -47.09 9.09 -32.25
CA GLY D 5 -45.98 8.89 -33.14
C GLY D 5 -45.80 7.43 -33.52
N PRO D 6 -44.56 7.05 -33.84
CA PRO D 6 -44.31 5.64 -34.18
C PRO D 6 -44.51 4.74 -32.97
N VAL D 7 -45.01 3.53 -33.21
CA VAL D 7 -45.37 2.60 -32.15
C VAL D 7 -44.48 1.36 -32.16
N CYS D 8 -44.33 0.71 -33.32
CA CYS D 8 -43.52 -0.51 -33.36
C CYS D 8 -42.05 -0.25 -33.05
N ARG D 9 -41.61 1.02 -33.08
CA ARG D 9 -40.31 1.33 -32.52
C ARG D 9 -40.26 1.01 -31.03
N LEU D 10 -41.41 1.06 -30.34
CA LEU D 10 -41.47 0.60 -28.95
C LEU D 10 -41.49 -0.92 -28.88
N CYS D 11 -42.16 -1.58 -29.83
CA CYS D 11 -42.03 -3.02 -29.97
C CYS D 11 -40.56 -3.42 -30.03
N ARG D 12 -39.74 -2.60 -30.69
CA ARG D 12 -38.31 -2.90 -30.81
C ARG D 12 -37.55 -2.54 -29.54
N ARG D 13 -37.69 -1.30 -29.06
CA ARG D 13 -36.90 -0.83 -27.92
C ARG D 13 -37.19 -1.64 -26.67
N GLU D 14 -38.45 -1.98 -26.43
CA GLU D 14 -38.80 -2.72 -25.22
C GLU D 14 -38.31 -4.16 -25.24
N GLY D 15 -37.82 -4.65 -26.39
CA GLY D 15 -37.32 -6.01 -26.49
C GLY D 15 -38.37 -7.09 -26.52
N VAL D 16 -39.62 -6.78 -26.19
CA VAL D 16 -40.71 -7.73 -26.22
C VAL D 16 -41.74 -7.25 -27.24
N LYS D 17 -42.27 -8.18 -28.03
CA LYS D 17 -43.28 -7.83 -29.02
C LYS D 17 -44.50 -7.21 -28.36
N LEU D 18 -44.75 -5.94 -28.64
CA LEU D 18 -45.94 -5.26 -28.17
C LEU D 18 -47.00 -5.27 -29.26
N TYR D 19 -48.24 -5.01 -28.86
CA TYR D 19 -49.37 -4.94 -29.79
C TYR D 19 -49.97 -3.55 -29.65
N LEU D 20 -49.40 -2.60 -30.38
CA LEU D 20 -49.87 -1.21 -30.36
C LEU D 20 -50.67 -0.85 -31.60
N LYS D 21 -50.52 -1.61 -32.68
CA LYS D 21 -51.31 -1.43 -33.89
C LYS D 21 -52.48 -2.40 -33.98
N GLY D 22 -52.69 -3.23 -32.96
CA GLY D 22 -53.66 -4.30 -33.07
C GLY D 22 -53.13 -5.36 -34.02
N GLU D 23 -53.68 -5.42 -35.23
CA GLU D 23 -53.12 -6.26 -36.27
C GLU D 23 -51.75 -5.70 -36.69
N ARG D 24 -51.06 -6.46 -37.55
CA ARG D 24 -49.75 -6.13 -38.11
C ARG D 24 -48.68 -6.25 -37.05
N CYS D 25 -49.07 -6.42 -35.79
CA CYS D 25 -48.19 -6.94 -34.77
C CYS D 25 -48.37 -8.45 -34.62
N TYR D 26 -49.39 -9.01 -35.26
CA TYR D 26 -49.55 -10.45 -35.44
C TYR D 26 -49.04 -10.93 -36.79
N SER D 27 -49.10 -10.07 -37.81
CA SER D 27 -48.60 -10.41 -39.13
C SER D 27 -47.09 -10.25 -39.18
N PRO D 28 -46.42 -10.94 -40.11
CA PRO D 28 -44.96 -10.78 -40.24
C PRO D 28 -44.56 -9.42 -40.81
N LYS D 29 -45.10 -8.34 -40.22
CA LYS D 29 -44.76 -6.98 -40.63
C LYS D 29 -44.57 -6.07 -39.42
N CYS D 30 -44.58 -6.61 -38.20
CA CYS D 30 -44.45 -5.81 -37.00
C CYS D 30 -43.11 -5.08 -36.92
N ALA D 31 -42.12 -5.50 -37.71
CA ALA D 31 -40.72 -5.09 -37.68
C ALA D 31 -40.05 -5.56 -36.40
N MET D 32 -40.79 -6.19 -35.49
CA MET D 32 -40.21 -6.97 -34.40
C MET D 32 -39.98 -8.42 -34.81
N GLU D 33 -40.74 -8.90 -35.80
CA GLU D 33 -40.50 -10.23 -36.33
C GLU D 33 -39.22 -10.28 -37.14
N ARG D 34 -38.85 -9.17 -37.78
CA ARG D 34 -37.69 -9.13 -38.66
C ARG D 34 -36.55 -8.25 -38.14
N ARG D 35 -36.80 -7.38 -37.17
CA ARG D 35 -35.77 -6.52 -36.59
C ARG D 35 -35.96 -6.46 -35.08
N PRO D 36 -35.51 -7.49 -34.36
CA PRO D 36 -35.74 -7.53 -32.91
C PRO D 36 -34.83 -6.61 -32.11
N TYR D 37 -33.85 -5.96 -32.74
CA TYR D 37 -32.92 -5.11 -32.00
C TYR D 37 -33.51 -3.71 -31.79
N PRO D 38 -33.06 -3.01 -30.76
CA PRO D 38 -33.59 -1.68 -30.46
C PRO D 38 -33.34 -0.71 -31.60
N PRO D 39 -34.08 0.40 -31.66
CA PRO D 39 -33.91 1.35 -32.77
C PRO D 39 -32.66 2.22 -32.58
N GLY D 40 -32.33 2.93 -33.65
CA GLY D 40 -31.24 3.87 -33.64
C GLY D 40 -30.01 3.36 -34.38
N GLN D 41 -29.04 4.25 -34.55
CA GLN D 41 -27.78 3.88 -35.16
C GLN D 41 -27.05 2.82 -34.35
N HIS D 42 -27.17 2.89 -33.02
CA HIS D 42 -26.48 1.97 -32.11
C HIS D 42 -27.39 0.86 -31.61
N GLY D 43 -28.33 0.42 -32.44
CA GLY D 43 -29.25 -0.63 -32.06
C GLY D 43 -28.67 -2.03 -32.20
N GLN D 44 -27.88 -2.25 -33.25
CA GLN D 44 -27.27 -3.55 -33.48
C GLN D 44 -26.00 -3.77 -32.70
N LYS D 45 -25.50 -2.76 -31.99
CA LYS D 45 -24.25 -2.89 -31.28
C LYS D 45 -24.45 -3.69 -29.98
N ARG D 46 -23.36 -4.27 -29.49
CA ARG D 46 -23.41 -5.11 -28.30
C ARG D 46 -23.85 -4.30 -27.09
N ALA D 47 -24.93 -4.73 -26.46
CA ALA D 47 -25.46 -4.03 -25.31
C ALA D 47 -24.60 -4.30 -24.07
N ARG D 48 -24.46 -3.28 -23.23
CA ARG D 48 -23.76 -3.41 -21.97
C ARG D 48 -24.72 -3.88 -20.88
N ARG D 49 -24.15 -4.48 -19.83
CA ARG D 49 -24.94 -4.98 -18.71
C ARG D 49 -25.67 -3.81 -18.05
N PRO D 50 -26.98 -3.75 -18.16
CA PRO D 50 -27.72 -2.58 -17.65
C PRO D 50 -27.72 -2.56 -16.14
N SER D 51 -27.87 -1.35 -15.60
CA SER D 51 -27.98 -1.16 -14.17
C SER D 51 -29.36 -1.59 -13.67
N ASP D 52 -29.49 -1.70 -12.35
CA ASP D 52 -30.78 -2.05 -11.76
C ASP D 52 -31.83 -0.99 -12.07
N TYR D 53 -31.44 0.28 -11.98
CA TYR D 53 -32.35 1.36 -12.35
C TYR D 53 -32.77 1.23 -13.81
N ALA D 54 -31.85 0.82 -14.68
CA ALA D 54 -32.19 0.60 -16.08
C ALA D 54 -33.27 -0.47 -16.21
N VAL D 55 -33.08 -1.59 -15.52
CA VAL D 55 -34.05 -2.69 -15.60
C VAL D 55 -35.43 -2.22 -15.13
N ARG D 56 -35.48 -1.56 -13.97
CA ARG D 56 -36.77 -1.14 -13.43
C ARG D 56 -37.43 -0.08 -14.29
N LEU D 57 -36.65 0.88 -14.79
CA LEU D 57 -37.20 1.92 -15.65
C LEU D 57 -37.74 1.32 -16.94
N ARG D 58 -37.00 0.39 -17.55
CA ARG D 58 -37.47 -0.22 -18.79
C ARG D 58 -38.73 -1.07 -18.55
N GLU D 59 -38.79 -1.76 -17.41
CA GLU D 59 -39.98 -2.54 -17.11
C GLU D 59 -41.20 -1.65 -16.91
N LYS D 60 -41.05 -0.56 -16.14
CA LYS D 60 -42.15 0.37 -15.95
C LYS D 60 -42.54 1.03 -17.26
N GLN D 61 -41.58 1.35 -18.12
CA GLN D 61 -41.90 1.94 -19.40
C GLN D 61 -42.64 0.96 -20.30
N LYS D 62 -42.27 -0.31 -20.25
CA LYS D 62 -43.02 -1.35 -20.97
C LYS D 62 -44.48 -1.37 -20.49
N LEU D 63 -44.66 -1.47 -19.17
CA LEU D 63 -46.02 -1.57 -18.62
C LEU D 63 -46.84 -0.32 -18.96
N ARG D 64 -46.20 0.85 -18.98
CA ARG D 64 -46.93 2.08 -19.26
C ARG D 64 -47.26 2.20 -20.75
N ARG D 65 -46.27 1.98 -21.62
CA ARG D 65 -46.49 2.08 -23.06
C ARG D 65 -47.41 1.00 -23.59
N ILE D 66 -47.64 -0.08 -22.83
CA ILE D 66 -48.62 -1.07 -23.25
C ILE D 66 -50.00 -0.45 -23.33
N TYR D 67 -50.37 0.33 -22.30
CA TYR D 67 -51.70 0.93 -22.23
C TYR D 67 -51.77 2.30 -22.91
N GLY D 68 -50.64 2.92 -23.23
CA GLY D 68 -50.66 4.24 -23.82
C GLY D 68 -51.17 5.31 -22.88
N ILE D 69 -50.76 5.27 -21.62
CA ILE D 69 -51.19 6.21 -20.60
C ILE D 69 -50.02 7.13 -20.26
N SER D 70 -50.31 8.42 -20.13
CA SER D 70 -49.26 9.39 -19.83
C SER D 70 -48.68 9.16 -18.44
N GLU D 71 -47.48 9.70 -18.23
CA GLU D 71 -46.80 9.51 -16.94
C GLU D 71 -47.60 10.11 -15.80
N ARG D 72 -48.34 11.19 -16.06
CA ARG D 72 -49.13 11.83 -15.00
C ARG D 72 -50.21 10.89 -14.47
N GLN D 73 -51.09 10.42 -15.35
CA GLN D 73 -52.14 9.51 -14.94
C GLN D 73 -51.57 8.20 -14.41
N PHE D 74 -50.44 7.76 -14.96
CA PHE D 74 -49.82 6.52 -14.51
C PHE D 74 -49.36 6.63 -13.05
N ARG D 75 -48.60 7.69 -12.75
CA ARG D 75 -48.15 7.91 -11.38
C ARG D 75 -49.32 8.13 -10.44
N ASN D 76 -50.35 8.83 -10.91
CA ASN D 76 -51.53 9.05 -10.07
C ASN D 76 -52.22 7.73 -9.73
N LEU D 77 -52.40 6.86 -10.73
CA LEU D 77 -53.01 5.56 -10.49
C LEU D 77 -52.14 4.72 -9.54
N PHE D 78 -50.82 4.78 -9.70
CA PHE D 78 -49.94 4.01 -8.81
C PHE D 78 -50.07 4.48 -7.37
N GLU D 79 -50.03 5.80 -7.15
CA GLU D 79 -50.18 6.32 -5.80
C GLU D 79 -51.56 5.98 -5.24
N GLU D 80 -52.59 6.05 -6.07
CA GLU D 80 -53.94 5.68 -5.64
C GLU D 80 -53.99 4.22 -5.19
N ALA D 81 -53.33 3.33 -5.95
CA ALA D 81 -53.30 1.93 -5.55
C ALA D 81 -52.50 1.73 -4.27
N SER D 82 -51.36 2.41 -4.14
CA SER D 82 -50.56 2.28 -2.94
C SER D 82 -51.30 2.76 -1.70
N LYS D 83 -52.20 3.74 -1.87
CA LYS D 83 -53.01 4.17 -0.74
C LYS D 83 -54.02 3.10 -0.33
N LYS D 84 -54.47 2.28 -1.26
CA LYS D 84 -55.51 1.31 -0.97
C LYS D 84 -54.94 0.13 -0.18
N LYS D 85 -55.85 -0.64 0.41
CA LYS D 85 -55.50 -1.86 1.11
C LYS D 85 -55.47 -3.03 0.14
N GLY D 86 -54.42 -3.85 0.24
CA GLY D 86 -54.22 -4.97 -0.66
C GLY D 86 -52.89 -4.86 -1.38
N VAL D 87 -52.61 -5.90 -2.17
CA VAL D 87 -51.36 -5.95 -2.93
C VAL D 87 -51.35 -4.80 -3.93
N THR D 88 -50.28 -4.00 -3.90
CA THR D 88 -50.20 -2.82 -4.75
C THR D 88 -50.22 -3.20 -6.23
N GLY D 89 -49.50 -4.26 -6.60
CA GLY D 89 -49.38 -4.63 -8.00
C GLY D 89 -50.67 -5.10 -8.63
N SER D 90 -51.35 -6.05 -7.98
CA SER D 90 -52.59 -6.59 -8.52
C SER D 90 -53.69 -5.53 -8.56
N VAL D 91 -53.77 -4.70 -7.52
CA VAL D 91 -54.75 -3.61 -7.52
C VAL D 91 -54.44 -2.60 -8.63
N PHE D 92 -53.15 -2.30 -8.84
CA PHE D 92 -52.76 -1.41 -9.92
C PHE D 92 -53.16 -1.98 -11.28
N LEU D 93 -52.93 -3.27 -11.48
CA LEU D 93 -53.31 -3.89 -12.76
C LEU D 93 -54.82 -3.89 -12.93
N GLY D 94 -55.57 -4.14 -11.87
CA GLY D 94 -57.02 -4.06 -11.95
C GLY D 94 -57.53 -2.67 -12.22
N LEU D 95 -56.81 -1.65 -11.75
CA LEU D 95 -57.17 -0.27 -12.05
C LEU D 95 -56.91 0.04 -13.51
N LEU D 96 -55.72 -0.33 -14.01
CA LEU D 96 -55.40 -0.09 -15.41
C LEU D 96 -56.36 -0.81 -16.34
N GLU D 97 -56.72 -2.05 -16.00
CA GLU D 97 -57.66 -2.81 -16.81
C GLU D 97 -59.08 -2.26 -16.71
N SER D 98 -59.36 -1.44 -15.70
CA SER D 98 -60.68 -0.85 -15.53
C SER D 98 -60.90 0.40 -16.36
N ARG D 99 -59.87 0.90 -17.04
CA ARG D 99 -60.03 2.06 -17.90
C ARG D 99 -60.97 1.74 -19.05
N LEU D 100 -61.79 2.72 -19.42
CA LEU D 100 -62.84 2.48 -20.41
C LEU D 100 -62.24 2.13 -21.78
N ASP D 101 -61.17 2.81 -22.18
CA ASP D 101 -60.54 2.49 -23.45
C ASP D 101 -59.96 1.07 -23.45
N ASN D 102 -59.32 0.68 -22.34
CA ASN D 102 -58.80 -0.68 -22.25
C ASN D 102 -59.92 -1.71 -22.22
N VAL D 103 -61.06 -1.39 -21.61
CA VAL D 103 -62.18 -2.31 -21.62
C VAL D 103 -62.75 -2.46 -23.03
N VAL D 104 -62.81 -1.35 -23.76
CA VAL D 104 -63.25 -1.41 -25.16
C VAL D 104 -62.31 -2.28 -25.98
N TYR D 105 -61.00 -2.14 -25.75
CA TYR D 105 -60.03 -2.98 -26.46
C TYR D 105 -60.20 -4.44 -26.09
N ARG D 106 -60.40 -4.73 -24.80
CA ARG D 106 -60.52 -6.12 -24.35
C ARG D 106 -61.79 -6.78 -24.89
N LEU D 107 -62.88 -6.02 -25.02
CA LEU D 107 -64.13 -6.57 -25.53
C LEU D 107 -64.14 -6.73 -27.05
N GLY D 108 -63.03 -6.43 -27.72
CA GLY D 108 -62.96 -6.61 -29.16
C GLY D 108 -63.66 -5.56 -29.98
N PHE D 109 -64.09 -4.45 -29.37
CA PHE D 109 -64.72 -3.38 -30.14
C PHE D 109 -63.70 -2.66 -31.01
N ALA D 110 -62.44 -2.61 -30.58
CA ALA D 110 -61.36 -2.03 -31.35
C ALA D 110 -60.18 -2.99 -31.39
N VAL D 111 -59.43 -2.94 -32.48
CA VAL D 111 -58.31 -3.87 -32.64
C VAL D 111 -57.12 -3.43 -31.79
N SER D 112 -56.99 -2.14 -31.50
CA SER D 112 -55.90 -1.62 -30.69
C SER D 112 -56.46 -0.73 -29.60
N ARG D 113 -55.61 -0.43 -28.61
CA ARG D 113 -56.05 0.45 -27.52
C ARG D 113 -56.17 1.90 -27.98
N ARG D 114 -55.36 2.32 -28.94
CA ARG D 114 -55.45 3.69 -29.43
C ARG D 114 -56.68 3.87 -30.31
N GLN D 115 -57.02 2.85 -31.11
CA GLN D 115 -58.28 2.87 -31.83
C GLN D 115 -59.46 2.90 -30.86
N ALA D 116 -59.35 2.18 -29.74
CA ALA D 116 -60.39 2.25 -28.72
C ALA D 116 -60.47 3.63 -28.10
N ARG D 117 -59.31 4.30 -27.92
CA ARG D 117 -59.31 5.65 -27.41
C ARG D 117 -60.02 6.60 -28.36
N GLN D 118 -59.79 6.44 -29.66
CA GLN D 118 -60.48 7.28 -30.65
C GLN D 118 -61.97 6.96 -30.69
N LEU D 119 -62.34 5.68 -30.50
CA LEU D 119 -63.75 5.32 -30.49
C LEU D 119 -64.47 5.93 -29.28
N VAL D 120 -63.84 5.89 -28.11
CA VAL D 120 -64.45 6.48 -26.93
C VAL D 120 -64.53 8.00 -27.07
N ARG D 121 -63.40 8.63 -27.42
CA ARG D 121 -63.34 10.09 -27.48
C ARG D 121 -64.38 10.67 -28.43
N HIS D 122 -64.79 9.92 -29.45
CA HIS D 122 -65.76 10.39 -30.43
C HIS D 122 -67.19 9.97 -30.09
N GLY D 123 -67.43 9.53 -28.87
CA GLY D 123 -68.79 9.27 -28.41
C GLY D 123 -69.46 8.06 -29.02
N HIS D 124 -68.69 7.13 -29.60
CA HIS D 124 -69.28 5.92 -30.15
C HIS D 124 -69.51 4.84 -29.12
N ILE D 125 -69.20 5.09 -27.85
CA ILE D 125 -69.29 4.09 -26.79
C ILE D 125 -70.25 4.61 -25.73
N THR D 126 -71.15 3.75 -25.27
CA THR D 126 -72.07 4.06 -24.19
C THR D 126 -71.78 3.18 -22.98
N VAL D 127 -72.07 3.69 -21.80
CA VAL D 127 -71.91 2.95 -20.55
C VAL D 127 -73.25 3.00 -19.82
N ASN D 128 -73.87 1.83 -19.66
CA ASN D 128 -75.19 1.70 -19.03
C ASN D 128 -76.26 2.50 -19.76
N GLY D 129 -76.05 2.81 -21.04
CA GLY D 129 -77.01 3.57 -21.80
C GLY D 129 -76.53 4.98 -22.12
N ARG D 130 -75.88 5.62 -21.16
CA ARG D 130 -75.42 6.99 -21.35
C ARG D 130 -74.10 7.00 -22.11
N ARG D 131 -73.97 7.92 -23.06
CA ARG D 131 -72.76 8.04 -23.85
C ARG D 131 -71.63 8.60 -23.00
N VAL D 132 -70.46 7.98 -23.09
CA VAL D 132 -69.26 8.41 -22.37
C VAL D 132 -68.13 8.54 -23.37
N ASP D 133 -67.43 9.68 -23.33
CA ASP D 133 -66.33 9.97 -24.24
C ASP D 133 -65.03 10.25 -23.50
N LEU D 134 -64.78 9.49 -22.45
CA LEU D 134 -63.59 9.66 -21.62
C LEU D 134 -62.81 8.36 -21.53
N PRO D 135 -61.63 8.26 -22.13
CA PRO D 135 -60.85 7.02 -22.01
C PRO D 135 -60.43 6.71 -20.59
N SER D 136 -60.23 7.74 -19.76
CA SER D 136 -59.84 7.56 -18.37
C SER D 136 -61.01 7.18 -17.46
N TYR D 137 -62.20 6.99 -18.02
CA TYR D 137 -63.35 6.59 -17.21
C TYR D 137 -63.11 5.21 -16.62
N ARG D 138 -63.45 5.06 -15.34
CA ARG D 138 -63.25 3.80 -14.63
C ARG D 138 -64.54 2.98 -14.68
N VAL D 139 -64.43 1.76 -15.21
CA VAL D 139 -65.57 0.86 -15.30
C VAL D 139 -65.69 0.09 -13.99
N ARG D 140 -66.89 0.04 -13.45
CA ARG D 140 -67.19 -0.68 -12.22
C ARG D 140 -67.78 -2.05 -12.53
N PRO D 141 -67.59 -3.02 -11.64
CA PRO D 141 -68.18 -4.35 -11.85
C PRO D 141 -69.70 -4.27 -11.93
N GLY D 142 -70.25 -4.68 -13.06
CA GLY D 142 -71.68 -4.64 -13.31
C GLY D 142 -72.10 -3.67 -14.39
N ASP D 143 -71.20 -2.81 -14.86
CA ASP D 143 -71.55 -1.83 -15.89
C ASP D 143 -71.61 -2.49 -17.25
N GLU D 144 -72.59 -2.08 -18.06
CA GLU D 144 -72.78 -2.60 -19.41
C GLU D 144 -72.19 -1.61 -20.41
N ILE D 145 -71.09 -2.00 -21.04
CA ILE D 145 -70.45 -1.18 -22.07
C ILE D 145 -71.04 -1.58 -23.41
N ALA D 146 -71.73 -0.64 -24.06
CA ALA D 146 -72.42 -0.89 -25.31
C ALA D 146 -71.90 0.03 -26.40
N VAL D 147 -72.31 -0.28 -27.62
CA VAL D 147 -71.99 0.53 -28.80
C VAL D 147 -73.15 1.46 -29.07
N ALA D 148 -72.85 2.70 -29.45
CA ALA D 148 -73.88 3.67 -29.77
C ALA D 148 -74.76 3.15 -30.90
N GLU D 149 -76.08 3.23 -30.71
CA GLU D 149 -77.01 2.76 -31.72
C GLU D 149 -76.83 3.50 -33.04
N LYS D 150 -76.42 4.76 -32.98
CA LYS D 150 -76.17 5.53 -34.19
C LYS D 150 -74.85 5.16 -34.85
N SER D 151 -73.97 4.47 -34.13
CA SER D 151 -72.67 4.06 -34.66
C SER D 151 -72.63 2.60 -35.08
N ARG D 152 -73.64 1.81 -34.73
CA ARG D 152 -73.63 0.38 -35.05
C ARG D 152 -73.70 0.12 -36.55
N ASN D 153 -73.95 1.14 -37.36
CA ASN D 153 -73.98 0.99 -38.82
C ASN D 153 -72.65 1.37 -39.47
N LEU D 154 -71.66 1.78 -38.70
CA LEU D 154 -70.37 2.15 -39.26
C LEU D 154 -69.61 0.91 -39.73
N GLU D 155 -68.68 1.13 -40.65
CA GLU D 155 -67.95 0.03 -41.27
C GLU D 155 -66.96 -0.60 -40.30
N LEU D 156 -66.25 0.22 -39.52
CA LEU D 156 -65.23 -0.31 -38.62
C LEU D 156 -65.82 -1.22 -37.56
N ILE D 157 -66.94 -0.81 -36.97
CA ILE D 157 -67.59 -1.64 -35.95
C ILE D 157 -68.11 -2.93 -36.59
N ARG D 158 -68.68 -2.83 -37.79
CA ARG D 158 -69.11 -4.02 -38.50
C ARG D 158 -67.96 -5.00 -38.66
N GLN D 159 -66.80 -4.52 -39.12
CA GLN D 159 -65.65 -5.40 -39.31
C GLN D 159 -65.19 -6.01 -38.00
N ASN D 160 -65.00 -5.17 -36.97
CA ASN D 160 -64.45 -5.65 -35.71
C ASN D 160 -65.36 -6.68 -35.06
N LEU D 161 -66.66 -6.41 -34.98
CA LEU D 161 -67.59 -7.36 -34.38
C LEU D 161 -67.99 -8.48 -35.34
N GLU D 162 -67.59 -8.39 -36.62
CA GLU D 162 -67.73 -9.52 -37.52
C GLU D 162 -66.58 -10.50 -37.36
N ALA D 163 -65.40 -9.99 -36.96
CA ALA D 163 -64.28 -10.86 -36.65
C ALA D 163 -64.37 -11.46 -35.25
N MET D 164 -65.15 -10.86 -34.35
CA MET D 164 -65.30 -11.37 -33.00
C MET D 164 -66.22 -12.57 -32.90
N LYS D 165 -66.82 -13.00 -34.00
CA LYS D 165 -67.63 -14.21 -33.99
C LYS D 165 -66.73 -15.42 -33.72
N GLY D 166 -67.05 -16.17 -32.66
CA GLY D 166 -66.28 -17.33 -32.28
C GLY D 166 -65.13 -17.05 -31.33
N ARG D 167 -64.65 -15.82 -31.28
CA ARG D 167 -63.55 -15.49 -30.37
C ARG D 167 -64.05 -15.45 -28.92
N LYS D 168 -63.14 -15.74 -28.00
CA LYS D 168 -63.43 -15.73 -26.58
C LYS D 168 -62.96 -14.43 -25.95
N VAL D 169 -63.59 -14.10 -24.82
CA VAL D 169 -63.27 -12.87 -24.09
C VAL D 169 -62.70 -13.27 -22.72
N GLY D 170 -62.09 -12.30 -22.04
CA GLY D 170 -61.50 -12.51 -20.75
C GLY D 170 -62.46 -13.06 -19.73
N PRO D 171 -61.93 -13.78 -18.73
CA PRO D 171 -62.81 -14.39 -17.72
C PRO D 171 -63.63 -13.38 -16.94
N TRP D 172 -63.17 -12.14 -16.84
CA TRP D 172 -63.88 -11.09 -16.12
C TRP D 172 -64.77 -10.25 -17.03
N LEU D 173 -65.06 -10.72 -18.24
CA LEU D 173 -65.84 -9.98 -19.21
C LEU D 173 -66.82 -10.90 -19.92
N SER D 174 -68.00 -10.36 -20.25
CA SER D 174 -68.95 -11.04 -21.10
C SER D 174 -69.24 -10.16 -22.31
N LEU D 175 -69.67 -10.79 -23.40
CA LEU D 175 -69.84 -10.09 -24.67
C LEU D 175 -71.08 -10.60 -25.39
N ASP D 176 -71.99 -9.69 -25.71
CA ASP D 176 -73.13 -9.97 -26.59
C ASP D 176 -72.81 -9.36 -27.96
N VAL D 177 -72.59 -10.23 -28.95
CA VAL D 177 -72.11 -9.78 -30.25
C VAL D 177 -73.26 -9.22 -31.09
N GLU D 178 -74.43 -9.85 -31.02
CA GLU D 178 -75.58 -9.39 -31.81
C GLU D 178 -76.02 -8.01 -31.37
N GLY D 179 -76.17 -7.80 -30.06
CA GLY D 179 -76.52 -6.50 -29.53
C GLY D 179 -75.38 -5.52 -29.47
N MET D 180 -74.16 -5.96 -29.78
CA MET D 180 -72.97 -5.12 -29.78
C MET D 180 -72.76 -4.46 -28.40
N LYS D 181 -72.66 -5.30 -27.38
CA LYS D 181 -72.47 -4.82 -26.02
C LYS D 181 -71.68 -5.85 -25.23
N GLY D 182 -71.43 -5.54 -23.97
CA GLY D 182 -70.69 -6.44 -23.10
C GLY D 182 -70.79 -5.96 -21.67
N LYS D 183 -70.38 -6.84 -20.76
CA LYS D 183 -70.44 -6.55 -19.33
C LYS D 183 -69.08 -6.77 -18.68
N PHE D 184 -68.77 -5.88 -17.74
CA PHE D 184 -67.56 -5.96 -16.92
C PHE D 184 -67.93 -6.70 -15.65
N LEU D 185 -67.56 -7.99 -15.59
CA LEU D 185 -68.07 -8.86 -14.53
C LEU D 185 -67.39 -8.56 -13.20
N ARG D 186 -66.06 -8.47 -13.18
CA ARG D 186 -65.31 -8.27 -11.95
C ARG D 186 -63.96 -7.65 -12.30
N LEU D 187 -63.19 -7.33 -11.27
CA LEU D 187 -61.82 -6.91 -11.49
C LEU D 187 -60.97 -8.13 -11.82
N PRO D 188 -60.07 -8.02 -12.80
CA PRO D 188 -59.27 -9.17 -13.20
C PRO D 188 -58.16 -9.47 -12.20
N ASP D 189 -57.93 -10.76 -11.98
CA ASP D 189 -56.83 -11.19 -11.14
C ASP D 189 -55.51 -11.13 -11.91
N ARG D 190 -54.41 -11.18 -11.17
CA ARG D 190 -53.10 -11.22 -11.81
C ARG D 190 -52.97 -12.43 -12.73
N GLU D 191 -53.51 -13.57 -12.32
CA GLU D 191 -53.49 -14.75 -13.17
C GLU D 191 -54.28 -14.53 -14.45
N ASP D 192 -55.28 -13.66 -14.42
CA ASP D 192 -56.11 -13.43 -15.61
C ASP D 192 -55.35 -12.68 -16.69
N LEU D 193 -54.38 -11.85 -16.31
CA LEU D 193 -53.62 -11.07 -17.28
C LEU D 193 -52.38 -11.82 -17.75
N ALA D 194 -52.14 -11.75 -19.06
CA ALA D 194 -50.96 -12.35 -19.68
C ALA D 194 -49.92 -11.31 -20.04
N LEU D 195 -49.77 -10.28 -19.21
CA LEU D 195 -48.86 -9.18 -19.50
C LEU D 195 -47.42 -9.63 -19.28
N PRO D 196 -46.51 -9.34 -20.21
CA PRO D 196 -45.09 -9.67 -20.04
C PRO D 196 -44.33 -8.65 -19.20
N VAL D 197 -44.88 -8.33 -18.02
CA VAL D 197 -44.34 -7.30 -17.15
C VAL D 197 -44.26 -7.83 -15.73
N ASN D 198 -43.15 -7.55 -15.05
CA ASN D 198 -43.00 -7.84 -13.63
C ASN D 198 -43.43 -6.60 -12.85
N GLU D 199 -44.56 -6.70 -12.14
CA GLU D 199 -45.10 -5.55 -11.42
C GLU D 199 -44.23 -5.18 -10.22
N GLN D 200 -43.57 -6.15 -9.60
CA GLN D 200 -42.70 -5.83 -8.46
C GLN D 200 -41.55 -4.92 -8.88
N LEU D 201 -41.08 -5.06 -10.12
CA LEU D 201 -40.05 -4.16 -10.60
C LEU D 201 -40.56 -2.73 -10.71
N VAL D 202 -41.82 -2.53 -11.09
CA VAL D 202 -42.39 -1.19 -11.16
C VAL D 202 -42.60 -0.62 -9.76
N ILE D 203 -43.06 -1.47 -8.83
CA ILE D 203 -43.20 -1.04 -7.45
C ILE D 203 -41.85 -0.60 -6.88
N GLU D 204 -40.79 -1.36 -7.18
CA GLU D 204 -39.45 -0.99 -6.75
C GLU D 204 -38.96 0.26 -7.46
N PHE D 205 -39.37 0.47 -8.71
CA PHE D 205 -38.98 1.67 -9.45
C PHE D 205 -39.56 2.91 -8.79
N TYR D 206 -40.83 2.86 -8.39
CA TYR D 206 -41.42 3.98 -7.69
C TYR D 206 -41.06 4.01 -6.20
N SER D 207 -40.43 2.95 -5.69
CA SER D 207 -39.94 2.95 -4.32
C SER D 207 -38.76 3.88 -4.13
N ARG D 208 -38.07 4.25 -5.21
CA ARG D 208 -36.90 5.11 -5.13
C ARG D 208 -37.29 6.50 -4.61
N ASP E 1 -30.60 -24.13 -11.42
CA ASP E 1 -30.66 -24.61 -10.04
C ASP E 1 -30.25 -23.51 -9.07
N PHE E 2 -29.19 -22.78 -9.41
CA PHE E 2 -28.66 -21.72 -8.56
C PHE E 2 -28.52 -20.45 -9.38
N GLU E 3 -29.14 -19.37 -8.90
CA GLU E 3 -29.03 -18.06 -9.54
C GLU E 3 -27.85 -17.30 -8.97
N GLU E 4 -27.17 -16.54 -9.82
CA GLU E 4 -25.93 -15.87 -9.44
C GLU E 4 -25.93 -14.45 -9.96
N LYS E 5 -25.60 -13.50 -9.09
CA LYS E 5 -25.53 -12.09 -9.47
C LYS E 5 -24.41 -11.41 -8.69
N MET E 6 -23.61 -10.60 -9.38
CA MET E 6 -22.51 -9.90 -8.75
C MET E 6 -22.99 -8.60 -8.12
N ILE E 7 -22.40 -8.25 -6.97
CA ILE E 7 -22.74 -7.00 -6.31
C ILE E 7 -21.96 -5.84 -6.90
N LEU E 8 -20.63 -5.91 -6.81
CA LEU E 8 -19.77 -4.87 -7.36
C LEU E 8 -18.46 -5.50 -7.78
N ILE E 9 -17.76 -4.81 -8.69
CA ILE E 9 -16.46 -5.22 -9.18
C ILE E 9 -15.53 -4.02 -9.09
N ARG E 10 -14.40 -4.19 -8.40
CA ARG E 10 -13.45 -3.11 -8.21
C ARG E 10 -12.06 -3.56 -8.61
N ARG E 11 -11.22 -2.58 -8.93
CA ARG E 11 -9.83 -2.82 -9.32
C ARG E 11 -8.92 -2.15 -8.29
N THR E 12 -8.22 -2.97 -7.50
CA THR E 12 -7.24 -2.49 -6.54
C THR E 12 -5.85 -2.50 -7.18
N ALA E 13 -4.92 -1.81 -6.53
CA ALA E 13 -3.58 -1.67 -7.09
C ALA E 13 -2.54 -1.69 -5.99
N ARG E 14 -1.49 -2.47 -6.20
CA ARG E 14 -0.29 -2.45 -5.38
C ARG E 14 0.83 -1.73 -6.12
N MET E 15 1.85 -1.32 -5.38
CA MET E 15 2.97 -0.56 -5.93
C MET E 15 4.21 -1.46 -6.01
N GLN E 16 4.80 -1.53 -7.20
CA GLN E 16 6.05 -2.25 -7.42
C GLN E 16 7.02 -1.29 -8.10
N ALA E 17 8.32 -1.56 -7.94
CA ALA E 17 9.32 -0.74 -8.60
C ALA E 17 9.09 -0.73 -10.10
N GLY E 18 8.68 0.42 -10.64
CA GLY E 18 8.35 0.55 -12.04
C GLY E 18 6.91 0.96 -12.31
N GLY E 19 5.99 0.70 -11.39
CA GLY E 19 4.62 1.10 -11.58
C GLY E 19 3.68 0.35 -10.67
N ARG E 20 2.40 0.60 -10.87
CA ARG E 20 1.36 -0.07 -10.12
C ARG E 20 0.86 -1.30 -10.87
N ARG E 21 0.52 -2.33 -10.09
CA ARG E 21 0.01 -3.58 -10.63
C ARG E 21 -1.36 -3.84 -10.04
N PHE E 22 -2.32 -4.18 -10.89
CA PHE E 22 -3.72 -4.23 -10.53
C PHE E 22 -4.15 -5.66 -10.18
N ARG E 23 -5.20 -5.74 -9.37
CA ARG E 23 -5.82 -6.98 -8.97
C ARG E 23 -7.31 -6.72 -8.79
N PHE E 24 -8.15 -7.55 -9.39
CA PHE E 24 -9.59 -7.31 -9.43
C PHE E 24 -10.30 -8.10 -8.35
N GLY E 25 -11.18 -7.43 -7.62
CA GLY E 25 -11.99 -8.06 -6.59
C GLY E 25 -13.46 -7.92 -6.92
N ALA E 26 -14.21 -9.00 -6.71
CA ALA E 26 -15.61 -9.05 -7.09
C ALA E 26 -16.44 -9.75 -6.02
N LEU E 27 -17.58 -9.15 -5.70
CA LEU E 27 -18.57 -9.77 -4.82
C LEU E 27 -19.62 -10.48 -5.67
N VAL E 28 -20.06 -11.64 -5.19
CA VAL E 28 -21.03 -12.47 -5.91
C VAL E 28 -21.99 -13.08 -4.90
N VAL E 29 -23.28 -12.96 -5.14
CA VAL E 29 -24.32 -13.62 -4.37
C VAL E 29 -24.90 -14.74 -5.22
N VAL E 30 -25.19 -15.87 -4.57
CA VAL E 30 -25.82 -17.02 -5.21
C VAL E 30 -26.98 -17.46 -4.34
N GLY E 31 -28.11 -17.75 -4.97
CA GLY E 31 -29.30 -18.15 -4.23
C GLY E 31 -30.25 -18.93 -5.09
N ASP E 32 -31.03 -19.80 -4.43
CA ASP E 32 -32.07 -20.57 -5.08
C ASP E 32 -33.45 -19.96 -4.90
N ARG E 33 -33.54 -18.82 -4.21
CA ARG E 33 -34.79 -18.13 -3.88
C ARG E 33 -35.73 -19.00 -3.05
N GLN E 34 -35.24 -20.10 -2.48
CA GLN E 34 -36.04 -20.97 -1.64
C GLN E 34 -35.78 -20.74 -0.15
N GLY E 35 -34.72 -20.02 0.21
CA GLY E 35 -34.38 -19.80 1.60
C GLY E 35 -32.91 -20.03 1.87
N ARG E 36 -32.13 -20.25 0.82
CA ARG E 36 -30.69 -20.47 0.93
C ARG E 36 -29.96 -19.40 0.14
N VAL E 37 -28.98 -18.77 0.78
CA VAL E 37 -28.17 -17.74 0.13
C VAL E 37 -26.70 -18.07 0.31
N GLY E 38 -25.86 -17.35 -0.43
CA GLY E 38 -24.42 -17.49 -0.33
C GLY E 38 -23.72 -16.26 -0.86
N LEU E 39 -22.69 -15.81 -0.14
CA LEU E 39 -21.97 -14.58 -0.47
C LEU E 39 -20.49 -14.89 -0.56
N GLY E 40 -19.86 -14.45 -1.63
CA GLY E 40 -18.45 -14.72 -1.84
C GLY E 40 -17.73 -13.52 -2.43
N PHE E 41 -16.47 -13.37 -2.02
CA PHE E 41 -15.63 -12.27 -2.48
C PHE E 41 -14.35 -12.87 -3.05
N GLY E 42 -14.17 -12.73 -4.36
CA GLY E 42 -13.04 -13.34 -5.07
C GLY E 42 -12.07 -12.29 -5.57
N LYS E 43 -10.78 -12.62 -5.52
CA LYS E 43 -9.72 -11.75 -6.00
C LYS E 43 -8.89 -12.50 -7.02
N ALA E 44 -8.67 -11.89 -8.18
CA ALA E 44 -7.91 -12.53 -9.25
C ALA E 44 -7.28 -11.45 -10.11
N PRO E 45 -6.18 -11.76 -10.80
CA PRO E 45 -5.57 -10.75 -11.68
C PRO E 45 -6.48 -10.26 -12.80
N GLU E 46 -7.47 -11.06 -13.20
CA GLU E 46 -8.43 -10.66 -14.21
C GLU E 46 -9.84 -10.73 -13.65
N VAL E 47 -10.76 -10.07 -14.35
CA VAL E 47 -12.14 -9.93 -13.88
C VAL E 47 -12.91 -11.25 -13.94
N PRO E 48 -12.94 -11.97 -15.06
CA PRO E 48 -13.77 -13.19 -15.11
C PRO E 48 -13.32 -14.26 -14.12
N LEU E 49 -12.01 -14.43 -13.95
CA LEU E 49 -11.53 -15.37 -12.95
C LEU E 49 -11.97 -14.96 -11.55
N ALA E 50 -11.97 -13.65 -11.27
CA ALA E 50 -12.42 -13.17 -9.97
C ALA E 50 -13.91 -13.44 -9.77
N VAL E 51 -14.71 -13.25 -10.82
CA VAL E 51 -16.15 -13.51 -10.71
C VAL E 51 -16.41 -14.99 -10.45
N GLN E 52 -15.71 -15.86 -11.20
CA GLN E 52 -15.88 -17.30 -11.00
C GLN E 52 -15.43 -17.73 -9.61
N LYS E 53 -14.32 -17.16 -9.13
CA LYS E 53 -13.81 -17.51 -7.81
C LYS E 53 -14.75 -17.03 -6.72
N ALA E 54 -15.32 -15.84 -6.88
CA ALA E 54 -16.31 -15.35 -5.93
C ALA E 54 -17.56 -16.22 -5.95
N GLY E 55 -17.94 -16.73 -7.12
CA GLY E 55 -19.06 -17.67 -7.16
C GLY E 55 -18.77 -18.96 -6.41
N TYR E 56 -17.56 -19.49 -6.59
CA TYR E 56 -17.17 -20.68 -5.85
C TYR E 56 -17.21 -20.44 -4.34
N TYR E 57 -16.61 -19.33 -3.89
CA TYR E 57 -16.62 -19.02 -2.46
C TYR E 57 -18.04 -18.77 -1.94
N ALA E 58 -18.90 -18.20 -2.78
CA ALA E 58 -20.28 -17.94 -2.35
C ALA E 58 -21.05 -19.25 -2.20
N ARG E 59 -20.83 -20.19 -3.11
CA ARG E 59 -21.45 -21.51 -2.95
C ARG E 59 -20.89 -22.25 -1.75
N ARG E 60 -19.63 -21.97 -1.38
CA ARG E 60 -19.04 -22.64 -0.23
C ARG E 60 -19.56 -22.09 1.09
N ASN E 61 -19.99 -20.83 1.12
CA ASN E 61 -20.49 -20.18 2.34
C ASN E 61 -21.99 -19.95 2.16
N MET E 62 -22.80 -20.83 2.73
CA MET E 62 -24.25 -20.76 2.59
C MET E 62 -24.91 -20.39 3.91
N VAL E 63 -26.12 -19.85 3.79
CA VAL E 63 -26.94 -19.43 4.93
C VAL E 63 -28.38 -19.85 4.67
N GLU E 64 -28.97 -20.55 5.64
CA GLU E 64 -30.36 -20.98 5.58
C GLU E 64 -31.24 -19.89 6.18
N VAL E 65 -32.13 -19.34 5.36
CA VAL E 65 -32.98 -18.22 5.76
C VAL E 65 -34.36 -18.76 6.12
N PRO E 66 -34.85 -18.50 7.34
CA PRO E 66 -36.23 -18.92 7.72
C PRO E 66 -37.29 -17.94 7.26
N LEU E 67 -37.71 -18.11 6.00
CA LEU E 67 -38.75 -17.26 5.45
C LEU E 67 -40.12 -17.60 6.03
N GLN E 68 -40.99 -16.59 6.11
CA GLN E 68 -42.37 -16.76 6.56
C GLN E 68 -43.25 -15.92 5.66
N ASN E 69 -43.86 -16.55 4.66
CA ASN E 69 -44.70 -15.87 3.67
C ASN E 69 -43.91 -14.79 2.93
N GLY E 70 -42.70 -15.16 2.49
CA GLY E 70 -41.88 -14.28 1.70
C GLY E 70 -41.24 -13.12 2.43
N THR E 71 -41.42 -13.02 3.75
CA THR E 71 -40.83 -11.95 4.53
C THR E 71 -40.02 -12.54 5.68
N ILE E 72 -39.41 -11.65 6.46
CA ILE E 72 -38.54 -12.03 7.57
C ILE E 72 -39.40 -12.26 8.81
N PRO E 73 -38.98 -13.13 9.74
CA PRO E 73 -39.82 -13.40 10.92
C PRO E 73 -39.77 -12.29 11.97
N HIS E 74 -38.62 -11.63 12.13
CA HIS E 74 -38.50 -10.61 13.16
C HIS E 74 -37.42 -9.61 12.76
N GLU E 75 -37.60 -8.36 13.20
CA GLU E 75 -36.67 -7.30 12.86
C GLU E 75 -35.31 -7.55 13.50
N ILE E 76 -34.25 -7.27 12.74
CA ILE E 76 -32.89 -7.46 13.22
C ILE E 76 -32.08 -6.19 12.99
N GLU E 77 -31.01 -6.05 13.75
CA GLU E 77 -30.11 -4.91 13.67
C GLU E 77 -28.69 -5.42 13.88
N VAL E 78 -27.85 -5.29 12.85
CA VAL E 78 -26.53 -5.91 12.84
C VAL E 78 -25.47 -4.83 12.63
N GLU E 79 -24.43 -4.86 13.46
CA GLU E 79 -23.26 -4.00 13.32
C GLU E 79 -22.08 -4.84 12.87
N PHE E 80 -21.71 -4.71 11.60
CA PHE E 80 -20.49 -5.30 11.07
C PHE E 80 -19.49 -4.15 10.85
N GLY E 81 -18.44 -4.12 11.66
CA GLY E 81 -17.51 -3.00 11.60
C GLY E 81 -18.23 -1.72 11.96
N ALA E 82 -18.10 -0.71 11.11
CA ALA E 82 -18.83 0.54 11.25
C ALA E 82 -20.12 0.55 10.46
N SER E 83 -20.40 -0.50 9.69
CA SER E 83 -21.63 -0.59 8.91
C SER E 83 -22.74 -1.21 9.75
N LYS E 84 -23.95 -0.70 9.59
CA LYS E 84 -25.11 -1.19 10.32
C LYS E 84 -26.22 -1.51 9.32
N ILE E 85 -26.89 -2.63 9.55
CA ILE E 85 -28.01 -3.05 8.73
C ILE E 85 -29.23 -3.19 9.64
N VAL E 86 -30.37 -2.70 9.17
CA VAL E 86 -31.62 -2.76 9.90
C VAL E 86 -32.64 -3.45 9.01
N LEU E 87 -33.07 -4.65 9.40
CA LEU E 87 -34.07 -5.41 8.68
C LEU E 87 -35.37 -5.45 9.47
N LYS E 88 -36.49 -5.41 8.76
CA LYS E 88 -37.80 -5.37 9.40
C LYS E 88 -38.80 -6.06 8.48
N PRO E 89 -39.61 -6.96 8.99
CA PRO E 89 -40.60 -7.64 8.15
C PRO E 89 -41.64 -6.68 7.63
N ALA E 90 -42.26 -7.07 6.51
CA ALA E 90 -43.27 -6.24 5.86
C ALA E 90 -44.40 -7.14 5.38
N ALA E 91 -45.57 -6.55 5.22
CA ALA E 91 -46.73 -7.26 4.69
C ALA E 91 -46.60 -7.44 3.18
N PRO E 92 -47.14 -8.53 2.63
CA PRO E 92 -47.06 -8.75 1.19
C PRO E 92 -47.69 -7.61 0.41
N GLY E 93 -47.20 -7.42 -0.82
CA GLY E 93 -47.58 -6.29 -1.63
C GLY E 93 -46.71 -5.06 -1.47
N THR E 94 -45.70 -5.13 -0.60
CA THR E 94 -44.81 -4.01 -0.34
C THR E 94 -43.62 -3.98 -1.30
N GLY E 95 -42.91 -5.09 -1.41
CA GLY E 95 -41.71 -5.16 -2.21
C GLY E 95 -40.45 -5.01 -1.38
N VAL E 96 -39.33 -5.44 -1.96
CA VAL E 96 -38.04 -5.36 -1.29
C VAL E 96 -37.53 -3.93 -1.40
N ILE E 97 -37.49 -3.22 -0.27
CA ILE E 97 -37.05 -1.83 -0.21
C ILE E 97 -35.69 -1.83 0.48
N ALA E 98 -34.62 -1.71 -0.29
CA ALA E 98 -33.26 -1.83 0.23
C ALA E 98 -32.29 -1.20 -0.76
N GLY E 99 -31.06 -1.01 -0.29
CA GLY E 99 -29.98 -0.59 -1.18
C GLY E 99 -29.65 -1.70 -2.17
N ALA E 100 -28.73 -1.46 -3.10
CA ALA E 100 -28.46 -2.47 -4.12
C ALA E 100 -28.00 -3.79 -3.49
N VAL E 101 -27.04 -3.72 -2.58
CA VAL E 101 -26.44 -4.91 -1.96
C VAL E 101 -27.49 -5.71 -1.19
N PRO E 102 -28.18 -5.13 -0.21
CA PRO E 102 -29.17 -5.94 0.52
C PRO E 102 -30.34 -6.37 -0.34
N ARG E 103 -30.76 -5.56 -1.31
CA ARG E 103 -31.81 -5.99 -2.22
C ARG E 103 -31.40 -7.26 -2.96
N ALA E 104 -30.19 -7.26 -3.54
CA ALA E 104 -29.74 -8.45 -4.25
C ALA E 104 -29.64 -9.65 -3.32
N ILE E 105 -29.05 -9.45 -2.13
CA ILE E 105 -28.87 -10.56 -1.20
C ILE E 105 -30.21 -11.17 -0.80
N LEU E 106 -31.18 -10.32 -0.45
CA LEU E 106 -32.45 -10.82 0.03
C LEU E 106 -33.31 -11.37 -1.11
N GLU E 107 -33.24 -10.78 -2.29
CA GLU E 107 -33.98 -11.31 -3.44
C GLU E 107 -33.47 -12.69 -3.82
N LEU E 108 -32.16 -12.89 -3.81
CA LEU E 108 -31.63 -14.22 -4.11
C LEU E 108 -31.93 -15.21 -2.98
N ALA E 109 -32.28 -14.72 -1.79
CA ALA E 109 -32.68 -15.60 -0.70
C ALA E 109 -34.14 -16.01 -0.78
N GLY E 110 -34.94 -15.37 -1.63
CA GLY E 110 -36.35 -15.65 -1.72
C GLY E 110 -37.26 -14.71 -0.97
N VAL E 111 -36.80 -13.50 -0.68
CA VAL E 111 -37.61 -12.51 0.02
C VAL E 111 -38.34 -11.65 -1.01
N THR E 112 -39.60 -11.35 -0.73
CA THR E 112 -40.42 -10.56 -1.64
C THR E 112 -40.79 -9.19 -1.08
N ASP E 113 -41.00 -9.08 0.24
CA ASP E 113 -41.38 -7.82 0.87
C ASP E 113 -40.66 -7.69 2.19
N ILE E 114 -39.81 -6.67 2.32
CA ILE E 114 -39.05 -6.43 3.54
C ILE E 114 -38.62 -4.97 3.53
N LEU E 115 -38.39 -4.42 4.72
CA LEU E 115 -37.99 -3.02 4.88
C LEU E 115 -36.62 -2.98 5.52
N THR E 116 -35.64 -2.41 4.82
CA THR E 116 -34.28 -2.36 5.31
C THR E 116 -33.79 -0.92 5.38
N LYS E 117 -32.66 -0.75 6.05
CA LYS E 117 -32.00 0.55 6.14
C LYS E 117 -30.53 0.34 6.47
N GLU E 118 -29.66 0.93 5.65
CA GLU E 118 -28.22 0.93 5.92
C GLU E 118 -27.86 2.17 6.73
N LEU E 119 -27.04 1.97 7.76
CA LEU E 119 -26.64 3.03 8.66
C LEU E 119 -25.12 2.99 8.85
N GLY E 120 -24.59 4.11 9.32
CA GLY E 120 -23.15 4.22 9.52
C GLY E 120 -22.40 4.19 8.22
N SER E 121 -21.51 3.21 8.06
CA SER E 121 -20.73 3.09 6.85
C SER E 121 -21.55 2.43 5.75
N ARG E 122 -21.56 3.04 4.57
CA ARG E 122 -22.28 2.52 3.41
C ARG E 122 -21.45 1.53 2.60
N ASN E 123 -20.33 1.07 3.14
CA ASN E 123 -19.40 0.22 2.39
C ASN E 123 -20.10 -1.03 1.90
N PRO E 124 -20.12 -1.31 0.60
CA PRO E 124 -20.86 -2.48 0.09
C PRO E 124 -20.35 -3.80 0.67
N ILE E 125 -19.05 -3.92 0.93
CA ILE E 125 -18.51 -5.16 1.48
C ILE E 125 -19.02 -5.37 2.90
N ASN E 126 -18.87 -4.37 3.76
CA ASN E 126 -19.33 -4.50 5.13
C ASN E 126 -20.85 -4.59 5.20
N ILE E 127 -21.56 -3.93 4.29
CA ILE E 127 -23.02 -4.05 4.26
C ILE E 127 -23.44 -5.46 3.86
N ALA E 128 -22.75 -6.04 2.86
CA ALA E 128 -23.03 -7.42 2.48
C ALA E 128 -22.78 -8.37 3.64
N TYR E 129 -21.65 -8.21 4.32
CA TYR E 129 -21.35 -9.09 5.46
C TYR E 129 -22.36 -8.88 6.60
N ALA E 130 -22.79 -7.64 6.80
CA ALA E 130 -23.79 -7.37 7.84
C ALA E 130 -25.12 -8.03 7.50
N THR E 131 -25.53 -7.99 6.23
CA THR E 131 -26.77 -8.64 5.83
C THR E 131 -26.66 -10.15 5.94
N MET E 132 -25.49 -10.71 5.61
CA MET E 132 -25.30 -12.15 5.76
C MET E 132 -25.38 -12.57 7.23
N GLU E 133 -24.72 -11.82 8.11
CA GLU E 133 -24.81 -12.13 9.54
C GLU E 133 -26.21 -11.88 10.09
N ALA E 134 -26.94 -10.93 9.52
CA ALA E 134 -28.32 -10.71 9.92
C ALA E 134 -29.19 -11.91 9.57
N LEU E 135 -29.07 -12.40 8.34
CA LEU E 135 -29.81 -13.60 7.95
C LEU E 135 -29.35 -14.82 8.75
N ARG E 136 -28.09 -14.84 9.18
CA ARG E 136 -27.58 -15.93 9.99
C ARG E 136 -28.05 -15.84 11.44
N GLN E 137 -28.45 -14.66 11.90
CA GLN E 137 -28.97 -14.49 13.26
C GLN E 137 -30.48 -14.57 13.33
N LEU E 138 -31.14 -15.03 12.27
CA LEU E 138 -32.59 -15.14 12.28
C LEU E 138 -33.03 -16.42 12.97
N ARG E 139 -34.10 -16.32 13.75
CA ARG E 139 -34.67 -17.46 14.47
C ARG E 139 -36.17 -17.50 14.22
N THR E 140 -36.72 -18.70 14.33
CA THR E 140 -38.15 -18.93 14.20
C THR E 140 -38.74 -19.25 15.56
N LYS E 141 -40.06 -19.05 15.69
CA LYS E 141 -40.76 -19.40 16.92
C LYS E 141 -40.50 -20.85 17.31
N ALA E 142 -40.40 -21.74 16.32
CA ALA E 142 -40.05 -23.13 16.58
C ALA E 142 -38.66 -23.22 17.21
N ASP E 143 -37.68 -22.51 16.66
CA ASP E 143 -36.34 -22.51 17.22
C ASP E 143 -36.33 -21.89 18.62
N VAL E 144 -37.11 -20.84 18.82
CA VAL E 144 -37.18 -20.17 20.11
C VAL E 144 -37.68 -21.15 21.18
N GLU E 145 -38.83 -21.80 20.92
CA GLU E 145 -39.34 -22.76 21.88
C GLU E 145 -38.43 -23.99 21.99
N ARG E 146 -37.66 -24.28 20.94
CA ARG E 146 -36.70 -25.37 21.01
C ARG E 146 -35.59 -25.05 22.01
N LEU E 147 -35.17 -23.79 22.07
CA LEU E 147 -34.13 -23.40 23.02
C LEU E 147 -34.65 -23.39 24.45
N ARG E 148 -35.91 -22.99 24.64
CA ARG E 148 -36.48 -22.83 25.97
C ARG E 148 -37.23 -24.08 26.45
N LYS E 149 -36.90 -25.25 25.91
CA LYS E 149 -37.52 -26.48 26.37
C LYS E 149 -37.18 -26.76 27.84
N GLY E 150 -35.89 -26.97 28.13
CA GLY E 150 -35.44 -27.21 29.48
C GLY E 150 -35.96 -28.50 30.10
N GLU E 151 -35.85 -29.59 29.35
N MET F 1 7.67 13.84 75.06
CA MET F 1 8.66 12.98 75.66
C MET F 1 8.96 11.77 74.78
N ARG F 2 9.90 11.94 73.85
CA ARG F 2 10.31 10.86 72.97
C ARG F 2 11.74 10.45 73.26
N ARG F 3 12.11 9.28 72.75
CA ARG F 3 13.43 8.69 72.95
C ARG F 3 14.31 9.00 71.75
N TYR F 4 15.48 9.57 72.01
CA TYR F 4 16.41 10.00 70.98
C TYR F 4 17.80 9.41 71.26
N GLU F 5 18.70 9.61 70.30
CA GLU F 5 20.09 9.21 70.41
C GLU F 5 20.95 10.36 69.90
N VAL F 6 21.93 10.75 70.71
CA VAL F 6 22.81 11.88 70.42
C VAL F 6 24.21 11.34 70.17
N ASN F 7 24.77 11.69 69.01
CA ASN F 7 26.15 11.39 68.66
C ASN F 7 26.94 12.70 68.67
N ILE F 8 28.03 12.73 69.44
CA ILE F 8 28.86 13.91 69.59
C ILE F 8 30.30 13.52 69.26
N VAL F 9 30.83 14.09 68.19
CA VAL F 9 32.22 13.90 67.80
C VAL F 9 32.96 15.19 68.09
N LEU F 10 33.98 15.12 68.94
CA LEU F 10 34.73 16.29 69.36
C LEU F 10 36.23 16.04 69.18
N ASN F 11 37.01 17.05 69.58
CA ASN F 11 38.44 17.09 69.33
C ASN F 11 39.15 15.96 70.08
N PRO F 12 39.87 15.08 69.37
CA PRO F 12 40.61 14.01 70.05
C PRO F 12 41.89 14.48 70.75
N ASN F 13 42.31 15.73 70.52
CA ASN F 13 43.54 16.24 71.10
C ASN F 13 43.35 16.84 72.49
N LEU F 14 42.13 16.81 73.02
CA LEU F 14 41.87 17.40 74.33
C LEU F 14 42.50 16.56 75.44
N ASP F 15 43.02 17.24 76.45
CA ASP F 15 43.48 16.55 77.65
C ASP F 15 42.29 16.21 78.53
N GLN F 16 42.56 15.56 79.66
CA GLN F 16 41.47 15.07 80.50
C GLN F 16 40.69 16.22 81.13
N SER F 17 41.35 17.33 81.44
CA SER F 17 40.65 18.46 82.05
C SER F 17 39.71 19.14 81.07
N GLN F 18 40.20 19.44 79.86
CA GLN F 18 39.36 20.07 78.85
C GLN F 18 38.24 19.15 78.41
N LEU F 19 38.53 17.84 78.28
CA LEU F 19 37.49 16.88 77.95
C LEU F 19 36.45 16.78 79.05
N ALA F 20 36.88 16.81 80.31
CA ALA F 20 35.94 16.80 81.42
C ALA F 20 35.08 18.05 81.42
N LEU F 21 35.66 19.20 81.06
CA LEU F 21 34.87 20.42 80.98
C LEU F 21 33.85 20.35 79.84
N GLU F 22 34.25 19.81 78.69
CA GLU F 22 33.32 19.65 77.58
C GLU F 22 32.16 18.74 77.97
N LYS F 23 32.45 17.61 78.61
CA LYS F 23 31.39 16.70 79.03
C LYS F 23 30.53 17.33 80.13
N GLU F 24 31.13 18.15 81.00
CA GLU F 24 30.35 18.88 82.00
C GLU F 24 29.37 19.82 81.33
N ILE F 25 29.81 20.53 80.29
CA ILE F 25 28.91 21.42 79.57
C ILE F 25 27.83 20.64 78.86
N ILE F 26 28.16 19.45 78.34
CA ILE F 26 27.17 18.60 77.69
C ILE F 26 26.09 18.18 78.69
N GLN F 27 26.52 17.69 79.86
CA GLN F 27 25.57 17.28 80.89
C GLN F 27 24.72 18.46 81.36
N ARG F 28 25.34 19.63 81.50
CA ARG F 28 24.61 20.81 81.95
C ARG F 28 23.56 21.23 80.94
N ALA F 29 23.92 21.21 79.65
CA ALA F 29 22.95 21.55 78.61
C ALA F 29 21.84 20.51 78.51
N LEU F 30 22.16 19.24 78.75
CA LEU F 30 21.12 18.21 78.76
C LEU F 30 20.16 18.41 79.93
N GLU F 31 20.68 18.81 81.09
CA GLU F 31 19.80 19.12 82.21
C GLU F 31 18.97 20.36 81.93
N ASN F 32 19.54 21.35 81.24
CA ASN F 32 18.83 22.60 81.00
C ASN F 32 17.65 22.42 80.03
N TYR F 33 17.65 21.36 79.22
CA TYR F 33 16.56 21.09 78.30
C TYR F 33 15.72 19.90 78.74
N GLY F 34 15.94 19.38 79.95
CA GLY F 34 15.15 18.27 80.47
C GLY F 34 15.26 17.00 79.66
N ALA F 35 16.47 16.48 79.53
CA ALA F 35 16.73 15.26 78.75
C ALA F 35 17.22 14.17 79.71
N ARG F 36 16.31 13.28 80.10
CA ARG F 36 16.69 12.16 80.94
C ARG F 36 17.57 11.19 80.17
N VAL F 37 18.65 10.74 80.80
CA VAL F 37 19.63 9.87 80.16
C VAL F 37 19.32 8.42 80.54
N GLU F 38 19.12 7.56 79.55
CA GLU F 38 18.86 6.15 79.82
C GLU F 38 20.14 5.32 79.83
N LYS F 39 21.08 5.62 78.94
CA LYS F 39 22.38 4.96 78.95
C LYS F 39 23.37 5.81 78.18
N VAL F 40 24.65 5.43 78.26
CA VAL F 40 25.72 6.15 77.61
C VAL F 40 26.76 5.15 77.14
N GLU F 41 27.41 5.47 76.01
CA GLU F 41 28.51 4.65 75.48
C GLU F 41 29.60 5.59 74.99
N GLU F 42 30.73 5.60 75.68
CA GLU F 42 31.88 6.43 75.32
C GLU F 42 32.89 5.57 74.58
N LEU F 43 32.98 5.74 73.27
CA LEU F 43 33.87 4.94 72.44
C LEU F 43 35.27 5.51 72.34
N GLY F 44 35.50 6.74 72.79
CA GLY F 44 36.83 7.31 72.74
C GLY F 44 37.21 7.78 71.34
N LEU F 45 38.52 7.91 71.14
CA LEU F 45 39.04 8.35 69.85
C LEU F 45 38.99 7.21 68.84
N ARG F 46 38.63 7.56 67.59
CA ARG F 46 38.58 6.58 66.52
C ARG F 46 39.03 7.24 65.23
N ARG F 47 39.38 6.39 64.26
CA ARG F 47 39.92 6.82 62.98
C ARG F 47 38.78 7.19 62.03
N LEU F 48 38.73 8.45 61.62
CA LEU F 48 37.71 8.89 60.70
C LEU F 48 38.01 8.41 59.29
N ALA F 49 36.97 8.38 58.45
CA ALA F 49 37.14 8.02 57.05
C ALA F 49 37.59 9.20 56.21
N TYR F 50 37.41 10.43 56.69
CA TYR F 50 37.87 11.63 56.02
C TYR F 50 38.19 12.66 57.09
N PRO F 51 39.15 13.55 56.83
CA PRO F 51 39.55 14.52 57.88
C PRO F 51 38.42 15.48 58.21
N ILE F 52 38.17 15.66 59.50
CA ILE F 52 37.20 16.60 60.02
C ILE F 52 37.93 17.62 60.87
N ALA F 53 37.76 18.91 60.56
CA ALA F 53 38.47 19.99 61.22
C ALA F 53 39.99 19.79 61.14
N LYS F 54 40.44 19.36 59.96
CA LYS F 54 41.85 19.11 59.64
C LYS F 54 42.47 18.01 60.49
N ASP F 55 41.66 17.21 61.17
CA ASP F 55 42.14 16.17 62.05
C ASP F 55 41.66 14.81 61.57
N PRO F 56 42.55 13.82 61.40
CA PRO F 56 42.15 12.53 60.85
C PRO F 56 41.45 11.60 61.84
N GLN F 57 41.27 12.01 63.10
CA GLN F 57 40.61 11.21 64.11
C GLN F 57 39.53 12.03 64.80
N GLY F 58 38.73 11.36 65.61
CA GLY F 58 37.69 12.04 66.36
C GLY F 58 37.26 11.31 67.61
N TYR F 59 36.93 12.04 68.68
CA TYR F 59 36.50 11.43 69.94
C TYR F 59 34.98 11.36 69.95
N PHE F 60 34.44 10.15 70.13
CA PHE F 60 33.03 9.88 69.96
C PHE F 60 32.32 9.74 71.31
N LEU F 61 31.08 10.21 71.35
CA LEU F 61 30.22 10.08 72.51
C LEU F 61 28.80 9.77 72.03
N TRP F 62 28.10 8.92 72.77
CA TRP F 62 26.75 8.51 72.38
C TRP F 62 25.86 8.50 73.62
N TYR F 63 24.66 9.06 73.48
CA TYR F 63 23.73 9.18 74.59
C TYR F 63 22.33 8.80 74.12
N GLN F 64 21.78 7.72 74.66
CA GLN F 64 20.36 7.41 74.48
C GLN F 64 19.60 8.15 75.56
N VAL F 65 18.70 9.06 75.14
CA VAL F 65 18.02 9.96 76.06
C VAL F 65 16.52 9.94 75.76
N GLU F 66 15.78 10.65 76.61
CA GLU F 66 14.35 10.87 76.45
C GLU F 66 14.06 12.31 76.86
N MET F 67 13.40 13.05 75.98
CA MET F 67 13.23 14.49 76.21
C MET F 67 11.98 14.96 75.47
N PRO F 68 11.48 16.15 75.81
CA PRO F 68 10.37 16.72 75.03
C PRO F 68 10.83 17.05 73.62
N GLU F 69 9.96 16.75 72.65
CA GLU F 69 10.32 16.90 71.25
C GLU F 69 10.47 18.37 70.86
N ASP F 70 9.62 19.23 71.40
CA ASP F 70 9.52 20.61 70.94
C ASP F 70 10.83 21.38 71.05
N ARG F 71 11.76 20.94 71.90
CA ARG F 71 13.03 21.63 72.07
C ARG F 71 14.22 20.85 71.54
N VAL F 72 14.00 19.69 70.93
CA VAL F 72 15.11 18.84 70.47
C VAL F 72 16.04 19.65 69.56
N ASN F 73 15.49 20.20 68.49
CA ASN F 73 16.27 21.09 67.62
C ASN F 73 16.91 22.21 68.44
N ASP F 74 16.13 22.85 69.31
CA ASP F 74 16.65 23.94 70.13
C ASP F 74 17.79 23.48 71.03
N LEU F 75 17.84 22.19 71.36
CA LEU F 75 18.97 21.67 72.11
C LEU F 75 20.21 21.51 71.24
N ALA F 76 20.03 21.00 70.01
CA ALA F 76 21.17 20.69 69.16
C ALA F 76 22.04 21.92 68.92
N ARG F 77 21.40 23.07 68.64
CA ARG F 77 22.13 24.32 68.47
C ARG F 77 23.06 24.58 69.65
N GLU F 78 22.53 24.42 70.87
CA GLU F 78 23.34 24.68 72.06
C GLU F 78 24.59 23.80 72.10
N LEU F 79 24.52 22.59 71.56
CA LEU F 79 25.67 21.71 71.57
C LEU F 79 26.69 22.05 70.50
N ARG F 80 26.31 22.85 69.49
CA ARG F 80 27.21 23.19 68.40
C ARG F 80 28.02 24.46 68.68
N ILE F 81 27.79 25.12 69.81
CA ILE F 81 28.48 26.37 70.10
C ILE F 81 29.94 26.12 70.45
N ARG F 82 30.22 25.06 71.21
CA ARG F 82 31.58 24.75 71.61
C ARG F 82 32.45 24.45 70.38
N ASP F 83 33.58 25.16 70.27
CA ASP F 83 34.48 24.93 69.15
C ASP F 83 35.08 23.53 69.19
N ASN F 84 35.27 22.96 70.39
CA ASN F 84 35.81 21.61 70.48
C ASN F 84 34.82 20.58 69.93
N VAL F 85 33.53 20.87 69.99
CA VAL F 85 32.51 19.98 69.45
C VAL F 85 32.37 20.26 67.96
N ARG F 86 32.67 19.26 67.13
CA ARG F 86 32.71 19.43 65.69
C ARG F 86 31.63 18.64 64.95
N ARG F 87 30.97 17.68 65.60
CA ARG F 87 29.88 16.95 64.97
C ARG F 87 28.80 16.64 66.00
N VAL F 88 27.55 16.96 65.68
CA VAL F 88 26.41 16.64 66.52
C VAL F 88 25.31 16.08 65.63
N MET F 89 24.88 14.85 65.90
CA MET F 89 23.82 14.22 65.14
C MET F 89 22.80 13.63 66.11
N VAL F 90 21.58 14.15 66.09
CA VAL F 90 20.49 13.65 66.91
C VAL F 90 19.55 12.84 66.01
N VAL F 91 19.21 11.64 66.44
CA VAL F 91 18.40 10.71 65.65
C VAL F 91 17.34 10.09 66.55
N LYS F 92 16.08 10.12 66.10
CA LYS F 92 15.02 9.45 66.84
C LYS F 92 15.32 7.96 66.96
N SER F 93 15.17 7.43 68.17
CA SER F 93 15.46 6.02 68.41
C SER F 93 14.49 5.14 67.63
N GLN F 94 15.02 4.06 67.07
CA GLN F 94 14.24 3.11 66.28
C GLN F 94 14.60 1.69 66.70
N GLU F 95 13.61 0.81 66.62
CA GLU F 95 13.86 -0.60 66.92
C GLU F 95 14.79 -1.20 65.86
N PRO F 96 15.73 -2.05 66.25
CA PRO F 96 16.69 -2.57 65.27
C PRO F 96 16.03 -3.44 64.23
N PHE F 97 16.49 -3.29 62.99
CA PHE F 97 15.99 -4.09 61.86
C PHE F 97 17.09 -5.09 61.49
N LEU F 98 16.91 -6.33 61.93
CA LEU F 98 17.92 -7.37 61.69
C LEU F 98 17.71 -8.00 60.32
N ALA F 99 18.81 -8.31 59.66
CA ALA F 99 18.80 -8.97 58.37
C ALA F 99 19.55 -10.30 58.45
N ASN F 100 19.22 -11.20 57.51
CA ASN F 100 19.82 -12.53 57.46
C ASN F 100 19.58 -13.28 58.78
N ALA F 101 18.34 -13.26 59.23
CA ALA F 101 17.97 -13.90 60.48
C ALA F 101 17.31 -15.26 60.24
N ALA G 1 39.15 -7.48 -5.03
CA ALA G 1 38.61 -8.79 -4.66
C ALA G 1 37.72 -8.66 -3.42
N ARG G 2 36.41 -8.82 -3.62
CA ARG G 2 35.44 -8.69 -2.55
C ARG G 2 35.04 -10.05 -1.97
N ARG G 3 34.68 -11.01 -2.82
CA ARG G 3 34.18 -12.28 -2.34
C ARG G 3 35.31 -13.17 -1.83
N ARG G 4 36.34 -13.38 -2.64
CA ARG G 4 37.44 -14.27 -2.32
C ARG G 4 38.59 -13.49 -1.69
N ARG G 5 39.72 -14.18 -1.49
CA ARG G 5 40.92 -13.59 -0.92
C ARG G 5 41.99 -13.28 -1.97
N ALA G 6 41.75 -13.64 -3.23
CA ALA G 6 42.66 -13.32 -4.34
C ALA G 6 44.05 -13.91 -4.11
N GLU G 7 44.10 -15.23 -4.14
CA GLU G 7 45.36 -15.96 -3.98
C GLU G 7 46.40 -15.45 -4.96
N VAL G 8 47.66 -15.60 -4.60
CA VAL G 8 48.79 -15.02 -5.33
C VAL G 8 49.22 -15.98 -6.44
N ARG G 9 49.62 -15.41 -7.57
CA ARG G 9 50.13 -16.21 -8.67
C ARG G 9 51.51 -16.76 -8.34
N GLN G 10 51.74 -18.02 -8.67
CA GLN G 10 53.04 -18.65 -8.52
C GLN G 10 53.80 -18.55 -9.83
N LEU G 11 54.98 -17.96 -9.80
CA LEU G 11 55.77 -17.71 -11.00
C LEU G 11 56.70 -18.88 -11.28
N GLN G 12 56.97 -19.10 -12.56
CA GLN G 12 57.92 -20.12 -12.95
C GLN G 12 59.32 -19.75 -12.47
N PRO G 13 60.13 -20.72 -12.05
CA PRO G 13 61.49 -20.40 -11.60
C PRO G 13 62.35 -19.91 -12.74
N ASP G 14 63.48 -19.30 -12.38
CA ASP G 14 64.38 -18.73 -13.36
C ASP G 14 65.08 -19.84 -14.14
N LEU G 15 65.29 -19.60 -15.43
CA LEU G 15 65.94 -20.58 -16.29
C LEU G 15 67.45 -20.68 -16.05
N VAL G 16 68.01 -19.82 -15.21
CA VAL G 16 69.45 -19.80 -14.97
C VAL G 16 69.72 -20.04 -13.49
N TYR G 17 69.24 -19.14 -12.64
CA TYR G 17 69.49 -19.22 -11.20
C TYR G 17 68.40 -19.97 -10.45
N GLY G 18 67.27 -20.27 -11.09
CA GLY G 18 66.20 -21.00 -10.44
C GLY G 18 65.52 -20.24 -9.32
N ASP G 19 65.40 -18.93 -9.44
CA ASP G 19 64.78 -18.09 -8.42
C ASP G 19 63.54 -17.43 -9.01
N VAL G 20 62.43 -17.52 -8.29
CA VAL G 20 61.18 -16.91 -8.76
C VAL G 20 61.25 -15.40 -8.62
N LEU G 21 62.06 -14.89 -7.69
CA LEU G 21 62.24 -13.45 -7.57
C LEU G 21 62.90 -12.88 -8.83
N VAL G 22 63.84 -13.61 -9.40
CA VAL G 22 64.46 -13.19 -10.66
C VAL G 22 63.42 -13.12 -11.76
N THR G 23 62.50 -14.09 -11.80
CA THR G 23 61.45 -14.07 -12.81
C THR G 23 60.50 -12.89 -12.61
N ALA G 24 60.17 -12.59 -11.35
CA ALA G 24 59.33 -11.43 -11.07
C ALA G 24 60.02 -10.14 -11.51
N PHE G 25 61.33 -10.04 -11.30
CA PHE G 25 62.05 -8.86 -11.77
C PHE G 25 62.09 -8.80 -13.29
N ILE G 26 62.21 -9.96 -13.95
CA ILE G 26 62.09 -10.02 -15.40
C ILE G 26 60.75 -9.46 -15.84
N ASN G 27 59.67 -9.85 -15.15
CA ASN G 27 58.35 -9.38 -15.52
C ASN G 27 58.19 -7.88 -15.28
N LYS G 28 58.79 -7.36 -14.20
CA LYS G 28 58.74 -5.93 -13.96
C LYS G 28 59.56 -5.16 -14.99
N ILE G 29 60.62 -5.77 -15.51
CA ILE G 29 61.36 -5.15 -16.61
C ILE G 29 60.59 -5.25 -17.93
N MET G 30 59.82 -6.32 -18.09
CA MET G 30 59.14 -6.60 -19.36
C MET G 30 58.27 -5.41 -19.77
N ARG G 31 58.26 -5.16 -21.08
CA ARG G 31 57.54 -4.03 -21.65
C ARG G 31 56.89 -4.46 -22.95
N ASP G 32 55.59 -4.17 -23.07
CA ASP G 32 54.78 -4.56 -24.23
C ASP G 32 54.76 -6.06 -24.46
N GLY G 33 55.04 -6.85 -23.42
CA GLY G 33 55.01 -8.29 -23.53
C GLY G 33 56.23 -8.90 -24.18
N LYS G 34 57.39 -8.25 -24.08
CA LYS G 34 58.64 -8.75 -24.65
C LYS G 34 59.44 -9.41 -23.55
N LYS G 35 59.28 -10.74 -23.43
CA LYS G 35 60.01 -11.49 -22.41
C LYS G 35 61.48 -11.66 -22.80
N ASN G 36 61.74 -11.97 -24.08
CA ASN G 36 63.11 -12.24 -24.51
C ASN G 36 63.99 -11.01 -24.36
N LEU G 37 63.48 -9.84 -24.72
CA LEU G 37 64.27 -8.61 -24.59
C LEU G 37 64.55 -8.29 -23.13
N ALA G 38 63.56 -8.48 -22.25
CA ALA G 38 63.75 -8.22 -20.83
C ALA G 38 64.77 -9.18 -20.23
N ALA G 39 64.71 -10.46 -20.61
CA ALA G 39 65.68 -11.41 -20.11
C ALA G 39 67.07 -11.11 -20.65
N ARG G 40 67.16 -10.67 -21.91
CA ARG G 40 68.44 -10.21 -22.45
C ARG G 40 69.02 -9.08 -21.61
N ILE G 41 68.19 -8.07 -21.33
CA ILE G 41 68.63 -6.93 -20.53
C ILE G 41 69.15 -7.40 -19.17
N PHE G 42 68.36 -8.24 -18.50
CA PHE G 42 68.72 -8.64 -17.13
C PHE G 42 69.95 -9.53 -17.11
N TYR G 43 70.09 -10.45 -18.07
CA TYR G 43 71.24 -11.33 -18.05
C TYR G 43 72.51 -10.62 -18.48
N ASP G 44 72.41 -9.66 -19.41
CA ASP G 44 73.57 -8.82 -19.70
C ASP G 44 73.91 -7.96 -18.51
N ALA G 45 72.92 -7.50 -17.75
CA ALA G 45 73.21 -6.77 -16.52
C ALA G 45 73.93 -7.66 -15.52
N CYS G 46 73.54 -8.94 -15.45
CA CYS G 46 74.24 -9.88 -14.58
C CYS G 46 75.69 -10.08 -15.03
N LYS G 47 75.90 -10.13 -16.36
CA LYS G 47 77.26 -10.16 -16.88
C LYS G 47 78.03 -8.90 -16.52
N ILE G 48 77.32 -7.77 -16.37
CA ILE G 48 77.98 -6.54 -15.95
C ILE G 48 78.27 -6.55 -14.45
N ILE G 49 77.44 -7.24 -13.66
CA ILE G 49 77.68 -7.31 -12.22
C ILE G 49 79.03 -7.97 -11.95
N GLN G 50 79.33 -9.06 -12.66
CA GLN G 50 80.68 -9.60 -12.59
C GLN G 50 81.62 -8.78 -13.46
N GLU G 51 82.92 -8.89 -13.18
CA GLU G 51 83.99 -8.13 -13.81
C GLU G 51 83.92 -6.66 -13.42
N LYS G 52 82.88 -6.31 -12.67
CA LYS G 52 82.80 -5.08 -11.89
C LYS G 52 82.79 -5.36 -10.39
N THR G 53 82.16 -6.46 -9.98
CA THR G 53 82.19 -6.95 -8.61
C THR G 53 82.50 -8.44 -8.66
N GLY G 54 83.46 -8.87 -7.84
CA GLY G 54 83.82 -10.28 -7.81
C GLY G 54 82.74 -11.21 -7.30
N GLN G 55 81.70 -10.66 -6.67
CA GLN G 55 80.63 -11.48 -6.11
C GLN G 55 79.66 -11.92 -7.20
N GLU G 56 78.98 -13.04 -6.93
CA GLU G 56 78.01 -13.55 -7.86
C GLU G 56 76.81 -12.61 -7.92
N PRO G 57 76.24 -12.37 -9.11
CA PRO G 57 75.17 -11.38 -9.23
C PRO G 57 73.89 -11.77 -8.49
N LEU G 58 73.68 -13.05 -8.19
CA LEU G 58 72.48 -13.44 -7.46
C LEU G 58 72.49 -12.87 -6.04
N LYS G 59 73.64 -12.96 -5.36
CA LYS G 59 73.76 -12.41 -4.01
C LYS G 59 73.56 -10.89 -4.03
N VAL G 60 74.19 -10.21 -4.98
CA VAL G 60 74.05 -8.75 -5.08
C VAL G 60 72.58 -8.38 -5.32
N PHE G 61 71.92 -9.10 -6.23
CA PHE G 61 70.51 -8.85 -6.52
C PHE G 61 69.65 -9.02 -5.27
N LYS G 62 69.81 -10.14 -4.57
CA LYS G 62 68.98 -10.41 -3.40
C LYS G 62 69.25 -9.40 -2.29
N GLN G 63 70.52 -9.04 -2.07
CA GLN G 63 70.84 -8.08 -1.02
C GLN G 63 70.32 -6.69 -1.35
N ALA G 64 70.37 -6.30 -2.63
CA ALA G 64 69.79 -5.02 -3.03
C ALA G 64 68.29 -5.01 -2.82
N VAL G 65 67.61 -6.09 -3.22
CA VAL G 65 66.17 -6.17 -3.00
C VAL G 65 65.84 -6.09 -1.52
N GLU G 66 66.66 -6.73 -0.67
CA GLU G 66 66.46 -6.63 0.76
C GLU G 66 66.68 -5.21 1.26
N ASN G 67 67.62 -4.48 0.66
CA ASN G 67 67.87 -3.11 1.08
C ASN G 67 66.79 -2.15 0.60
N VAL G 68 66.05 -2.49 -0.46
CA VAL G 68 65.00 -1.60 -0.94
C VAL G 68 63.66 -1.83 -0.24
N LYS G 69 63.45 -3.00 0.37
CA LYS G 69 62.19 -3.31 1.02
C LYS G 69 61.87 -2.33 2.13
N PRO G 70 60.73 -1.62 2.07
CA PRO G 70 60.36 -0.73 3.17
C PRO G 70 59.64 -1.48 4.28
N ARG G 71 59.89 -1.03 5.51
CA ARG G 71 59.28 -1.64 6.69
C ARG G 71 57.90 -1.07 7.00
N MET G 72 57.71 0.24 6.81
CA MET G 72 56.44 0.88 7.04
C MET G 72 56.15 1.84 5.90
N GLU G 73 54.85 2.00 5.60
CA GLU G 73 54.41 2.98 4.62
C GLU G 73 53.28 3.81 5.21
N VAL G 74 52.67 4.65 4.39
CA VAL G 74 51.61 5.55 4.85
C VAL G 74 50.48 5.54 3.84
N ARG G 75 49.28 5.23 4.29
CA ARG G 75 48.08 5.24 3.46
C ARG G 75 47.16 6.37 3.89
N SER G 76 46.40 6.91 2.93
CA SER G 76 45.46 7.96 3.25
C SER G 76 44.16 7.38 3.82
N ARG G 77 43.55 8.13 4.73
CA ARG G 77 42.30 7.70 5.33
C ARG G 77 41.41 8.92 5.59
N ARG G 78 40.14 8.79 5.24
CA ARG G 78 39.17 9.88 5.42
C ARG G 78 38.51 9.72 6.79
N VAL G 79 38.82 10.64 7.70
CA VAL G 79 38.31 10.62 9.06
C VAL G 79 37.78 12.00 9.40
N GLY G 80 36.59 12.05 10.01
CA GLY G 80 36.02 13.30 10.47
C GLY G 80 35.82 14.35 9.41
N GLY G 81 35.88 13.98 8.14
CA GLY G 81 35.78 14.91 7.05
C GLY G 81 37.09 15.25 6.38
N ALA G 82 38.21 15.07 7.08
CA ALA G 82 39.52 15.37 6.54
C ALA G 82 40.19 14.09 6.05
N ASN G 83 41.33 14.26 5.38
CA ASN G 83 42.11 13.15 4.84
C ASN G 83 43.49 13.16 5.49
N TYR G 84 43.81 12.10 6.21
CA TYR G 84 45.05 12.01 6.96
C TYR G 84 45.99 10.96 6.37
N GLN G 85 47.28 11.18 6.59
CA GLN G 85 48.34 10.26 6.17
C GLN G 85 48.67 9.36 7.35
N VAL G 86 48.12 8.16 7.37
CA VAL G 86 48.23 7.23 8.49
C VAL G 86 49.40 6.29 8.22
N PRO G 87 50.36 6.16 9.15
CA PRO G 87 51.44 5.20 8.98
C PRO G 87 51.06 3.80 9.48
N MET G 88 51.54 2.79 8.76
CA MET G 88 51.25 1.41 9.10
C MET G 88 52.27 0.51 8.44
N GLU G 89 52.37 -0.73 8.95
CA GLU G 89 53.34 -1.68 8.45
C GLU G 89 52.99 -2.12 7.03
N VAL G 90 53.87 -2.92 6.44
CA VAL G 90 53.74 -3.37 5.06
C VAL G 90 53.84 -4.89 5.05
N SER G 91 52.91 -5.54 4.36
CA SER G 91 52.98 -6.98 4.17
C SER G 91 54.19 -7.35 3.33
N PRO G 92 54.73 -8.57 3.51
CA PRO G 92 55.96 -8.92 2.78
C PRO G 92 55.80 -8.92 1.26
N ARG G 93 54.64 -9.35 0.75
CA ARG G 93 54.43 -9.33 -0.70
C ARG G 93 54.47 -7.92 -1.24
N ARG G 94 53.85 -6.96 -0.54
CA ARG G 94 53.93 -5.58 -0.96
C ARG G 94 55.35 -5.04 -0.84
N GLN G 95 56.10 -5.49 0.17
CA GLN G 95 57.51 -5.13 0.25
C GLN G 95 58.25 -5.54 -1.01
N GLN G 96 58.08 -6.81 -1.42
CA GLN G 96 58.75 -7.30 -2.62
C GLN G 96 58.30 -6.54 -3.87
N SER G 97 56.99 -6.31 -4.00
CA SER G 97 56.47 -5.62 -5.18
C SER G 97 57.02 -4.19 -5.28
N LEU G 98 56.94 -3.44 -4.18
CA LEU G 98 57.47 -2.08 -4.18
C LEU G 98 58.97 -2.07 -4.42
N ALA G 99 59.68 -3.05 -3.85
CA ALA G 99 61.13 -3.10 -4.06
C ALA G 99 61.47 -3.28 -5.53
N LEU G 100 60.85 -4.26 -6.19
CA LEU G 100 61.16 -4.50 -7.59
C LEU G 100 60.71 -3.34 -8.48
N ARG G 101 59.52 -2.78 -8.21
CA ARG G 101 59.04 -1.66 -9.02
C ARG G 101 59.94 -0.46 -8.87
N TRP G 102 60.38 -0.15 -7.64
CA TRP G 102 61.28 0.97 -7.43
C TRP G 102 62.64 0.72 -8.05
N LEU G 103 63.13 -0.53 -8.01
CA LEU G 103 64.37 -0.85 -8.68
C LEU G 103 64.28 -0.54 -10.17
N VAL G 104 63.23 -1.02 -10.83
CA VAL G 104 63.08 -0.80 -12.26
C VAL G 104 62.94 0.70 -12.56
N GLN G 105 62.07 1.39 -11.81
CA GLN G 105 61.81 2.80 -12.08
C GLN G 105 63.06 3.65 -11.87
N ALA G 106 63.77 3.43 -10.76
CA ALA G 106 65.00 4.18 -10.52
C ALA G 106 66.10 3.80 -11.49
N ALA G 107 66.08 2.56 -12.01
CA ALA G 107 67.05 2.19 -13.03
C ALA G 107 66.81 2.95 -14.33
N ASN G 108 65.55 3.11 -14.72
CA ASN G 108 65.25 3.86 -15.93
C ASN G 108 65.42 5.36 -15.77
N GLN G 109 65.64 5.85 -14.56
CA GLN G 109 65.94 7.26 -14.33
C GLN G 109 67.42 7.58 -14.45
N ARG G 110 68.27 6.56 -14.54
CA ARG G 110 69.71 6.76 -14.59
C ARG G 110 70.13 7.37 -15.93
N PRO G 111 71.29 8.04 -15.96
CA PRO G 111 71.77 8.62 -17.22
C PRO G 111 72.47 7.63 -18.14
N GLU G 112 72.61 6.36 -17.75
CA GLU G 112 73.33 5.40 -18.56
C GLU G 112 72.66 5.23 -19.91
N ARG G 113 73.47 4.88 -20.92
CA ARG G 113 72.99 4.88 -22.30
C ARG G 113 71.99 3.76 -22.55
N ARG G 114 72.41 2.51 -22.39
CA ARG G 114 71.55 1.38 -22.65
C ARG G 114 71.03 0.78 -21.35
N ALA G 115 70.05 -0.11 -21.49
CA ALA G 115 69.27 -0.57 -20.33
C ALA G 115 70.13 -1.41 -19.39
N ALA G 116 70.89 -2.37 -19.94
CA ALA G 116 71.64 -3.30 -19.09
C ALA G 116 72.57 -2.56 -18.13
N VAL G 117 73.24 -1.51 -18.62
CA VAL G 117 74.11 -0.72 -17.76
C VAL G 117 73.30 -0.06 -16.65
N ARG G 118 72.12 0.45 -16.98
CA ARG G 118 71.27 1.08 -15.98
C ARG G 118 70.88 0.09 -14.88
N ILE G 119 70.37 -1.07 -15.28
CA ILE G 119 69.94 -2.07 -14.30
C ILE G 119 71.12 -2.52 -13.45
N ALA G 120 72.27 -2.74 -14.07
CA ALA G 120 73.45 -3.20 -13.32
C ALA G 120 73.89 -2.16 -12.30
N HIS G 121 74.03 -0.90 -12.73
CA HIS G 121 74.48 0.14 -11.82
C HIS G 121 73.47 0.37 -10.70
N GLU G 122 72.18 0.34 -11.02
CA GLU G 122 71.17 0.51 -9.99
C GLU G 122 71.21 -0.63 -8.97
N LEU G 123 71.35 -1.87 -9.46
CA LEU G 123 71.45 -3.01 -8.55
C LEU G 123 72.68 -2.88 -7.65
N MET G 124 73.82 -2.49 -8.21
CA MET G 124 75.03 -2.36 -7.40
C MET G 124 74.87 -1.27 -6.35
N ASP G 125 74.39 -0.09 -6.75
CA ASP G 125 74.25 1.01 -5.80
C ASP G 125 73.22 0.67 -4.72
N ALA G 126 72.12 0.01 -5.09
CA ALA G 126 71.14 -0.39 -4.09
C ALA G 126 71.69 -1.47 -3.17
N ALA G 127 72.59 -2.32 -3.67
CA ALA G 127 73.21 -3.32 -2.82
C ALA G 127 74.14 -2.68 -1.81
N GLU G 128 74.90 -1.66 -2.22
CA GLU G 128 75.79 -0.98 -1.28
C GLU G 128 75.10 0.17 -0.56
N GLY G 129 73.79 0.32 -0.70
CA GLY G 129 73.03 1.22 0.15
C GLY G 129 72.84 2.63 -0.36
N LYS G 130 72.80 2.82 -1.68
CA LYS G 130 72.56 4.14 -2.25
C LYS G 130 71.72 3.96 -3.51
N GLY G 131 71.50 5.06 -4.22
CA GLY G 131 70.69 5.05 -5.43
C GLY G 131 69.31 5.62 -5.21
N GLY G 132 68.56 5.69 -6.30
CA GLY G 132 67.23 6.28 -6.25
C GLY G 132 66.22 5.42 -5.53
N ALA G 133 66.35 4.10 -5.61
CA ALA G 133 65.40 3.21 -4.94
C ALA G 133 65.55 3.27 -3.43
N VAL G 134 66.78 3.32 -2.94
CA VAL G 134 66.99 3.50 -1.50
C VAL G 134 66.49 4.87 -1.06
N LYS G 135 66.61 5.88 -1.93
CA LYS G 135 66.05 7.18 -1.62
C LYS G 135 64.53 7.10 -1.52
N LYS G 136 63.89 6.32 -2.39
CA LYS G 136 62.45 6.12 -2.30
C LYS G 136 62.06 5.43 -1.01
N LYS G 137 62.82 4.39 -0.63
CA LYS G 137 62.54 3.70 0.63
C LYS G 137 62.67 4.66 1.82
N GLU G 138 63.72 5.47 1.82
CA GLU G 138 63.92 6.42 2.92
C GLU G 138 62.82 7.47 2.94
N ASP G 139 62.35 7.91 1.77
CA ASP G 139 61.28 8.88 1.72
C ASP G 139 59.97 8.30 2.24
N VAL G 140 59.70 7.04 1.92
CA VAL G 140 58.49 6.39 2.42
C VAL G 140 58.58 6.20 3.94
N GLU G 141 59.73 5.74 4.43
CA GLU G 141 59.93 5.57 5.86
C GLU G 141 60.10 6.91 6.59
N ARG G 142 60.19 8.01 5.85
CA ARG G 142 60.12 9.35 6.42
C ARG G 142 58.68 9.82 6.53
N MET G 143 57.93 9.75 5.43
CA MET G 143 56.50 10.07 5.45
C MET G 143 55.79 9.27 6.52
N ALA G 144 55.84 7.94 6.43
CA ALA G 144 55.49 7.13 7.59
C ALA G 144 56.51 7.38 8.68
N GLU G 145 56.05 7.37 9.94
CA GLU G 145 56.85 7.68 11.12
C GLU G 145 57.17 9.17 11.18
N ALA G 146 56.81 9.92 10.14
CA ALA G 146 56.72 11.37 10.26
C ALA G 146 55.33 11.81 10.67
N ASN G 147 54.34 10.95 10.54
CA ASN G 147 52.98 11.16 10.99
C ASN G 147 52.62 10.16 12.08
N ARG G 148 53.55 9.94 13.01
CA ARG G 148 53.34 8.96 14.07
C ARG G 148 52.10 9.25 14.89
N ALA G 149 51.72 10.53 15.00
CA ALA G 149 50.54 10.90 15.79
C ALA G 149 49.27 10.21 15.30
N TYR G 150 49.24 9.78 14.05
CA TYR G 150 48.06 9.14 13.48
C TYR G 150 48.14 7.62 13.54
N ALA G 151 49.07 7.06 14.31
CA ALA G 151 49.24 5.62 14.37
C ALA G 151 48.01 4.91 14.93
N HIS G 152 47.20 5.60 15.71
CA HIS G 152 45.97 4.99 16.23
C HIS G 152 44.87 4.91 15.19
N TYR G 153 45.09 5.44 13.99
CA TYR G 153 44.20 5.23 12.85
C TYR G 153 44.60 4.05 12.00
N ARG G 154 45.23 3.03 12.61
CA ARG G 154 45.87 1.95 11.86
C ARG G 154 44.87 1.21 10.99
N TRP G 155 43.83 0.64 11.61
CA TRP G 155 42.78 -0.13 10.93
C TRP G 155 43.34 -1.37 10.23
N MET H 1 -22.10 2.53 45.96
CA MET H 1 -23.29 1.70 45.91
C MET H 1 -23.76 1.49 44.48
N LEU H 2 -24.78 0.65 44.30
CA LEU H 2 -25.37 0.44 42.99
C LEU H 2 -26.38 1.52 42.69
N THR H 3 -26.20 2.20 41.54
CA THR H 3 -27.15 3.22 41.13
C THR H 3 -28.40 2.63 40.48
N ASP H 4 -28.32 1.41 39.96
CA ASP H 4 -29.48 0.74 39.39
C ASP H 4 -29.35 -0.75 39.67
N PRO H 5 -29.91 -1.22 40.79
CA PRO H 5 -29.77 -2.65 41.12
C PRO H 5 -30.35 -3.58 40.07
N ILE H 6 -31.46 -3.19 39.43
CA ILE H 6 -32.07 -4.06 38.42
C ILE H 6 -31.17 -4.17 37.19
N ALA H 7 -30.69 -3.03 36.70
CA ALA H 7 -29.75 -3.06 35.59
C ALA H 7 -28.47 -3.78 35.96
N ASP H 8 -28.05 -3.67 37.23
CA ASP H 8 -26.88 -4.42 37.68
C ASP H 8 -27.12 -5.92 37.60
N MET H 9 -28.31 -6.38 37.98
CA MET H 9 -28.63 -7.80 37.86
C MET H 9 -28.67 -8.22 36.39
N LEU H 10 -29.28 -7.42 35.54
CA LEU H 10 -29.33 -7.74 34.12
C LEU H 10 -27.94 -7.82 33.52
N THR H 11 -27.04 -6.91 33.94
CA THR H 11 -25.67 -6.93 33.45
C THR H 11 -24.90 -8.12 33.99
N ARG H 12 -25.17 -8.50 35.24
CA ARG H 12 -24.57 -9.73 35.77
C ARG H 12 -24.98 -10.93 34.93
N ILE H 13 -26.27 -11.02 34.59
CA ILE H 13 -26.74 -12.13 33.76
C ILE H 13 -26.09 -12.09 32.39
N ARG H 14 -25.99 -10.90 31.79
CA ARG H 14 -25.39 -10.77 30.47
C ARG H 14 -23.93 -11.22 30.48
N ASN H 15 -23.14 -10.68 31.41
CA ASN H 15 -21.72 -11.01 31.48
C ASN H 15 -21.50 -12.47 31.86
N ALA H 16 -22.40 -13.05 32.65
CA ALA H 16 -22.26 -14.45 33.03
C ALA H 16 -22.56 -15.37 31.85
N THR H 17 -23.64 -15.09 31.12
CA THR H 17 -23.98 -15.91 29.96
C THR H 17 -22.96 -15.75 28.83
N ARG H 18 -22.32 -14.60 28.72
CA ARG H 18 -21.36 -14.40 27.64
C ARG H 18 -20.10 -15.24 27.81
N VAL H 19 -19.79 -15.68 29.04
CA VAL H 19 -18.68 -16.59 29.28
C VAL H 19 -19.17 -18.00 29.58
N TYR H 20 -20.46 -18.26 29.41
CA TYR H 20 -21.05 -19.59 29.59
C TYR H 20 -20.82 -20.11 31.01
N LYS H 21 -21.12 -19.26 32.00
CA LYS H 21 -21.02 -19.68 33.39
C LYS H 21 -22.17 -20.63 33.75
N GLU H 22 -22.04 -21.27 34.90
CA GLU H 22 -23.09 -22.17 35.37
C GLU H 22 -24.21 -21.38 36.04
N SER H 23 -23.89 -20.64 37.10
CA SER H 23 -24.85 -19.82 37.81
C SER H 23 -24.18 -18.50 38.17
N THR H 24 -25.00 -17.53 38.56
CA THR H 24 -24.49 -16.22 38.96
C THR H 24 -25.27 -15.70 40.16
N ASP H 25 -24.56 -15.08 41.09
CA ASP H 25 -25.14 -14.56 42.32
C ASP H 25 -25.42 -13.07 42.18
N VAL H 26 -26.66 -12.66 42.46
CA VAL H 26 -27.04 -11.25 42.44
C VAL H 26 -27.53 -10.87 43.83
N PRO H 27 -27.16 -9.71 44.36
CA PRO H 27 -27.68 -9.29 45.67
C PRO H 27 -29.21 -9.34 45.70
N ALA H 28 -29.74 -9.99 46.72
CA ALA H 28 -31.16 -10.34 46.74
C ALA H 28 -32.02 -9.11 47.00
N SER H 29 -33.18 -9.07 46.33
CA SER H 29 -34.20 -8.06 46.56
C SER H 29 -35.51 -8.58 45.99
N ARG H 30 -36.62 -8.21 46.62
CA ARG H 30 -37.93 -8.72 46.21
C ARG H 30 -38.25 -8.35 44.77
N PHE H 31 -37.85 -7.16 44.35
CA PHE H 31 -38.08 -6.75 42.96
C PHE H 31 -37.32 -7.65 42.00
N LYS H 32 -36.02 -7.84 42.26
CA LYS H 32 -35.22 -8.74 41.42
C LYS H 32 -35.81 -10.15 41.41
N GLU H 33 -36.34 -10.61 42.55
CA GLU H 33 -36.90 -11.95 42.63
C GLU H 33 -38.19 -12.06 41.81
N GLU H 34 -39.04 -11.02 41.87
CA GLU H 34 -40.25 -11.03 41.06
C GLU H 34 -39.93 -10.94 39.58
N ILE H 35 -38.80 -10.32 39.22
CA ILE H 35 -38.36 -10.32 37.83
C ILE H 35 -37.85 -11.69 37.41
N LEU H 36 -37.04 -12.31 38.28
CA LEU H 36 -36.50 -13.64 37.98
C LEU H 36 -37.61 -14.68 37.89
N ARG H 37 -38.72 -14.47 38.59
CA ARG H 37 -39.88 -15.35 38.41
C ARG H 37 -40.36 -15.33 36.96
N ILE H 38 -40.48 -14.13 36.38
CA ILE H 38 -40.88 -14.01 34.98
C ILE H 38 -39.82 -14.62 34.08
N LEU H 39 -38.55 -14.40 34.40
CA LEU H 39 -37.47 -14.99 33.62
C LEU H 39 -37.59 -16.50 33.55
N ALA H 40 -37.73 -17.15 34.71
CA ALA H 40 -37.83 -18.60 34.76
C ALA H 40 -39.12 -19.10 34.15
N ARG H 41 -40.20 -18.33 34.27
CA ARG H 41 -41.47 -18.73 33.68
C ARG H 41 -41.41 -18.69 32.17
N GLU H 42 -40.68 -17.73 31.60
CA GLU H 42 -40.54 -17.62 30.15
C GLU H 42 -39.49 -18.58 29.59
N GLY H 43 -38.59 -19.07 30.42
CA GLY H 43 -37.61 -20.04 30.00
C GLY H 43 -36.23 -19.51 29.70
N PHE H 44 -35.96 -18.23 29.96
CA PHE H 44 -34.63 -17.68 29.71
C PHE H 44 -33.60 -18.16 30.72
N ILE H 45 -34.02 -18.77 31.83
CA ILE H 45 -33.12 -19.33 32.83
C ILE H 45 -33.67 -20.67 33.27
N LYS H 46 -32.77 -21.54 33.75
CA LYS H 46 -33.20 -22.77 34.37
C LYS H 46 -33.95 -22.52 35.67
N GLY H 47 -33.75 -21.37 36.28
CA GLY H 47 -34.42 -21.03 37.52
C GLY H 47 -33.53 -20.16 38.39
N TYR H 48 -34.05 -19.87 39.57
CA TYR H 48 -33.34 -19.09 40.57
C TYR H 48 -33.58 -19.70 41.94
N GLU H 49 -32.73 -19.35 42.89
CA GLU H 49 -32.97 -19.76 44.27
C GLU H 49 -32.21 -18.85 45.22
N ARG H 50 -32.83 -18.60 46.38
CA ARG H 50 -32.18 -17.83 47.43
C ARG H 50 -31.02 -18.62 48.02
N VAL H 51 -29.89 -17.97 48.21
CA VAL H 51 -28.72 -18.53 48.86
C VAL H 51 -28.18 -17.51 49.85
N ASP H 52 -27.16 -17.90 50.59
CA ASP H 52 -26.51 -17.02 51.55
C ASP H 52 -25.02 -16.98 51.29
N VAL H 53 -24.49 -15.79 51.06
CA VAL H 53 -23.06 -15.56 51.03
C VAL H 53 -22.69 -15.03 52.42
N ASP H 54 -21.39 -14.88 52.66
CA ASP H 54 -20.79 -14.86 54.00
C ASP H 54 -21.70 -14.32 55.09
N GLY H 55 -22.38 -13.21 54.83
CA GLY H 55 -23.35 -12.71 55.80
C GLY H 55 -24.67 -12.26 55.22
N LYS H 56 -24.78 -12.22 53.90
CA LYS H 56 -25.89 -11.54 53.25
C LYS H 56 -26.61 -12.47 52.28
N PRO H 57 -27.91 -12.26 52.08
CA PRO H 57 -28.67 -13.13 51.17
C PRO H 57 -28.51 -12.71 49.72
N TYR H 58 -28.40 -13.71 48.85
CA TYR H 58 -28.22 -13.51 47.42
C TYR H 58 -29.19 -14.40 46.67
N LEU H 59 -29.22 -14.23 45.35
CA LEU H 59 -30.03 -15.03 44.45
C LEU H 59 -29.12 -15.68 43.43
N ARG H 60 -29.06 -17.00 43.43
CA ARG H 60 -28.35 -17.76 42.41
C ARG H 60 -29.29 -17.96 41.23
N VAL H 61 -28.94 -17.37 40.09
CA VAL H 61 -29.63 -17.57 38.83
C VAL H 61 -28.87 -18.63 38.07
N TYR H 62 -29.54 -19.75 37.77
CA TYR H 62 -28.94 -20.82 36.98
C TYR H 62 -29.27 -20.59 35.52
N LEU H 63 -28.24 -20.29 34.72
CA LEU H 63 -28.44 -19.87 33.34
C LEU H 63 -28.78 -21.06 32.46
N LYS H 64 -29.19 -20.75 31.24
CA LYS H 64 -29.65 -21.74 30.28
C LYS H 64 -28.98 -21.48 28.93
N TYR H 65 -28.56 -22.55 28.26
CA TYR H 65 -27.89 -22.44 26.98
C TYR H 65 -28.45 -23.49 26.03
N GLY H 66 -28.05 -23.38 24.76
CA GLY H 66 -28.49 -24.32 23.76
C GLY H 66 -27.53 -25.49 23.61
N PRO H 67 -27.70 -26.28 22.56
CA PRO H 67 -26.80 -27.40 22.33
C PRO H 67 -25.49 -26.95 21.70
N ARG H 68 -24.44 -27.71 21.98
CA ARG H 68 -23.12 -27.42 21.40
C ARG H 68 -23.18 -27.54 19.89
N ARG H 69 -22.63 -26.55 19.20
CA ARG H 69 -22.73 -26.46 17.75
C ARG H 69 -21.49 -27.05 17.08
N GLN H 70 -21.60 -27.26 15.77
CA GLN H 70 -20.53 -27.85 14.99
C GLN H 70 -19.67 -26.75 14.37
N GLY H 71 -18.71 -27.17 13.55
CA GLY H 71 -17.82 -26.25 12.88
C GLY H 71 -16.95 -25.49 13.85
N PRO H 72 -16.36 -24.38 13.39
CA PRO H 72 -15.63 -23.51 14.30
C PRO H 72 -16.56 -22.87 15.32
N ASP H 73 -15.98 -22.46 16.44
CA ASP H 73 -16.70 -21.86 17.56
C ASP H 73 -17.84 -22.79 17.98
N PRO H 74 -17.54 -23.91 18.63
CA PRO H 74 -18.60 -24.84 19.06
C PRO H 74 -19.42 -24.34 20.24
N ARG H 75 -19.15 -23.13 20.73
CA ARG H 75 -19.90 -22.61 21.87
C ARG H 75 -21.39 -22.58 21.54
N PRO H 76 -22.25 -23.03 22.45
CA PRO H 76 -23.67 -23.16 22.13
C PRO H 76 -24.35 -21.82 21.93
N GLU H 77 -25.53 -21.88 21.32
CA GLU H 77 -26.32 -20.68 21.10
C GLU H 77 -26.86 -20.14 22.43
N GLN H 78 -26.81 -18.83 22.59
CA GLN H 78 -27.28 -18.20 23.82
C GLN H 78 -28.80 -18.20 23.87
N VAL H 79 -29.35 -18.64 25.00
CA VAL H 79 -30.80 -18.56 25.19
C VAL H 79 -31.23 -17.11 25.33
N ILE H 80 -30.45 -16.31 26.05
CA ILE H 80 -30.71 -14.88 26.20
C ILE H 80 -29.78 -14.18 25.21
N HIS H 81 -30.28 -13.98 24.00
CA HIS H 81 -29.46 -13.32 22.97
C HIS H 81 -29.28 -11.84 23.28
N HIS H 82 -30.22 -11.23 23.98
CA HIS H 82 -30.19 -9.79 24.21
C HIS H 82 -31.08 -9.45 25.41
N ILE H 83 -30.55 -8.66 26.34
CA ILE H 83 -31.31 -8.24 27.51
C ILE H 83 -30.89 -6.82 27.85
N ARG H 84 -31.82 -5.87 27.72
CA ARG H 84 -31.49 -4.46 27.88
C ARG H 84 -32.48 -3.78 28.80
N ARG H 85 -31.95 -3.01 29.74
CA ARG H 85 -32.78 -2.20 30.63
C ARG H 85 -33.27 -0.97 29.89
N ILE H 86 -34.53 -0.59 30.14
CA ILE H 86 -35.19 0.50 29.44
C ILE H 86 -35.46 1.68 30.36
N SER H 87 -36.26 1.48 31.41
CA SER H 87 -36.60 2.55 32.33
C SER H 87 -35.49 2.67 33.37
N LYS H 88 -34.50 3.47 33.06
CA LYS H 88 -33.33 3.67 33.90
C LYS H 88 -33.56 4.83 34.86
N PRO H 89 -32.82 4.88 35.97
CA PRO H 89 -32.88 6.06 36.83
C PRO H 89 -32.37 7.29 36.08
N GLY H 90 -33.08 8.40 36.25
CA GLY H 90 -32.78 9.61 35.52
C GLY H 90 -33.54 9.76 34.23
N ARG H 91 -34.02 8.67 33.64
CA ARG H 91 -34.95 8.73 32.52
C ARG H 91 -35.86 7.50 32.64
N ARG H 92 -36.97 7.67 33.33
CA ARG H 92 -37.90 6.57 33.57
C ARG H 92 -38.94 6.51 32.46
N VAL H 93 -39.28 5.31 32.04
CA VAL H 93 -40.16 5.07 30.90
C VAL H 93 -41.46 4.48 31.42
N TYR H 94 -42.56 5.18 31.17
CA TYR H 94 -43.90 4.70 31.49
C TYR H 94 -44.73 4.62 30.22
N VAL H 95 -45.47 3.53 30.07
CA VAL H 95 -46.23 3.28 28.85
C VAL H 95 -47.66 2.88 29.24
N GLY H 96 -48.62 3.36 28.44
CA GLY H 96 -49.99 2.89 28.59
C GLY H 96 -50.18 1.52 27.98
N VAL H 97 -51.38 0.97 28.18
CA VAL H 97 -51.67 -0.37 27.68
C VAL H 97 -51.60 -0.41 26.15
N LYS H 98 -52.00 0.68 25.49
CA LYS H 98 -51.90 0.75 24.04
C LYS H 98 -50.50 1.15 23.57
N GLU H 99 -49.56 1.36 24.49
CA GLU H 99 -48.20 1.75 24.17
C GLU H 99 -47.19 0.66 24.54
N ILE H 100 -47.66 -0.55 24.82
CA ILE H 100 -46.76 -1.65 25.19
C ILE H 100 -46.12 -2.21 23.93
N PRO H 101 -44.80 -2.37 23.89
CA PRO H 101 -44.15 -2.85 22.67
C PRO H 101 -44.30 -4.35 22.50
N ARG H 102 -44.30 -4.77 21.23
CA ARG H 102 -44.27 -6.19 20.84
C ARG H 102 -42.83 -6.52 20.49
N VAL H 103 -42.16 -7.25 21.39
CA VAL H 103 -40.73 -7.47 21.27
C VAL H 103 -40.47 -8.51 20.18
N ARG H 104 -39.68 -8.13 19.18
CA ARG H 104 -39.27 -9.03 18.09
C ARG H 104 -40.46 -9.68 17.41
N ARG H 105 -41.56 -8.94 17.31
CA ARG H 105 -42.81 -9.42 16.73
C ARG H 105 -43.29 -10.70 17.43
N GLY H 106 -43.26 -10.67 18.77
CA GLY H 106 -43.80 -11.73 19.58
C GLY H 106 -42.78 -12.70 20.15
N LEU H 107 -41.62 -12.85 19.51
CA LEU H 107 -40.64 -13.83 19.96
C LEU H 107 -39.94 -13.40 21.24
N GLY H 108 -39.93 -12.11 21.57
CA GLY H 108 -39.33 -11.62 22.79
C GLY H 108 -40.37 -11.27 23.84
N ILE H 109 -39.87 -10.75 24.97
CA ILE H 109 -40.71 -10.33 26.07
C ILE H 109 -40.29 -8.94 26.51
N ALA H 110 -41.24 -8.21 27.12
CA ALA H 110 -41.00 -6.92 27.73
C ALA H 110 -41.56 -6.96 29.13
N ILE H 111 -40.70 -6.86 30.14
CA ILE H 111 -41.12 -6.94 31.52
C ILE H 111 -41.64 -5.57 31.95
N LEU H 112 -42.88 -5.53 32.39
CA LEU H 112 -43.52 -4.32 32.88
C LEU H 112 -43.75 -4.42 34.38
N SER H 113 -43.65 -3.29 35.05
CA SER H 113 -44.07 -3.15 36.43
C SER H 113 -45.36 -2.33 36.43
N THR H 114 -46.47 -2.97 36.77
CA THR H 114 -47.78 -2.35 36.75
C THR H 114 -48.37 -2.40 38.16
N SER H 115 -49.48 -1.67 38.33
CA SER H 115 -50.17 -1.64 39.61
C SER H 115 -50.65 -3.01 40.06
N LYS H 116 -50.80 -3.95 39.13
CA LYS H 116 -51.22 -5.31 39.45
C LYS H 116 -50.04 -6.28 39.57
N GLY H 117 -48.81 -5.77 39.63
CA GLY H 117 -47.63 -6.59 39.81
C GLY H 117 -46.67 -6.48 38.65
N VAL H 118 -45.66 -7.34 38.68
CA VAL H 118 -44.67 -7.41 37.60
C VAL H 118 -45.15 -8.45 36.59
N LEU H 119 -45.39 -8.01 35.36
CA LEU H 119 -45.96 -8.84 34.32
C LEU H 119 -45.08 -8.78 33.08
N THR H 120 -45.46 -9.52 32.06
CA THR H 120 -44.83 -9.46 30.75
C THR H 120 -45.68 -8.61 29.82
N ASP H 121 -45.22 -8.45 28.58
CA ASP H 121 -45.97 -7.66 27.61
C ASP H 121 -47.33 -8.27 27.33
N ARG H 122 -47.36 -9.56 27.01
CA ARG H 122 -48.64 -10.22 26.74
C ARG H 122 -49.48 -10.34 28.01
N GLU H 123 -48.84 -10.58 29.16
CA GLU H 123 -49.58 -10.68 30.41
C GLU H 123 -50.24 -9.36 30.76
N ALA H 124 -49.51 -8.24 30.64
CA ALA H 124 -50.09 -6.94 30.94
C ALA H 124 -51.14 -6.55 29.91
N ARG H 125 -50.92 -6.90 28.65
CA ARG H 125 -51.91 -6.61 27.61
C ARG H 125 -53.20 -7.38 27.87
N LYS H 126 -53.09 -8.62 28.34
CA LYS H 126 -54.26 -9.41 28.69
C LYS H 126 -54.96 -8.86 29.92
N LEU H 127 -54.18 -8.41 30.92
CA LEU H 127 -54.76 -7.77 32.08
C LEU H 127 -55.31 -6.38 31.74
N GLY H 128 -54.67 -5.68 30.80
CA GLY H 128 -55.17 -4.39 30.37
C GLY H 128 -54.61 -3.20 31.13
N VAL H 129 -53.41 -3.32 31.69
CA VAL H 129 -52.80 -2.24 32.43
C VAL H 129 -51.37 -2.04 31.96
N GLY H 130 -50.89 -0.80 32.02
CA GLY H 130 -49.53 -0.45 31.72
C GLY H 130 -48.76 -0.02 32.95
N GLY H 131 -47.54 0.45 32.71
CA GLY H 131 -46.69 0.92 33.79
C GLY H 131 -45.27 1.20 33.38
N GLU H 132 -44.32 0.88 34.27
CA GLU H 132 -42.91 1.15 34.02
C GLU H 132 -42.32 0.01 33.18
N LEU H 133 -41.77 0.37 32.02
CA LEU H 133 -41.17 -0.59 31.10
C LEU H 133 -39.77 -0.92 31.63
N ILE H 134 -39.68 -1.98 32.43
CA ILE H 134 -38.42 -2.30 33.12
C ILE H 134 -37.33 -2.59 32.10
N CYS H 135 -37.53 -3.59 31.26
CA CYS H 135 -36.49 -4.05 30.36
C CYS H 135 -37.12 -4.80 29.19
N GLU H 136 -36.29 -5.19 28.23
CA GLU H 136 -36.68 -6.07 27.14
C GLU H 136 -35.68 -7.21 27.04
N VAL H 137 -36.20 -8.41 26.79
CA VAL H 137 -35.39 -9.62 26.73
C VAL H 137 -35.83 -10.44 25.53
N TRP H 138 -34.89 -10.86 24.70
CA TRP H 138 -35.19 -11.74 23.57
C TRP H 138 -33.96 -12.52 23.12
N GLU I 1 63.54 -48.83 -27.91
CA GLU I 1 64.01 -48.46 -29.24
C GLU I 1 63.55 -47.06 -29.61
N GLN I 2 62.31 -46.74 -29.28
CA GLN I 2 61.74 -45.44 -29.62
C GLN I 2 60.51 -45.21 -28.76
N TYR I 3 60.39 -44.00 -28.21
CA TYR I 3 59.27 -43.64 -27.35
C TYR I 3 58.70 -42.31 -27.81
N TYR I 4 57.39 -42.26 -28.00
CA TYR I 4 56.73 -41.14 -28.67
C TYR I 4 55.91 -40.32 -27.68
N GLY I 5 55.91 -38.99 -27.88
CA GLY I 5 55.08 -38.08 -27.12
C GLY I 5 54.54 -36.96 -27.98
N THR I 6 53.28 -36.56 -27.76
CA THR I 6 52.70 -35.54 -28.62
C THR I 6 52.84 -34.14 -28.04
N GLY I 7 52.22 -33.88 -26.89
CA GLY I 7 52.27 -32.55 -26.30
C GLY I 7 51.52 -31.52 -27.13
N ARG I 8 51.03 -30.46 -26.47
CA ARG I 8 50.33 -29.40 -27.16
C ARG I 8 50.26 -28.18 -26.25
N ARG I 9 50.34 -26.99 -26.87
CA ARG I 9 50.29 -25.74 -26.11
C ARG I 9 49.93 -24.61 -27.04
N LYS I 10 48.78 -23.98 -26.82
CA LYS I 10 48.40 -22.74 -27.48
C LYS I 10 48.42 -22.89 -29.00
N GLU I 11 47.65 -23.86 -29.47
CA GLU I 11 47.48 -24.12 -30.91
C GLU I 11 48.82 -24.42 -31.58
N ALA I 12 49.55 -25.38 -31.02
CA ALA I 12 50.85 -25.78 -31.53
C ALA I 12 51.09 -27.24 -31.18
N VAL I 13 51.63 -28.00 -32.14
CA VAL I 13 51.90 -29.42 -31.96
C VAL I 13 53.39 -29.66 -32.19
N ALA I 14 53.92 -30.70 -31.53
CA ALA I 14 55.35 -31.01 -31.63
C ALA I 14 55.53 -32.51 -31.36
N ARG I 15 55.63 -33.28 -32.43
CA ARG I 15 55.94 -34.71 -32.30
C ARG I 15 57.33 -34.88 -31.69
N VAL I 16 57.41 -35.60 -30.58
CA VAL I 16 58.66 -35.85 -29.87
C VAL I 16 58.96 -37.34 -29.99
N PHE I 17 60.10 -37.66 -30.61
CA PHE I 17 60.58 -39.03 -30.74
C PHE I 17 61.85 -39.16 -29.93
N LEU I 18 61.82 -39.99 -28.89
CA LEU I 18 62.98 -40.26 -28.06
C LEU I 18 63.61 -41.57 -28.51
N ARG I 19 64.84 -41.49 -28.99
CA ARG I 19 65.62 -42.67 -29.38
C ARG I 19 66.92 -42.62 -28.60
N PRO I 20 67.25 -43.65 -27.82
CA PRO I 20 68.44 -43.56 -26.96
C PRO I 20 69.71 -43.30 -27.77
N GLY I 21 70.50 -42.34 -27.30
CA GLY I 21 71.71 -41.95 -28.01
C GLY I 21 72.63 -41.01 -27.25
N ASN I 22 73.22 -40.05 -27.97
CA ASN I 22 74.21 -39.17 -27.38
C ASN I 22 73.59 -38.11 -26.48
N GLY I 23 72.50 -37.49 -26.92
CA GLY I 23 71.86 -36.44 -26.15
C GLY I 23 71.65 -35.17 -26.93
N LYS I 24 71.83 -35.24 -28.25
CA LYS I 24 71.65 -34.10 -29.13
C LYS I 24 70.24 -34.10 -29.71
N VAL I 25 69.62 -32.92 -29.76
CA VAL I 25 68.23 -32.77 -30.15
C VAL I 25 68.17 -32.16 -31.55
N THR I 26 67.22 -32.64 -32.35
CA THR I 26 66.95 -32.10 -33.68
C THR I 26 65.50 -31.67 -33.74
N VAL I 27 65.26 -30.49 -34.33
CA VAL I 27 63.91 -29.93 -34.46
C VAL I 27 63.75 -29.48 -35.91
N ASN I 28 62.84 -30.14 -36.64
CA ASN I 28 62.54 -29.79 -38.03
C ASN I 28 63.79 -29.81 -38.90
N GLY I 29 64.67 -30.78 -38.64
CA GLY I 29 65.93 -30.88 -39.33
C GLY I 29 67.02 -29.93 -38.85
N GLN I 30 66.64 -28.82 -38.21
CA GLN I 30 67.62 -27.89 -37.67
C GLN I 30 68.08 -28.35 -36.29
N ASP I 31 69.08 -27.65 -35.77
CA ASP I 31 69.56 -27.92 -34.42
C ASP I 31 68.63 -27.26 -33.40
N PHE I 32 68.65 -27.80 -32.17
CA PHE I 32 67.83 -27.23 -31.11
C PHE I 32 68.24 -25.79 -30.80
N ASN I 33 69.52 -25.47 -30.97
CA ASN I 33 70.03 -24.12 -30.74
C ASN I 33 70.00 -23.25 -32.00
N GLU I 34 69.64 -23.82 -33.16
CA GLU I 34 69.49 -23.03 -34.37
C GLU I 34 68.05 -22.60 -34.61
N TYR I 35 67.08 -23.32 -34.04
CA TYR I 35 65.70 -22.86 -34.00
C TYR I 35 65.50 -21.91 -32.82
N PHE I 36 66.02 -22.30 -31.67
CA PHE I 36 66.03 -21.52 -30.43
C PHE I 36 67.33 -20.74 -30.35
N GLN I 37 67.72 -20.31 -29.15
CA GLN I 37 68.92 -19.50 -28.90
C GLN I 37 68.78 -18.12 -29.53
N GLY I 38 67.97 -17.34 -28.82
CA GLY I 38 67.34 -16.13 -29.25
C GLY I 38 65.97 -16.14 -28.59
N LEU I 39 65.65 -17.26 -27.93
CA LEU I 39 64.53 -17.35 -27.00
C LEU I 39 65.07 -17.90 -25.70
N VAL I 40 64.82 -17.18 -24.61
CA VAL I 40 65.47 -17.53 -23.35
C VAL I 40 64.81 -18.75 -22.72
N ARG I 41 63.48 -18.85 -22.79
CA ARG I 41 62.77 -19.97 -22.19
C ARG I 41 63.00 -21.29 -22.92
N ALA I 42 63.82 -21.31 -23.96
CA ALA I 42 63.99 -22.51 -24.77
C ALA I 42 64.44 -23.71 -23.93
N VAL I 43 65.41 -23.49 -23.04
CA VAL I 43 65.92 -24.58 -22.20
C VAL I 43 64.82 -25.20 -21.36
N ALA I 44 63.75 -24.45 -21.08
CA ALA I 44 62.63 -25.00 -20.31
C ALA I 44 62.02 -26.22 -21.02
N ALA I 45 62.08 -26.26 -22.34
CA ALA I 45 61.56 -27.41 -23.09
C ALA I 45 62.27 -28.70 -22.72
N LEU I 46 63.47 -28.61 -22.15
CA LEU I 46 64.22 -29.79 -21.75
C LEU I 46 64.09 -30.07 -20.26
N GLU I 47 63.21 -29.36 -19.57
CA GLU I 47 63.02 -29.60 -18.13
C GLU I 47 62.58 -31.01 -17.79
N PRO I 48 61.74 -31.70 -18.58
CA PRO I 48 61.42 -33.10 -18.23
C PRO I 48 62.64 -33.99 -18.05
N LEU I 49 63.63 -33.89 -18.93
CA LEU I 49 64.84 -34.70 -18.80
C LEU I 49 65.56 -34.40 -17.49
N ARG I 50 65.80 -33.12 -17.22
CA ARG I 50 66.38 -32.73 -15.93
C ARG I 50 65.50 -33.19 -14.77
N ALA I 51 64.21 -33.37 -15.00
CA ALA I 51 63.34 -33.89 -13.94
C ALA I 51 63.74 -35.31 -13.56
N VAL I 52 64.10 -36.14 -14.55
CA VAL I 52 64.61 -37.47 -14.28
C VAL I 52 66.12 -37.55 -14.35
N ASP I 53 66.78 -36.43 -14.67
CA ASP I 53 68.24 -36.34 -14.69
C ASP I 53 68.86 -37.34 -15.66
N ALA I 54 68.21 -37.55 -16.81
CA ALA I 54 68.82 -38.38 -17.83
C ALA I 54 69.80 -37.56 -18.66
N LEU I 55 69.29 -36.61 -19.44
CA LEU I 55 70.05 -35.52 -20.05
C LEU I 55 71.11 -36.01 -21.04
N GLY I 56 71.35 -37.31 -21.09
CA GLY I 56 72.31 -37.86 -22.03
C GLY I 56 71.93 -39.25 -22.51
N HIS I 57 70.79 -39.75 -22.01
CA HIS I 57 70.34 -41.09 -22.33
C HIS I 57 69.54 -41.15 -23.63
N PHE I 58 68.86 -40.06 -23.99
CA PHE I 58 67.97 -40.03 -25.13
C PHE I 58 68.36 -38.91 -26.08
N ASP I 59 68.52 -39.24 -27.37
CA ASP I 59 68.44 -38.26 -28.43
C ASP I 59 66.99 -38.01 -28.80
N ALA I 60 66.73 -36.82 -29.35
CA ALA I 60 65.37 -36.40 -29.62
C ALA I 60 65.25 -35.95 -31.08
N TYR I 61 64.19 -36.41 -31.75
CA TYR I 61 63.80 -35.93 -33.06
C TYR I 61 62.40 -35.34 -32.92
N ILE I 62 62.27 -34.03 -33.12
CA ILE I 62 61.04 -33.31 -32.87
C ILE I 62 60.58 -32.63 -34.15
N THR I 63 59.28 -32.70 -34.41
CA THR I 63 58.67 -32.06 -35.57
C THR I 63 57.58 -31.14 -35.05
N VAL I 64 57.83 -29.82 -35.13
CA VAL I 64 56.97 -28.82 -34.51
C VAL I 64 56.30 -27.99 -35.59
N ARG I 65 55.05 -27.62 -35.35
CA ARG I 65 54.33 -26.71 -36.23
C ARG I 65 53.08 -26.20 -35.51
N GLY I 66 52.71 -24.97 -35.80
CA GLY I 66 51.58 -24.34 -35.16
C GLY I 66 52.02 -23.32 -34.12
N GLY I 67 51.18 -22.30 -33.95
CA GLY I 67 51.41 -21.22 -33.01
C GLY I 67 52.77 -20.56 -33.20
N GLY I 68 53.28 -19.99 -32.11
CA GLY I 68 54.58 -19.38 -32.09
C GLY I 68 55.59 -20.24 -31.34
N LYS I 69 56.85 -19.86 -31.47
CA LYS I 69 57.94 -20.70 -30.99
C LYS I 69 57.93 -20.91 -29.48
N SER I 70 57.27 -20.03 -28.71
CA SER I 70 57.22 -20.23 -27.27
C SER I 70 56.20 -21.30 -26.90
N GLY I 71 55.01 -21.23 -27.49
CA GLY I 71 54.09 -22.35 -27.40
C GLY I 71 54.70 -23.63 -27.94
N GLN I 72 55.57 -23.51 -28.95
CA GLN I 72 56.29 -24.68 -29.45
C GLN I 72 57.25 -25.23 -28.40
N ILE I 73 57.92 -24.34 -27.64
CA ILE I 73 58.79 -24.78 -26.56
C ILE I 73 58.00 -25.55 -25.52
N ASP I 74 56.84 -25.01 -25.11
CA ASP I 74 56.04 -25.67 -24.09
C ASP I 74 55.45 -26.97 -24.59
N ALA I 75 55.05 -27.01 -25.86
CA ALA I 75 54.54 -28.25 -26.45
C ALA I 75 55.65 -29.30 -26.53
N ILE I 76 56.89 -28.87 -26.80
CA ILE I 76 58.02 -29.79 -26.78
C ILE I 76 58.24 -30.32 -25.37
N LYS I 77 58.09 -29.46 -24.36
CA LYS I 77 58.17 -29.92 -22.97
C LYS I 77 57.15 -31.02 -22.70
N LEU I 78 55.89 -30.77 -23.07
CA LEU I 78 54.84 -31.76 -22.82
C LEU I 78 55.09 -33.04 -23.61
N GLY I 79 55.58 -32.93 -24.85
CA GLY I 79 55.84 -34.12 -25.64
C GLY I 79 56.97 -34.96 -25.08
N ILE I 80 58.05 -34.31 -24.63
CA ILE I 80 59.13 -35.03 -23.97
C ILE I 80 58.61 -35.69 -22.70
N ALA I 81 57.75 -35.00 -21.96
CA ALA I 81 57.17 -35.60 -20.75
C ALA I 81 56.34 -36.83 -21.09
N ARG I 82 55.55 -36.77 -22.16
CA ARG I 82 54.71 -37.91 -22.54
C ARG I 82 55.55 -39.09 -23.01
N ALA I 83 56.57 -38.83 -23.82
CA ALA I 83 57.44 -39.92 -24.27
C ALA I 83 58.20 -40.54 -23.10
N LEU I 84 58.65 -39.69 -22.17
CA LEU I 84 59.35 -40.19 -20.98
C LEU I 84 58.42 -41.01 -20.09
N VAL I 85 57.15 -40.62 -20.01
CA VAL I 85 56.17 -41.41 -19.27
C VAL I 85 55.95 -42.76 -19.94
N GLN I 86 55.83 -42.76 -21.27
CA GLN I 86 55.67 -44.02 -22.00
C GLN I 86 56.88 -44.92 -21.83
N TYR I 87 58.07 -44.33 -21.67
CA TYR I 87 59.27 -45.12 -21.43
C TYR I 87 59.13 -45.95 -20.16
N ASN I 88 58.93 -45.30 -19.02
CA ASN I 88 58.77 -45.98 -17.73
C ASN I 88 57.59 -45.34 -17.02
N PRO I 89 56.51 -46.08 -16.75
CA PRO I 89 55.38 -45.48 -16.02
C PRO I 89 55.74 -45.03 -14.62
N ASP I 90 56.77 -45.64 -14.01
CA ASP I 90 57.23 -45.20 -12.69
C ASP I 90 57.71 -43.76 -12.69
N TYR I 91 58.02 -43.20 -13.86
CA TYR I 91 58.40 -41.80 -13.94
C TYR I 91 57.23 -40.87 -13.69
N ARG I 92 55.99 -41.35 -13.83
CA ARG I 92 54.83 -40.48 -13.66
C ARG I 92 54.81 -39.87 -12.27
N ALA I 93 54.96 -40.69 -11.23
CA ALA I 93 55.00 -40.19 -9.86
C ALA I 93 56.14 -39.19 -9.66
N LYS I 94 57.13 -39.19 -10.53
CA LYS I 94 58.22 -38.22 -10.46
C LYS I 94 57.92 -36.93 -11.22
N LEU I 95 57.10 -37.00 -12.26
CA LEU I 95 56.81 -35.84 -13.10
C LEU I 95 55.51 -35.15 -12.74
N LYS I 96 54.63 -35.80 -12.00
CA LYS I 96 53.33 -35.24 -11.65
C LYS I 96 53.44 -34.06 -10.69
N PRO I 97 54.29 -34.12 -9.64
CA PRO I 97 54.43 -32.94 -8.78
C PRO I 97 54.94 -31.70 -9.51
N LEU I 98 55.73 -31.89 -10.57
CA LEU I 98 56.25 -30.77 -11.36
C LEU I 98 55.28 -30.32 -12.45
N GLY I 99 54.15 -31.01 -12.61
CA GLY I 99 53.14 -30.59 -13.57
C GLY I 99 53.60 -30.59 -15.01
N PHE I 100 54.62 -31.39 -15.34
CA PHE I 100 55.08 -31.44 -16.72
C PHE I 100 54.11 -32.21 -17.60
N LEU I 101 53.52 -33.28 -17.07
CA LEU I 101 52.48 -34.01 -17.79
C LEU I 101 51.15 -33.27 -17.82
N THR I 102 51.05 -32.11 -17.16
CA THR I 102 49.84 -31.31 -17.18
C THR I 102 49.77 -30.53 -18.48
N ARG I 103 48.70 -30.75 -19.24
CA ARG I 103 48.49 -30.02 -20.49
C ARG I 103 48.08 -28.59 -20.18
N ASP I 104 48.83 -27.63 -20.71
CA ASP I 104 48.53 -26.22 -20.49
C ASP I 104 47.39 -25.80 -21.41
N ALA I 105 46.21 -25.60 -20.85
CA ALA I 105 45.00 -25.34 -21.61
C ALA I 105 44.76 -23.84 -21.84
N ARG I 106 45.74 -22.99 -21.57
CA ARG I 106 45.57 -21.56 -21.80
C ARG I 106 45.66 -21.28 -23.30
N VAL I 107 44.54 -20.84 -23.87
CA VAL I 107 44.45 -20.53 -25.30
C VAL I 107 44.03 -19.07 -25.45
N VAL I 108 44.41 -18.48 -26.58
CA VAL I 108 44.03 -17.10 -26.86
C VAL I 108 42.51 -17.00 -26.90
N GLU I 109 41.97 -16.09 -26.09
CA GLU I 109 40.53 -15.96 -25.98
C GLU I 109 39.96 -15.25 -27.20
N ARG I 110 38.76 -15.67 -27.62
CA ARG I 110 38.15 -15.16 -28.83
C ARG I 110 37.70 -13.71 -28.67
N LYS I 111 37.98 -12.90 -29.69
CA LYS I 111 37.57 -11.51 -29.68
C LYS I 111 36.04 -11.40 -29.80
N LYS I 112 35.47 -10.46 -29.06
CA LYS I 112 34.02 -10.31 -28.96
C LYS I 112 33.60 -8.94 -29.43
N TYR I 113 32.36 -8.84 -29.91
CA TYR I 113 31.83 -7.58 -30.39
C TYR I 113 31.64 -6.60 -29.25
N GLY I 114 31.65 -5.32 -29.59
CA GLY I 114 31.45 -4.26 -28.61
C GLY I 114 32.73 -3.83 -27.93
N LYS I 115 33.69 -4.76 -27.83
CA LYS I 115 34.97 -4.48 -27.21
C LYS I 115 36.03 -4.28 -28.28
N HIS I 116 37.28 -4.11 -27.84
CA HIS I 116 38.40 -3.89 -28.75
C HIS I 116 39.20 -5.18 -28.99
N LYS I 117 39.70 -5.82 -27.93
CA LYS I 117 40.25 -7.17 -28.04
C LYS I 117 39.65 -8.03 -26.93
N ALA I 118 38.43 -8.50 -27.17
CA ALA I 118 37.75 -9.56 -26.42
C ALA I 118 37.41 -9.20 -24.99
N ARG I 119 38.08 -8.19 -24.43
CA ARG I 119 37.71 -7.64 -23.13
C ARG I 119 37.86 -6.13 -23.02
N ARG I 120 38.69 -5.49 -23.83
CA ARG I 120 39.04 -4.09 -23.67
C ARG I 120 37.87 -3.23 -24.12
N ALA I 121 37.05 -2.80 -23.16
CA ALA I 121 35.89 -1.98 -23.47
C ALA I 121 36.34 -0.61 -23.99
N PRO I 122 35.59 -0.03 -24.94
CA PRO I 122 35.99 1.27 -25.49
C PRO I 122 35.85 2.36 -24.46
N GLN I 123 36.85 3.25 -24.42
CA GLN I 123 36.85 4.36 -23.49
C GLN I 123 35.71 5.33 -23.79
N TYR I 124 35.02 5.76 -22.74
CA TYR I 124 33.99 6.79 -22.84
C TYR I 124 34.31 7.89 -21.84
N SER I 125 33.58 9.00 -21.95
CA SER I 125 33.82 10.17 -21.12
C SER I 125 32.60 10.64 -20.35
N LYS I 126 31.39 10.48 -20.90
CA LYS I 126 30.14 10.87 -20.27
C LYS I 126 30.03 12.39 -20.16
N ARG I 127 31.09 13.11 -20.53
CA ARG I 127 31.11 14.57 -20.56
C ARG I 127 32.45 15.06 -21.12
N LYS J 1 39.16 -45.13 -60.24
CA LYS J 1 39.69 -43.78 -60.42
C LYS J 1 38.61 -42.82 -60.88
N ILE J 2 37.69 -42.50 -59.98
CA ILE J 2 36.60 -41.55 -60.23
C ILE J 2 36.53 -40.59 -59.06
N ARG J 3 36.67 -39.29 -59.36
CA ARG J 3 36.65 -38.27 -58.31
C ARG J 3 35.23 -37.91 -57.94
N ILE J 4 34.94 -37.86 -56.64
CA ILE J 4 33.63 -37.51 -56.13
C ILE J 4 33.80 -36.45 -55.05
N LYS J 5 33.13 -35.31 -55.23
CA LYS J 5 33.13 -34.22 -54.27
C LYS J 5 31.69 -33.95 -53.86
N LEU J 6 31.35 -34.26 -52.61
CA LEU J 6 30.03 -33.98 -52.06
C LEU J 6 30.07 -32.68 -51.29
N ARG J 7 29.11 -31.80 -51.54
CA ARG J 7 29.05 -30.52 -50.85
C ARG J 7 27.63 -30.29 -50.31
N GLY J 8 27.56 -29.80 -49.08
CA GLY J 8 26.26 -29.58 -48.47
C GLY J 8 26.32 -28.64 -47.29
N PHE J 9 25.15 -28.32 -46.76
CA PHE J 9 25.02 -27.48 -45.58
C PHE J 9 24.75 -28.26 -44.31
N ASP J 10 24.31 -29.50 -44.41
CA ASP J 10 24.01 -30.35 -43.28
C ASP J 10 25.04 -31.47 -43.20
N HIS J 11 25.70 -31.60 -42.04
CA HIS J 11 26.68 -32.65 -41.85
C HIS J 11 26.06 -34.03 -41.71
N LYS J 12 24.74 -34.12 -41.51
CA LYS J 12 24.08 -35.42 -41.41
C LYS J 12 23.74 -35.98 -42.78
N THR J 13 23.19 -35.14 -43.65
CA THR J 13 22.77 -35.61 -44.98
C THR J 13 23.95 -36.06 -45.80
N LEU J 14 25.04 -35.28 -45.81
CA LEU J 14 26.24 -35.67 -46.54
C LEU J 14 26.78 -37.01 -46.03
N ASP J 15 26.86 -37.18 -44.71
CA ASP J 15 27.40 -38.40 -44.14
C ASP J 15 26.53 -39.60 -44.48
N ALA J 16 25.20 -39.45 -44.36
CA ALA J 16 24.31 -40.56 -44.68
C ALA J 16 24.37 -40.93 -46.15
N SER J 17 24.40 -39.93 -47.04
CA SER J 17 24.49 -40.21 -48.47
C SER J 17 25.82 -40.86 -48.82
N ALA J 18 26.92 -40.41 -48.19
CA ALA J 18 28.21 -41.01 -48.47
C ALA J 18 28.26 -42.47 -48.00
N GLN J 19 27.69 -42.76 -46.83
CA GLN J 19 27.64 -44.15 -46.37
C GLN J 19 26.76 -44.99 -47.27
N LYS J 20 25.66 -44.42 -47.77
CA LYS J 20 24.82 -45.15 -48.72
C LYS J 20 25.59 -45.48 -49.98
N ILE J 21 26.34 -44.52 -50.52
CA ILE J 21 27.14 -44.76 -51.71
C ILE J 21 28.21 -45.82 -51.44
N VAL J 22 28.82 -45.78 -50.26
CA VAL J 22 29.86 -46.76 -49.92
C VAL J 22 29.26 -48.15 -49.85
N GLU J 23 28.09 -48.30 -49.21
CA GLU J 23 27.47 -49.62 -49.12
C GLU J 23 26.99 -50.11 -50.47
N ALA J 24 26.54 -49.21 -51.34
CA ALA J 24 26.11 -49.61 -52.68
C ALA J 24 27.29 -49.92 -53.60
N ALA J 25 28.47 -49.41 -53.30
CA ALA J 25 29.65 -49.69 -54.11
C ALA J 25 30.51 -50.82 -53.56
N ARG J 26 30.32 -51.23 -52.30
CA ARG J 26 31.09 -52.33 -51.76
C ARG J 26 30.68 -53.66 -52.37
N ARG J 27 29.37 -53.92 -52.43
CA ARG J 27 28.88 -55.19 -52.94
C ARG J 27 29.14 -55.34 -54.44
N SER J 28 29.22 -54.24 -55.16
CA SER J 28 29.35 -54.26 -56.62
C SER J 28 30.68 -53.69 -57.11
N GLY J 29 31.60 -53.39 -56.21
CA GLY J 29 32.87 -52.84 -56.62
C GLY J 29 34.05 -53.37 -55.82
N ALA J 30 35.10 -52.56 -55.69
CA ALA J 30 36.31 -52.93 -54.99
C ALA J 30 36.26 -52.43 -53.55
N GLN J 31 37.39 -52.51 -52.85
CA GLN J 31 37.49 -52.06 -51.47
C GLN J 31 37.47 -50.54 -51.46
N VAL J 32 36.29 -49.97 -51.19
CA VAL J 32 36.12 -48.52 -51.26
C VAL J 32 37.00 -47.84 -50.23
N SER J 33 37.62 -46.74 -50.62
CA SER J 33 38.56 -46.03 -49.78
C SER J 33 37.90 -45.10 -48.76
N GLY J 34 36.57 -45.11 -48.66
CA GLY J 34 35.88 -44.33 -47.67
C GLY J 34 35.96 -42.83 -47.91
N PRO J 35 35.14 -42.07 -47.19
CA PRO J 35 35.12 -40.61 -47.38
C PRO J 35 36.22 -39.92 -46.58
N ILE J 36 36.60 -38.74 -47.07
CA ILE J 36 37.64 -37.92 -46.45
C ILE J 36 37.00 -36.60 -46.03
N PRO J 37 37.33 -36.07 -44.84
CA PRO J 37 36.56 -34.92 -44.31
C PRO J 37 36.53 -33.68 -45.20
N LEU J 38 37.64 -33.32 -45.87
CA LEU J 38 37.65 -32.16 -46.76
C LEU J 38 37.17 -30.89 -46.06
N PRO J 39 38.05 -30.23 -45.27
CA PRO J 39 37.60 -29.23 -44.28
C PRO J 39 36.53 -28.24 -44.71
N THR J 40 35.73 -27.82 -43.74
CA THR J 40 34.53 -27.03 -43.98
C THR J 40 34.88 -25.60 -44.38
N ARG J 41 34.06 -25.03 -45.27
CA ARG J 41 34.16 -23.63 -45.66
C ARG J 41 33.09 -22.83 -44.93
N VAL J 42 33.52 -21.98 -44.00
CA VAL J 42 32.61 -21.21 -43.17
C VAL J 42 32.61 -19.77 -43.65
N ARG J 43 31.41 -19.20 -43.84
CA ARG J 43 31.25 -17.81 -44.25
C ARG J 43 30.32 -17.13 -43.25
N ARG J 44 30.82 -16.10 -42.58
CA ARG J 44 30.07 -15.43 -41.54
C ARG J 44 29.43 -14.15 -42.06
N PHE J 45 28.44 -13.66 -41.30
CA PHE J 45 27.74 -12.42 -41.61
C PHE J 45 27.42 -11.70 -40.31
N THR J 46 27.91 -10.48 -40.16
CA THR J 46 27.67 -9.67 -38.97
C THR J 46 26.68 -8.57 -39.31
N VAL J 47 25.59 -8.48 -38.54
CA VAL J 47 24.48 -7.58 -38.84
C VAL J 47 23.98 -6.98 -37.54
N ILE J 48 23.89 -5.65 -37.50
CA ILE J 48 23.38 -4.96 -36.31
C ILE J 48 21.97 -5.48 -36.00
N ARG J 49 21.70 -5.67 -34.70
CA ARG J 49 20.42 -6.23 -34.27
C ARG J 49 19.27 -5.30 -34.64
N GLY J 50 19.32 -4.06 -34.16
CA GLY J 50 18.22 -3.14 -34.33
C GLY J 50 18.22 -2.45 -35.67
N PRO J 51 17.06 -1.94 -36.09
CA PRO J 51 16.99 -1.16 -37.33
C PRO J 51 17.63 0.21 -37.22
N PHE J 52 17.89 0.69 -36.01
CA PHE J 52 18.52 1.99 -35.79
C PHE J 52 19.86 1.80 -35.07
N LYS J 53 20.41 2.91 -34.58
CA LYS J 53 21.84 3.03 -34.27
C LYS J 53 22.45 1.86 -33.53
N HIS J 54 22.18 1.74 -32.22
CA HIS J 54 22.34 0.52 -31.41
C HIS J 54 23.47 -0.39 -31.88
N LYS J 55 24.69 0.15 -31.92
CA LYS J 55 25.78 -0.44 -32.70
C LYS J 55 26.44 -1.66 -32.05
N ASP J 56 26.18 -1.95 -30.78
CA ASP J 56 27.04 -2.85 -30.01
C ASP J 56 26.40 -4.19 -29.67
N SER J 57 25.56 -4.75 -30.55
CA SER J 57 25.05 -6.09 -30.34
C SER J 57 25.44 -7.06 -31.46
N ARG J 58 25.03 -6.79 -32.70
CA ARG J 58 25.56 -7.35 -33.94
C ARG J 58 25.24 -8.82 -34.25
N GLU J 59 24.81 -9.61 -33.26
CA GLU J 59 24.16 -10.92 -33.46
C GLU J 59 24.56 -11.68 -34.72
N HIS J 60 25.85 -11.95 -34.91
CA HIS J 60 26.28 -12.46 -36.22
C HIS J 60 25.89 -13.92 -36.41
N PHE J 61 25.70 -14.30 -37.69
CA PHE J 61 25.36 -15.64 -38.12
C PHE J 61 26.49 -16.23 -38.95
N GLU J 62 26.35 -17.52 -39.27
CA GLU J 62 27.34 -18.24 -40.06
C GLU J 62 26.63 -19.16 -41.05
N LEU J 63 27.37 -19.57 -42.08
CA LEU J 63 26.89 -20.52 -43.07
C LEU J 63 28.07 -21.41 -43.46
N ARG J 64 27.93 -22.71 -43.23
CA ARG J 64 29.02 -23.65 -43.43
C ARG J 64 28.75 -24.58 -44.60
N THR J 65 29.83 -24.96 -45.29
CA THR J 65 29.78 -25.85 -46.45
C THR J 65 30.72 -27.01 -46.18
N HIS J 66 30.15 -28.20 -45.99
CA HIS J 66 30.91 -29.41 -45.73
C HIS J 66 31.07 -30.22 -47.02
N ASN J 67 32.15 -31.00 -47.08
CA ASN J 67 32.51 -31.74 -48.28
C ASN J 67 32.91 -33.17 -47.92
N ARG J 68 32.80 -34.05 -48.92
CA ARG J 68 33.12 -35.46 -48.80
C ARG J 68 33.86 -35.92 -50.06
N LEU J 69 34.72 -36.91 -49.89
CA LEU J 69 35.75 -37.31 -50.86
C LEU J 69 35.76 -38.82 -51.06
N VAL J 70 34.61 -39.38 -51.42
CA VAL J 70 34.45 -40.84 -51.50
C VAL J 70 35.58 -41.48 -52.32
N ASP J 71 35.69 -41.11 -53.60
CA ASP J 71 36.83 -41.46 -54.45
C ASP J 71 37.01 -42.99 -54.53
N ILE J 72 36.02 -43.64 -55.16
CA ILE J 72 36.07 -45.09 -55.32
C ILE J 72 37.16 -45.47 -56.33
N ILE J 73 37.88 -46.54 -56.03
CA ILE J 73 38.88 -47.10 -56.94
C ILE J 73 38.24 -48.26 -57.69
N ASN J 74 38.86 -48.62 -58.82
CA ASN J 74 38.39 -49.71 -59.67
C ASN J 74 36.96 -49.47 -60.14
N PRO J 75 36.74 -48.52 -61.06
CA PRO J 75 35.38 -48.23 -61.50
C PRO J 75 34.78 -49.37 -62.31
N ASN J 76 34.37 -50.44 -61.63
CA ASN J 76 33.81 -51.59 -62.31
C ASN J 76 32.47 -51.23 -62.95
N ARG J 77 32.13 -51.94 -64.03
CA ARG J 77 30.87 -51.70 -64.71
C ARG J 77 29.68 -52.25 -63.95
N LYS J 78 29.91 -53.14 -62.99
CA LYS J 78 28.84 -53.63 -62.13
C LYS J 78 28.56 -52.69 -60.97
N THR J 79 29.47 -51.76 -60.68
CA THR J 79 29.29 -50.87 -59.54
C THR J 79 28.20 -49.85 -59.78
N ILE J 80 28.12 -49.32 -61.00
CA ILE J 80 27.12 -48.29 -61.32
C ILE J 80 25.72 -48.85 -61.43
N GLU J 81 25.56 -50.17 -61.36
CA GLU J 81 24.22 -50.76 -61.31
C GLU J 81 23.45 -50.27 -60.09
N GLN J 82 24.04 -50.46 -58.90
CA GLN J 82 23.44 -49.94 -57.66
C GLN J 82 23.60 -48.44 -57.52
N LEU J 83 24.23 -47.75 -58.47
CA LEU J 83 24.59 -46.36 -58.32
C LEU J 83 23.98 -45.50 -59.43
N MET J 84 24.25 -44.20 -59.32
CA MET J 84 23.99 -43.14 -60.30
C MET J 84 22.51 -42.76 -60.41
N THR J 85 21.61 -43.56 -59.84
CA THR J 85 20.30 -43.05 -59.44
C THR J 85 19.77 -43.94 -58.32
N LEU J 86 20.17 -43.62 -57.08
CA LEU J 86 19.53 -44.17 -55.87
C LEU J 86 19.93 -43.24 -54.73
N ASP J 87 19.02 -42.35 -54.32
CA ASP J 87 19.41 -41.39 -53.31
C ASP J 87 18.18 -40.83 -52.59
N LEU J 88 18.29 -40.74 -51.27
CA LEU J 88 17.40 -39.98 -50.40
C LEU J 88 17.72 -38.48 -50.33
N PRO J 89 19.00 -38.07 -50.22
CA PRO J 89 19.28 -36.67 -49.90
C PRO J 89 18.78 -35.69 -50.95
N THR J 90 18.44 -34.49 -50.48
CA THR J 90 17.97 -33.40 -51.34
C THR J 90 18.90 -32.19 -51.31
N GLY J 91 19.25 -31.69 -50.13
CA GLY J 91 20.11 -30.53 -50.01
C GLY J 91 21.58 -30.84 -50.13
N VAL J 92 21.91 -31.85 -50.93
CA VAL J 92 23.29 -32.30 -51.15
C VAL J 92 23.60 -32.16 -52.63
N GLU J 93 24.77 -31.60 -52.95
CA GLU J 93 25.21 -31.47 -54.33
C GLU J 93 26.41 -32.38 -54.56
N ILE J 94 26.44 -33.00 -55.73
CA ILE J 94 27.43 -34.02 -56.06
C ILE J 94 28.25 -33.55 -57.25
N GLU J 95 29.55 -33.79 -57.20
CA GLU J 95 30.47 -33.50 -58.29
C GLU J 95 31.21 -34.77 -58.65
N ILE J 96 31.28 -35.07 -59.95
CA ILE J 96 31.90 -36.31 -60.43
C ILE J 96 32.88 -35.96 -61.54
N LYS J 97 34.07 -36.55 -61.47
CA LYS J 97 35.08 -36.40 -62.51
C LYS J 97 35.77 -37.74 -62.71
N THR J 98 36.59 -37.81 -63.75
CA THR J 98 37.29 -39.05 -64.11
C THR J 98 38.71 -39.06 -63.55
N VAL J 99 39.36 -40.21 -63.65
N LYS K 1 67.82 21.81 41.34
CA LYS K 1 68.77 20.97 42.07
C LYS K 1 68.24 20.64 43.46
N ARG K 2 67.51 19.52 43.57
CA ARG K 2 66.91 19.14 44.84
C ARG K 2 67.22 17.69 45.20
N GLN K 3 67.41 16.84 44.19
CA GLN K 3 67.67 15.41 44.37
C GLN K 3 66.52 14.75 45.13
N VAL K 4 65.35 14.75 44.47
CA VAL K 4 64.13 14.27 45.10
C VAL K 4 64.15 12.75 45.25
N ALA K 5 64.45 12.04 44.16
CA ALA K 5 64.66 10.59 44.12
C ALA K 5 63.36 9.79 44.29
N SER K 6 62.25 10.47 44.61
CA SER K 6 60.96 9.81 44.73
C SER K 6 59.84 10.84 44.77
N GLY K 7 58.82 10.69 43.94
CA GLY K 7 57.75 11.65 43.90
C GLY K 7 56.46 11.10 43.32
N ARG K 8 55.59 12.02 42.90
CA ARG K 8 54.29 11.71 42.34
C ARG K 8 54.21 12.20 40.90
N ALA K 9 53.28 11.62 40.15
CA ALA K 9 53.08 11.95 38.74
C ALA K 9 51.59 12.10 38.47
N TYR K 10 51.15 13.33 38.19
CA TYR K 10 49.77 13.62 37.85
C TYR K 10 49.62 13.70 36.34
N ILE K 11 48.62 13.00 35.80
CA ILE K 11 48.35 13.00 34.37
C ILE K 11 46.95 13.55 34.17
N HIS K 12 46.86 14.76 33.63
CA HIS K 12 45.59 15.40 33.29
C HIS K 12 45.34 15.15 31.81
N ALA K 13 44.48 14.18 31.51
CA ALA K 13 44.20 13.78 30.15
C ALA K 13 42.80 14.25 29.77
N SER K 14 42.73 15.09 28.74
CA SER K 14 41.47 15.57 28.20
C SER K 14 41.40 15.28 26.71
N TYR K 15 40.21 15.46 26.14
CA TYR K 15 40.04 15.24 24.70
C TYR K 15 40.78 16.26 23.86
N ASN K 16 41.25 17.36 24.45
CA ASN K 16 41.97 18.39 23.72
C ASN K 16 43.45 18.42 23.99
N ASN K 17 43.91 17.87 25.12
CA ASN K 17 45.33 17.88 25.46
C ASN K 17 45.57 16.96 26.64
N THR K 18 46.77 16.38 26.68
CA THR K 18 47.26 15.60 27.81
C THR K 18 48.46 16.31 28.40
N ILE K 19 48.48 16.50 29.71
CA ILE K 19 49.51 17.28 30.38
C ILE K 19 49.96 16.54 31.64
N VAL K 20 51.27 16.38 31.79
CA VAL K 20 51.85 15.62 32.89
C VAL K 20 52.61 16.57 33.81
N THR K 21 52.33 16.48 35.10
CA THR K 21 53.01 17.26 36.13
C THR K 21 53.67 16.30 37.11
N ILE K 22 54.99 16.34 37.19
CA ILE K 22 55.75 15.51 38.11
C ILE K 22 56.06 16.34 39.35
N THR K 23 55.57 15.90 40.51
CA THR K 23 55.71 16.62 41.76
C THR K 23 56.45 15.77 42.77
N ASP K 24 56.67 16.34 43.94
CA ASP K 24 57.25 15.63 45.07
C ASP K 24 56.13 15.01 45.91
N PRO K 25 56.47 14.13 46.86
CA PRO K 25 55.42 13.48 47.67
C PRO K 25 54.51 14.45 48.42
N ASP K 26 54.88 15.73 48.55
CA ASP K 26 54.00 16.71 49.15
C ASP K 26 53.10 17.41 48.14
N GLY K 27 53.28 17.16 46.85
CA GLY K 27 52.47 17.75 45.82
C GLY K 27 53.10 18.91 45.08
N ASN K 28 54.16 19.49 45.63
CA ASN K 28 54.81 20.62 44.98
C ASN K 28 55.50 20.15 43.70
N PRO K 29 55.23 20.77 42.56
CA PRO K 29 55.80 20.27 41.30
C PRO K 29 57.29 20.54 41.19
N ILE K 30 57.92 19.81 40.27
CA ILE K 30 59.34 19.92 40.01
C ILE K 30 59.52 20.35 38.55
N THR K 31 59.05 19.49 37.63
CA THR K 31 59.00 19.79 36.21
C THR K 31 57.62 19.43 35.70
N TRP K 32 57.40 19.65 34.41
CA TRP K 32 56.13 19.28 33.77
C TRP K 32 56.32 19.34 32.27
N SER K 33 55.29 18.88 31.55
CA SER K 33 55.28 18.90 30.10
C SER K 33 53.84 18.72 29.64
N SER K 34 53.64 18.83 28.33
CA SER K 34 52.32 18.68 27.72
C SER K 34 52.52 18.54 26.22
N GLY K 35 51.41 18.50 25.48
CA GLY K 35 51.50 18.47 24.03
C GLY K 35 52.00 19.78 23.44
N GLY K 36 51.75 20.90 24.13
CA GLY K 36 52.24 22.17 23.65
C GLY K 36 53.72 22.40 23.92
N VAL K 37 54.25 21.79 24.97
CA VAL K 37 55.68 21.88 25.22
C VAL K 37 56.46 21.20 24.09
N ILE K 38 55.94 20.08 23.59
CA ILE K 38 56.46 19.48 22.37
C ILE K 38 55.96 20.30 21.20
N GLY K 39 56.54 20.07 20.01
CA GLY K 39 56.23 20.89 18.86
C GLY K 39 54.77 20.90 18.44
N TYR K 40 53.97 19.96 18.94
CA TYR K 40 52.56 19.91 18.56
C TYR K 40 51.81 21.13 19.07
N LYS K 41 50.99 21.71 18.21
CA LYS K 41 50.36 23.00 18.46
C LYS K 41 48.85 22.91 18.57
N GLY K 42 48.18 22.33 17.58
CA GLY K 42 46.73 22.32 17.55
C GLY K 42 46.09 21.10 18.19
N SER K 43 45.26 20.40 17.42
CA SER K 43 44.56 19.23 17.94
C SER K 43 45.50 18.05 18.20
N ARG K 44 46.68 18.04 17.57
CA ARG K 44 47.63 16.95 17.75
C ARG K 44 48.07 16.77 19.20
N LYS K 45 47.69 17.68 20.10
CA LYS K 45 48.01 17.52 21.52
C LYS K 45 47.10 16.49 22.19
N GLY K 46 45.87 16.33 21.68
CA GLY K 46 44.94 15.39 22.28
C GLY K 46 45.07 13.98 21.73
N THR K 47 46.28 13.63 21.30
CA THR K 47 46.79 12.43 20.66
C THR K 47 47.51 11.54 21.66
N PRO K 48 47.31 10.21 21.59
CA PRO K 48 48.07 9.32 22.47
C PRO K 48 49.58 9.40 22.26
N TYR K 49 50.03 9.60 21.02
CA TYR K 49 51.47 9.74 20.77
C TYR K 49 52.01 11.01 21.40
N ALA K 50 51.26 12.11 21.31
CA ALA K 50 51.67 13.34 21.98
C ALA K 50 51.70 13.17 23.49
N ALA K 51 50.75 12.41 24.03
CA ALA K 51 50.75 12.13 25.45
C ALA K 51 51.99 11.32 25.85
N GLN K 52 52.36 10.35 25.01
CA GLN K 52 53.59 9.59 25.27
C GLN K 52 54.81 10.49 25.24
N LEU K 53 54.89 11.40 24.26
CA LEU K 53 56.01 12.32 24.19
C LEU K 53 56.07 13.21 25.42
N ALA K 54 54.91 13.72 25.86
CA ALA K 54 54.88 14.58 27.03
C ALA K 54 55.30 13.82 28.28
N ALA K 55 54.82 12.59 28.44
CA ALA K 55 55.20 11.79 29.60
C ALA K 55 56.70 11.53 29.62
N LEU K 56 57.26 11.15 28.46
CA LEU K 56 58.69 10.86 28.40
C LEU K 56 59.52 12.12 28.62
N ASP K 57 59.05 13.27 28.13
CA ASP K 57 59.79 14.51 28.33
C ASP K 57 59.78 14.93 29.79
N ALA K 58 58.61 14.83 30.45
CA ALA K 58 58.56 15.11 31.88
C ALA K 58 59.43 14.14 32.67
N ALA K 59 59.46 12.87 32.26
CA ALA K 59 60.30 11.88 32.93
C ALA K 59 61.77 12.23 32.79
N LYS K 60 62.20 12.62 31.59
CA LYS K 60 63.61 12.97 31.39
C LYS K 60 63.97 14.24 32.15
N LYS K 61 63.03 15.20 32.23
CA LYS K 61 63.26 16.38 33.06
C LYS K 61 63.37 16.01 34.52
N ALA K 62 62.63 14.99 34.96
CA ALA K 62 62.73 14.55 36.35
C ALA K 62 64.02 13.77 36.59
N MET K 63 64.57 13.13 35.57
CA MET K 63 65.86 12.45 35.72
C MET K 63 66.96 13.42 36.10
N ALA K 64 66.88 14.67 35.62
CA ALA K 64 67.87 15.68 35.99
C ALA K 64 67.88 15.92 37.49
N TYR K 65 66.70 15.88 38.12
CA TYR K 65 66.59 15.96 39.57
C TYR K 65 66.89 14.62 40.24
N GLY K 66 67.38 13.63 39.49
CA GLY K 66 67.77 12.36 40.05
C GLY K 66 66.66 11.59 40.72
N MET K 67 65.51 11.46 40.05
CA MET K 67 64.36 10.75 40.60
C MET K 67 64.23 9.38 39.96
N GLN K 68 63.87 8.39 40.78
CA GLN K 68 63.83 7.00 40.35
C GLN K 68 62.44 6.40 40.41
N SER K 69 61.76 6.47 41.56
CA SER K 69 60.47 5.85 41.76
C SER K 69 59.37 6.91 41.83
N VAL K 70 58.23 6.63 41.21
CA VAL K 70 57.13 7.59 41.11
C VAL K 70 55.83 6.93 41.57
N ASP K 71 54.84 7.76 41.82
CA ASP K 71 53.46 7.34 42.08
C ASP K 71 52.56 8.05 41.09
N VAL K 72 51.94 7.30 40.19
CA VAL K 72 51.16 7.87 39.11
C VAL K 72 49.73 8.13 39.57
N ILE K 73 49.18 9.27 39.16
CA ILE K 73 47.82 9.68 39.49
C ILE K 73 47.15 10.18 38.21
N VAL K 74 46.02 9.57 37.86
CA VAL K 74 45.32 9.85 36.61
C VAL K 74 44.09 10.69 36.92
N ARG K 75 43.89 11.76 36.13
CA ARG K 75 42.70 12.59 36.23
C ARG K 75 42.20 12.90 34.82
N GLY K 76 40.91 12.68 34.60
CA GLY K 76 40.30 13.05 33.33
C GLY K 76 40.22 11.91 32.33
N THR K 77 39.08 11.76 31.67
CA THR K 77 38.90 10.78 30.62
C THR K 77 39.23 11.44 29.29
N GLY K 78 40.42 11.14 28.77
CA GLY K 78 40.86 11.70 27.51
C GLY K 78 41.70 10.71 26.74
N ALA K 79 41.72 10.87 25.43
CA ALA K 79 42.55 10.03 24.58
C ALA K 79 44.02 10.20 24.94
N GLY K 80 44.72 9.08 25.07
CA GLY K 80 46.13 9.11 25.41
C GLY K 80 46.43 9.02 26.90
N ARG K 81 45.44 8.71 27.73
CA ARG K 81 45.71 8.50 29.14
C ARG K 81 46.52 7.22 29.37
N GLU K 82 46.00 6.09 28.89
CA GLU K 82 46.72 4.83 29.02
C GLU K 82 48.04 4.85 28.26
N GLN K 83 48.13 5.64 27.20
CA GLN K 83 49.40 5.73 26.48
C GLN K 83 50.46 6.43 27.32
N ALA K 84 50.09 7.52 28.00
CA ALA K 84 51.02 8.13 28.95
C ALA K 84 51.34 7.21 30.11
N ILE K 85 50.36 6.42 30.54
CA ILE K 85 50.60 5.41 31.57
C ILE K 85 51.71 4.46 31.13
N ARG K 86 51.55 3.86 29.95
CA ARG K 86 52.56 2.92 29.45
C ARG K 86 53.88 3.62 29.15
N ALA K 87 53.85 4.89 28.79
CA ALA K 87 55.08 5.64 28.57
C ALA K 87 55.87 5.77 29.86
N LEU K 88 55.22 6.23 30.93
CA LEU K 88 55.89 6.35 32.22
C LEU K 88 56.22 4.99 32.84
N GLN K 89 55.50 3.93 32.44
CA GLN K 89 55.70 2.64 33.06
C GLN K 89 57.08 2.07 32.77
N ALA K 90 57.54 2.20 31.53
CA ALA K 90 58.89 1.79 31.13
C ALA K 90 59.58 3.01 30.53
N SER K 91 60.15 3.84 31.41
CA SER K 91 60.86 5.04 30.98
C SER K 91 62.10 5.29 31.83
N GLY K 92 62.63 4.25 32.50
CA GLY K 92 63.65 4.42 33.50
C GLY K 92 63.11 4.72 34.88
N LEU K 93 61.94 5.36 34.94
CA LEU K 93 61.27 5.59 36.21
C LEU K 93 60.52 4.34 36.66
N GLN K 94 60.63 4.01 37.94
CA GLN K 94 59.90 2.90 38.52
C GLN K 94 58.52 3.41 38.95
N VAL K 95 57.47 2.79 38.40
CA VAL K 95 56.11 3.14 38.75
C VAL K 95 55.66 2.28 39.93
N LYS K 96 55.38 2.92 41.06
CA LYS K 96 55.00 2.20 42.26
C LYS K 96 53.50 1.91 42.32
N SER K 97 52.67 2.82 41.83
CA SER K 97 51.24 2.63 41.85
C SER K 97 50.58 3.56 40.84
N ILE K 98 49.40 3.16 40.37
CA ILE K 98 48.58 3.97 39.49
C ILE K 98 47.22 4.15 40.14
N VAL K 99 46.77 5.40 40.25
CA VAL K 99 45.54 5.74 40.94
C VAL K 99 44.75 6.70 40.07
N ASP K 100 43.48 6.39 39.82
CA ASP K 100 42.59 7.28 39.08
C ASP K 100 41.86 8.16 40.09
N ASP K 101 42.10 9.47 40.02
CA ASP K 101 41.50 10.44 40.92
C ASP K 101 40.72 11.49 40.15
N THR K 102 39.95 11.05 39.15
CA THR K 102 39.16 11.96 38.34
C THR K 102 38.11 12.65 39.21
N PRO K 103 38.09 13.98 39.28
CA PRO K 103 37.12 14.67 40.14
C PRO K 103 35.70 14.58 39.59
N VAL K 104 34.88 13.76 40.23
CA VAL K 104 33.48 13.61 39.85
C VAL K 104 32.63 14.39 40.86
N PRO K 105 31.81 15.32 40.41
CA PRO K 105 30.95 16.05 41.35
C PRO K 105 29.72 15.23 41.74
N HIS K 106 29.03 15.73 42.76
CA HIS K 106 27.80 15.13 43.27
C HIS K 106 26.57 15.87 42.74
N ASN K 107 26.65 16.32 41.49
CA ASN K 107 25.60 17.10 40.83
C ASN K 107 25.48 18.48 41.46
N GLY K 108 26.60 19.21 41.43
CA GLY K 108 26.72 20.50 42.10
C GLY K 108 26.40 21.66 41.18
N CYS K 109 27.12 21.74 40.07
CA CYS K 109 27.04 22.86 39.15
C CYS K 109 26.43 22.41 37.82
N ARG K 110 25.76 23.35 37.16
CA ARG K 110 25.13 23.06 35.87
C ARG K 110 26.18 23.08 34.76
N PRO K 111 26.31 22.02 33.98
CA PRO K 111 27.34 22.00 32.93
C PRO K 111 26.97 22.89 31.76
N LYS K 112 27.95 23.10 30.89
CA LYS K 112 27.72 23.84 29.65
C LYS K 112 26.78 23.06 28.74
N LYS K 113 26.21 23.78 27.76
CA LYS K 113 25.32 23.15 26.80
C LYS K 113 25.98 21.97 26.10
N LYS K 114 27.30 22.03 25.92
CA LYS K 114 28.02 20.92 25.31
C LYS K 114 27.90 19.64 26.13
N PHE K 115 27.79 19.76 27.45
CA PHE K 115 27.75 18.61 28.35
C PHE K 115 26.39 18.42 29.01
N ARG K 116 25.35 19.02 28.45
CA ARG K 116 24.02 18.95 29.06
C ARG K 116 23.36 17.61 28.73
N LYS K 117 22.04 17.52 28.96
CA LYS K 117 21.30 16.27 29.00
C LYS K 117 21.76 15.40 30.17
N ALA K 118 22.28 16.05 31.20
CA ALA K 118 22.72 15.41 32.44
C ALA K 118 22.76 16.48 33.52
N SER K 119 23.28 16.13 34.68
CA SER K 119 23.37 17.08 35.79
C SER K 119 24.61 16.84 36.64
N PRO L 1 -24.35 12.89 25.64
CA PRO L 1 -24.70 13.66 26.84
C PRO L 1 -25.86 13.03 27.61
N THR L 2 -25.82 13.12 28.93
CA THR L 2 -26.89 12.56 29.74
C THR L 2 -28.21 13.28 29.46
N ILE L 3 -29.32 12.60 29.73
CA ILE L 3 -30.65 13.20 29.54
C ILE L 3 -30.75 14.49 30.33
N ASN L 4 -30.12 14.55 31.51
CA ASN L 4 -30.15 15.77 32.31
C ASN L 4 -29.49 16.92 31.57
N GLN L 5 -28.36 16.67 30.92
CA GLN L 5 -27.71 17.72 30.13
C GLN L 5 -28.61 18.16 28.97
N LEU L 6 -29.30 17.21 28.35
CA LEU L 6 -30.22 17.56 27.26
C LEU L 6 -31.38 18.41 27.77
N VAL L 7 -31.83 18.19 29.01
CA VAL L 7 -32.86 19.03 29.58
C VAL L 7 -32.30 20.40 29.93
N ARG L 8 -31.02 20.47 30.32
CA ARG L 8 -30.41 21.75 30.68
C ARG L 8 -29.96 22.52 29.44
N LYS L 9 -29.05 21.95 28.66
CA LYS L 9 -28.51 22.66 27.50
C LYS L 9 -29.41 22.52 26.28
N GLY L 10 -29.77 21.29 25.93
CA GLY L 10 -30.61 21.04 24.78
C GLY L 10 -29.84 21.03 23.47
N ARG L 11 -30.33 20.27 22.49
CA ARG L 11 -29.70 20.22 21.18
C ARG L 11 -29.74 21.59 20.51
N GLU L 12 -28.80 21.80 19.60
CA GLU L 12 -28.61 23.08 18.92
C GLU L 12 -28.98 22.91 17.45
N LYS L 13 -30.06 23.55 17.03
CA LYS L 13 -30.45 23.51 15.63
C LYS L 13 -29.44 24.28 14.79
N VAL L 14 -29.09 23.73 13.63
CA VAL L 14 -28.09 24.30 12.74
C VAL L 14 -28.78 25.15 11.68
N ARG L 15 -28.30 26.37 11.49
CA ARG L 15 -28.81 27.27 10.48
C ARG L 15 -27.89 27.26 9.27
N LYS L 16 -28.49 27.22 8.08
CA LYS L 16 -27.73 27.18 6.83
C LYS L 16 -27.51 28.60 6.32
N LYS L 17 -26.25 28.97 6.11
CA LYS L 17 -25.92 30.26 5.54
C LYS L 17 -26.21 30.26 4.04
N SER L 18 -26.91 31.27 3.57
CA SER L 18 -27.31 31.32 2.18
C SER L 18 -26.10 31.53 1.27
N LYS L 19 -25.98 30.70 0.24
CA LYS L 19 -24.90 30.84 -0.72
C LYS L 19 -25.14 31.98 -1.71
N VAL L 20 -26.37 32.47 -1.80
CA VAL L 20 -26.74 33.56 -2.71
C VAL L 20 -27.34 34.70 -1.90
N PRO L 21 -26.52 35.65 -1.43
CA PRO L 21 -27.02 36.88 -0.79
C PRO L 21 -27.61 37.89 -1.79
N ALA L 22 -28.39 37.39 -2.73
CA ALA L 22 -29.33 38.22 -3.49
C ALA L 22 -30.51 38.44 -2.56
N LEU L 23 -30.56 39.61 -1.92
CA LEU L 23 -31.42 39.82 -0.77
C LEU L 23 -32.89 39.70 -1.14
N LYS L 24 -33.74 39.75 -0.12
CA LYS L 24 -35.17 39.48 -0.20
C LYS L 24 -35.47 38.05 -0.65
N GLY L 25 -34.48 37.16 -0.60
CA GLY L 25 -34.67 35.79 -1.05
C GLY L 25 -35.12 35.66 -2.48
N ALA L 26 -34.82 36.66 -3.31
CA ALA L 26 -35.31 36.69 -4.67
C ALA L 26 -34.63 35.62 -5.53
N PRO L 27 -35.33 35.10 -6.55
CA PRO L 27 -34.69 34.15 -7.47
C PRO L 27 -33.77 34.84 -8.46
N PHE L 28 -34.07 36.10 -8.76
CA PHE L 28 -33.26 36.91 -9.65
C PHE L 28 -33.16 38.31 -9.08
N ARG L 29 -32.15 39.06 -9.54
CA ARG L 29 -32.00 40.44 -9.12
C ARG L 29 -31.46 41.27 -10.27
N ARG L 30 -32.04 42.45 -10.45
CA ARG L 30 -31.65 43.35 -11.53
C ARG L 30 -30.49 44.23 -11.09
N GLY L 31 -29.58 44.50 -12.03
CA GLY L 31 -28.45 45.35 -11.73
C GLY L 31 -27.93 46.01 -13.00
N VAL L 32 -27.00 46.94 -12.80
CA VAL L 32 -26.34 47.64 -13.89
C VAL L 32 -24.85 47.33 -13.83
N CYS L 33 -24.25 47.03 -14.97
CA CYS L 33 -22.84 46.67 -15.00
C CYS L 33 -21.97 47.88 -14.62
N THR L 34 -20.77 47.57 -14.12
CA THR L 34 -19.76 48.59 -13.87
C THR L 34 -18.53 48.37 -14.73
N VAL L 35 -17.93 47.18 -14.68
CA VAL L 35 -16.81 46.80 -15.52
C VAL L 35 -17.08 45.42 -16.10
N VAL L 36 -16.61 45.21 -17.33
CA VAL L 36 -16.70 43.92 -17.99
C VAL L 36 -15.27 43.48 -18.28
N ARG L 37 -14.72 42.62 -17.43
CA ARG L 37 -13.31 42.25 -17.48
C ARG L 37 -13.15 40.80 -17.92
N THR L 38 -11.91 40.35 -17.89
CA THR L 38 -11.54 38.98 -18.20
C THR L 38 -10.67 38.44 -17.06
N VAL L 39 -11.08 37.31 -16.48
CA VAL L 39 -10.42 36.73 -15.32
C VAL L 39 -9.89 35.35 -15.71
N THR L 40 -8.72 35.01 -15.19
CA THR L 40 -8.09 33.70 -15.40
C THR L 40 -8.56 32.72 -14.32
N PRO L 41 -8.81 31.47 -14.70
CA PRO L 41 -9.32 30.49 -13.74
C PRO L 41 -8.24 29.99 -12.79
N LYS L 42 -8.59 29.02 -11.95
CA LYS L 42 -7.67 28.46 -10.97
C LYS L 42 -6.88 27.31 -11.59
N LYS L 43 -6.16 26.57 -10.76
CA LYS L 43 -5.09 25.62 -11.12
C LYS L 43 -5.43 24.70 -12.30
N PRO L 44 -6.50 23.89 -12.25
CA PRO L 44 -6.62 22.81 -13.24
C PRO L 44 -6.93 23.29 -14.64
N ASN L 45 -7.40 24.53 -14.82
CA ASN L 45 -7.86 25.00 -16.12
C ASN L 45 -7.10 26.23 -16.56
N SER L 46 -7.42 26.70 -17.76
CA SER L 46 -6.82 27.90 -18.33
C SER L 46 -7.71 28.38 -19.47
N ALA L 47 -8.20 29.60 -19.38
CA ALA L 47 -9.05 30.21 -20.39
C ALA L 47 -9.17 31.70 -20.09
N LEU L 48 -10.02 32.40 -20.84
CA LEU L 48 -10.32 33.80 -20.60
C LEU L 48 -11.82 33.91 -20.38
N ARG L 49 -12.23 33.98 -19.11
CA ARG L 49 -13.64 34.00 -18.75
C ARG L 49 -14.18 35.42 -18.72
N LYS L 50 -15.45 35.56 -19.08
CA LYS L 50 -16.11 36.87 -19.19
C LYS L 50 -16.93 37.11 -17.93
N VAL L 51 -16.47 38.04 -17.11
CA VAL L 51 -17.13 38.38 -15.85
C VAL L 51 -17.50 39.86 -15.87
N ALA L 52 -18.54 40.21 -15.13
CA ALA L 52 -18.99 41.59 -15.03
C ALA L 52 -19.34 41.91 -13.59
N LYS L 53 -18.81 43.03 -13.08
CA LYS L 53 -19.14 43.48 -11.73
C LYS L 53 -20.45 44.25 -11.79
N VAL L 54 -21.53 43.64 -11.32
CA VAL L 54 -22.87 44.21 -11.42
C VAL L 54 -23.22 44.90 -10.11
N ARG L 55 -23.70 46.13 -10.21
CA ARG L 55 -24.25 46.88 -9.09
C ARG L 55 -25.74 46.58 -9.00
N LEU L 56 -26.16 45.96 -7.91
CA LEU L 56 -27.50 45.41 -7.79
C LEU L 56 -28.47 46.43 -7.18
N THR L 57 -29.76 46.21 -7.44
CA THR L 57 -30.81 46.94 -6.75
C THR L 57 -30.97 46.48 -5.30
N SER L 58 -30.36 45.35 -4.94
CA SER L 58 -30.36 44.85 -3.58
C SER L 58 -29.37 45.59 -2.68
N GLY L 59 -28.65 46.58 -3.21
CA GLY L 59 -27.64 47.29 -2.46
C GLY L 59 -26.25 46.72 -2.59
N TYR L 60 -26.10 45.53 -3.15
CA TYR L 60 -24.81 44.89 -3.32
C TYR L 60 -24.20 45.24 -4.66
N GLU L 61 -22.89 45.02 -4.77
CA GLU L 61 -22.17 45.14 -6.05
C GLU L 61 -21.23 43.93 -6.11
N VAL L 62 -21.63 42.93 -6.88
CA VAL L 62 -20.93 41.65 -6.89
C VAL L 62 -20.61 41.25 -8.32
N THR L 63 -19.56 40.44 -8.47
CA THR L 63 -19.18 39.95 -9.79
C THR L 63 -20.06 38.77 -10.19
N ALA L 64 -20.39 38.70 -11.48
CA ALA L 64 -21.25 37.64 -11.99
C ALA L 64 -20.76 37.22 -13.37
N TYR L 65 -21.00 35.96 -13.70
CA TYR L 65 -20.45 35.36 -14.91
C TYR L 65 -21.33 35.66 -16.12
N ILE L 66 -20.69 35.74 -17.28
CA ILE L 66 -21.37 35.98 -18.55
C ILE L 66 -21.27 34.74 -19.42
N PRO L 67 -22.27 33.86 -19.41
CA PRO L 67 -22.17 32.62 -20.20
C PRO L 67 -22.33 32.86 -21.70
N GLY L 68 -22.25 31.77 -22.48
CA GLY L 68 -22.47 31.85 -23.90
C GLY L 68 -21.19 32.02 -24.69
N GLU L 69 -21.32 31.87 -26.02
CA GLU L 69 -20.17 32.04 -26.90
C GLU L 69 -19.71 33.49 -26.91
N GLY L 70 -20.59 34.41 -27.31
CA GLY L 70 -20.25 35.82 -27.34
C GLY L 70 -21.36 36.64 -26.69
N HIS L 71 -20.98 37.82 -26.22
CA HIS L 71 -21.88 38.71 -25.51
C HIS L 71 -21.72 40.13 -26.04
N ASN L 72 -22.66 40.99 -25.65
CA ASN L 72 -22.60 42.43 -25.93
C ASN L 72 -23.01 43.14 -24.64
N LEU L 73 -22.04 43.40 -23.78
CA LEU L 73 -22.29 44.03 -22.48
C LEU L 73 -21.29 45.15 -22.29
N GLN L 74 -21.77 46.39 -22.35
CA GLN L 74 -20.92 47.57 -22.20
C GLN L 74 -20.89 47.98 -20.73
N GLU L 75 -20.38 49.19 -20.47
CA GLU L 75 -20.27 49.66 -19.09
C GLU L 75 -21.64 49.90 -18.49
N HIS L 76 -22.52 50.60 -19.21
CA HIS L 76 -23.85 50.95 -18.72
C HIS L 76 -24.91 49.92 -19.06
N SER L 77 -24.53 48.65 -19.24
CA SER L 77 -25.48 47.61 -19.59
C SER L 77 -26.28 47.19 -18.37
N VAL L 78 -27.61 47.13 -18.52
CA VAL L 78 -28.51 46.72 -17.45
C VAL L 78 -28.88 45.26 -17.67
N VAL L 79 -28.54 44.41 -16.70
CA VAL L 79 -28.71 42.97 -16.84
C VAL L 79 -29.31 42.40 -15.56
N LEU L 80 -29.99 41.26 -15.71
CA LEU L 80 -30.56 40.51 -14.60
C LEU L 80 -29.67 39.33 -14.27
N ILE L 81 -29.40 39.11 -12.98
CA ILE L 81 -28.54 38.04 -12.54
C ILE L 81 -29.36 37.02 -11.75
N ARG L 82 -28.89 35.78 -11.78
CA ARG L 82 -29.49 34.65 -11.11
C ARG L 82 -28.43 33.93 -10.28
N GLY L 83 -28.87 32.95 -9.51
CA GLY L 83 -27.97 32.14 -8.72
C GLY L 83 -27.13 31.21 -9.58
N GLY L 84 -26.41 30.33 -8.89
CA GLY L 84 -25.51 29.42 -9.57
C GLY L 84 -24.11 29.98 -9.71
N ARG L 85 -23.11 29.24 -9.25
CA ARG L 85 -21.73 29.71 -9.22
C ARG L 85 -20.92 29.09 -10.34
N VAL L 86 -19.71 29.60 -10.50
CA VAL L 86 -18.71 29.07 -11.42
C VAL L 86 -17.55 28.56 -10.57
N LYS L 87 -17.38 27.24 -10.55
CA LYS L 87 -16.44 26.61 -9.63
C LYS L 87 -14.99 27.05 -9.84
N LEU L 89 -13.89 29.69 -10.83
CA LEU L 89 -13.76 31.14 -10.69
C LEU L 89 -14.04 31.59 -9.26
N PRO L 90 -12.98 31.73 -8.47
CA PRO L 90 -13.15 32.13 -7.06
C PRO L 90 -13.76 33.53 -6.97
N GLY L 91 -14.83 33.64 -6.17
CA GLY L 91 -15.50 34.89 -5.95
C GLY L 91 -16.73 35.13 -6.82
N VAL L 92 -16.92 34.34 -7.86
CA VAL L 92 -18.06 34.48 -8.76
C VAL L 92 -19.13 33.49 -8.30
N ARG L 93 -20.24 34.02 -7.80
CA ARG L 93 -21.31 33.20 -7.24
C ARG L 93 -22.63 33.36 -7.96
N TYR L 94 -22.69 34.17 -9.02
CA TYR L 94 -23.94 34.48 -9.70
C TYR L 94 -23.72 34.46 -11.20
N HIS L 95 -24.79 34.19 -11.94
CA HIS L 95 -24.77 34.14 -13.40
C HIS L 95 -25.57 35.31 -13.97
N ILE L 96 -25.24 35.66 -15.21
CA ILE L 96 -26.05 36.59 -15.99
C ILE L 96 -27.12 35.80 -16.75
N VAL L 97 -28.34 36.32 -16.74
CA VAL L 97 -29.44 35.70 -17.48
C VAL L 97 -29.43 36.28 -18.88
N ARG L 98 -28.96 35.49 -19.85
CA ARG L 98 -28.87 35.97 -21.22
C ARG L 98 -30.26 36.07 -21.83
N GLY L 99 -30.54 37.21 -22.44
CA GLY L 99 -31.86 37.50 -22.96
C GLY L 99 -32.68 38.46 -22.13
N VAL L 100 -32.05 39.27 -21.27
CA VAL L 100 -32.79 40.12 -20.33
C VAL L 100 -32.21 41.52 -20.28
N TYR L 101 -32.91 42.46 -20.94
CA TYR L 101 -32.80 43.92 -20.86
C TYR L 101 -31.58 44.54 -21.53
N ASP L 102 -30.49 43.80 -21.71
CA ASP L 102 -29.39 44.31 -22.53
C ASP L 102 -28.62 43.19 -23.22
N ALA L 103 -28.77 41.97 -22.71
CA ALA L 103 -27.89 40.86 -23.09
C ALA L 103 -28.62 40.00 -24.10
N ALA L 104 -28.25 40.15 -25.37
CA ALA L 104 -28.85 39.35 -26.42
C ALA L 104 -28.58 37.86 -26.19
N GLY L 105 -29.46 37.03 -26.72
CA GLY L 105 -29.23 35.60 -26.69
C GLY L 105 -28.05 35.20 -27.54
N VAL L 106 -27.42 34.09 -27.18
CA VAL L 106 -26.26 33.60 -27.93
C VAL L 106 -26.72 33.26 -29.35
N LYS L 107 -26.09 33.88 -30.33
CA LYS L 107 -26.50 33.70 -31.72
C LYS L 107 -26.01 32.35 -32.24
N ASP L 108 -26.75 31.81 -33.20
CA ASP L 108 -26.48 30.50 -33.81
C ASP L 108 -26.46 29.39 -32.77
N ARG L 109 -27.32 29.50 -31.75
CA ARG L 109 -27.49 28.46 -30.75
C ARG L 109 -28.66 27.58 -31.16
N LYS L 110 -28.42 26.26 -31.20
CA LYS L 110 -29.44 25.33 -31.67
C LYS L 110 -29.68 24.13 -30.76
N LYS L 111 -28.78 23.83 -29.82
CA LYS L 111 -28.94 22.64 -28.98
C LYS L 111 -29.66 22.99 -27.67
N SER L 112 -29.07 23.87 -26.86
CA SER L 112 -29.65 24.28 -25.58
C SER L 112 -29.94 25.77 -25.66
N ARG L 113 -31.14 26.10 -26.15
CA ARG L 113 -31.48 27.50 -26.40
C ARG L 113 -32.13 28.17 -25.19
N SER L 114 -33.02 27.47 -24.50
CA SER L 114 -33.73 28.09 -23.37
C SER L 114 -32.77 28.48 -22.25
N LYS L 115 -31.62 27.80 -22.15
CA LYS L 115 -30.65 28.13 -21.12
C LYS L 115 -29.78 29.33 -21.49
N TYR L 116 -29.76 29.73 -22.77
CA TYR L 116 -28.97 30.87 -23.21
C TYR L 116 -29.81 31.95 -23.88
N GLY L 117 -31.13 31.87 -23.77
CA GLY L 117 -32.00 32.95 -24.22
C GLY L 117 -32.07 33.17 -25.71
N THR L 118 -32.08 32.10 -26.50
CA THR L 118 -32.19 32.18 -27.95
C THR L 118 -33.53 31.59 -28.38
N LYS L 119 -34.29 32.35 -29.14
CA LYS L 119 -35.61 31.91 -29.56
C LYS L 119 -35.51 30.81 -30.61
N LYS L 120 -36.63 30.12 -30.83
CA LYS L 120 -36.68 29.02 -31.78
C LYS L 120 -36.44 29.55 -33.20
N PRO L 121 -35.55 28.94 -33.97
CA PRO L 121 -35.32 29.38 -35.35
C PRO L 121 -36.55 29.19 -36.22
N LYS L 122 -36.49 29.79 -37.41
CA LYS L 122 -37.61 29.84 -38.33
C LYS L 122 -37.74 28.55 -39.15
N GLU L 123 -38.45 28.64 -40.27
CA GLU L 123 -38.99 27.52 -41.04
C GLU L 123 -38.02 26.36 -41.26
N ALA L 124 -38.58 25.15 -41.34
CA ALA L 124 -37.78 23.94 -41.57
C ALA L 124 -37.15 23.96 -42.95
N ALA L 125 -36.08 23.18 -43.11
N ALA M 1 82.84 20.18 -45.84
CA ALA M 1 83.27 21.50 -46.28
C ALA M 1 82.10 22.24 -46.94
N ARG M 2 82.44 23.28 -47.72
CA ARG M 2 81.43 24.10 -48.37
C ARG M 2 81.00 23.43 -49.66
N ILE M 3 79.75 22.97 -49.71
CA ILE M 3 79.22 22.23 -50.86
C ILE M 3 77.85 22.79 -51.20
N ALA M 4 77.69 23.21 -52.45
CA ALA M 4 76.38 23.55 -53.03
C ALA M 4 75.64 24.57 -52.18
N GLY M 5 76.28 25.72 -51.96
CA GLY M 5 75.70 26.79 -51.18
C GLY M 5 76.60 27.18 -50.02
N VAL M 6 76.07 28.05 -49.18
CA VAL M 6 76.82 28.63 -48.07
C VAL M 6 76.69 27.75 -46.82
N GLU M 7 76.12 26.56 -46.97
CA GLU M 7 75.90 25.65 -45.86
C GLU M 7 77.03 24.62 -45.81
N ILE M 8 77.53 24.37 -44.61
CA ILE M 8 78.65 23.45 -44.40
C ILE M 8 78.30 22.44 -43.32
N PRO M 9 78.10 21.17 -43.67
CA PRO M 9 77.95 20.14 -42.65
C PRO M 9 79.31 19.66 -42.16
N ARG M 10 79.30 19.06 -40.97
CA ARG M 10 80.56 18.76 -40.30
C ARG M 10 80.39 17.60 -39.33
N ASN M 11 81.41 16.73 -39.29
CA ASN M 11 81.61 15.76 -38.21
C ASN M 11 80.48 14.73 -38.12
N LYS M 12 80.06 14.21 -39.27
CA LYS M 12 79.11 13.10 -39.31
C LYS M 12 79.15 12.48 -40.70
N ARG M 13 78.37 11.41 -40.87
CA ARG M 13 78.38 10.67 -42.12
C ARG M 13 77.98 11.57 -43.29
N VAL M 14 78.59 11.31 -44.45
CA VAL M 14 78.49 12.24 -45.57
C VAL M 14 77.05 12.33 -46.08
N ASP M 15 76.32 11.22 -46.08
CA ASP M 15 74.93 11.24 -46.56
C ASP M 15 74.03 11.98 -45.58
N VAL M 16 74.14 11.68 -44.29
CA VAL M 16 73.36 12.38 -43.28
C VAL M 16 73.73 13.87 -43.26
N ALA M 17 75.02 14.15 -43.48
CA ALA M 17 75.46 15.55 -43.53
C ALA M 17 74.94 16.26 -44.77
N LEU M 18 74.78 15.54 -45.88
CA LEU M 18 74.19 16.11 -47.09
C LEU M 18 72.68 16.26 -46.98
N THR M 19 72.05 15.53 -46.05
CA THR M 19 70.64 15.78 -45.79
C THR M 19 70.39 17.22 -45.35
N TYR M 20 71.37 17.84 -44.68
CA TYR M 20 71.27 19.24 -44.26
C TYR M 20 71.32 20.21 -45.43
N ILE M 21 71.53 19.74 -46.65
CA ILE M 21 71.35 20.56 -47.83
C ILE M 21 69.86 20.68 -48.11
N TYR M 22 69.43 21.87 -48.53
CA TYR M 22 67.99 22.14 -48.66
C TYR M 22 67.36 21.28 -49.76
N GLY M 23 67.97 21.25 -50.94
CA GLY M 23 67.40 20.47 -52.01
C GLY M 23 67.70 19.00 -51.97
N ILE M 24 68.23 18.49 -50.86
CA ILE M 24 68.72 17.12 -50.77
C ILE M 24 68.13 16.47 -49.53
N GLY M 25 67.43 15.37 -49.72
CA GLY M 25 66.99 14.50 -48.63
C GLY M 25 67.99 13.38 -48.42
N LYS M 26 67.47 12.19 -48.13
CA LYS M 26 68.33 11.01 -48.02
C LYS M 26 68.49 10.29 -49.34
N ALA M 27 67.44 10.26 -50.17
CA ALA M 27 67.53 9.60 -51.46
C ALA M 27 68.52 10.32 -52.38
N ARG M 28 68.44 11.64 -52.45
CA ARG M 28 69.37 12.38 -53.29
C ARG M 28 70.80 12.33 -52.75
N ALA M 29 70.94 12.28 -51.42
CA ALA M 29 72.28 12.11 -50.84
C ALA M 29 72.87 10.77 -51.22
N LYS M 30 72.07 9.70 -51.12
CA LYS M 30 72.54 8.38 -51.52
C LYS M 30 72.89 8.36 -53.01
N GLU M 31 72.07 9.02 -53.83
CA GLU M 31 72.32 9.05 -55.27
C GLU M 31 73.62 9.79 -55.58
N ALA M 32 73.84 10.93 -54.93
CA ALA M 32 75.06 11.69 -55.15
C ALA M 32 76.29 10.90 -54.71
N LEU M 33 76.24 10.32 -53.51
CA LEU M 33 77.36 9.53 -53.04
C LEU M 33 77.57 8.25 -53.84
N GLU M 34 76.53 7.78 -54.54
CA GLU M 34 76.67 6.58 -55.36
C GLU M 34 77.28 6.90 -56.71
N LYS M 35 76.84 7.98 -57.36
CA LYS M 35 77.40 8.36 -58.64
C LYS M 35 78.76 9.04 -58.51
N THR M 36 79.12 9.50 -57.31
CA THR M 36 80.43 10.10 -57.07
C THR M 36 81.43 9.10 -56.54
N GLY M 37 81.00 7.89 -56.18
CA GLY M 37 81.90 6.87 -55.68
C GLY M 37 82.54 7.22 -54.35
N ILE M 38 81.73 7.69 -53.41
CA ILE M 38 82.22 8.14 -52.10
C ILE M 38 81.56 7.28 -51.03
N ASN M 39 82.37 6.80 -50.09
CA ASN M 39 81.86 6.00 -48.98
C ASN M 39 80.99 6.88 -48.08
N PRO M 40 79.70 6.56 -47.90
CA PRO M 40 78.86 7.36 -47.01
C PRO M 40 79.19 7.20 -45.54
N ALA M 41 80.00 6.21 -45.16
CA ALA M 41 80.28 5.95 -43.76
C ALA M 41 81.28 6.93 -43.18
N THR M 42 82.18 7.48 -44.00
CA THR M 42 83.20 8.37 -43.51
C THR M 42 82.58 9.68 -42.99
N ARG M 43 83.28 10.32 -42.07
CA ARG M 43 82.84 11.61 -41.55
C ARG M 43 83.26 12.74 -42.50
N VAL M 44 82.63 13.90 -42.32
CA VAL M 44 82.92 15.04 -43.18
C VAL M 44 84.35 15.51 -43.00
N LYS M 45 84.83 15.53 -41.75
CA LYS M 45 86.21 15.93 -41.49
C LYS M 45 87.22 14.93 -42.05
N ASP M 46 86.78 13.79 -42.56
CA ASP M 46 87.65 12.79 -43.15
C ASP M 46 87.57 12.77 -44.68
N LEU M 47 86.98 13.81 -45.28
CA LEU M 47 86.79 13.86 -46.72
C LEU M 47 87.99 14.45 -47.43
N THR M 48 88.38 13.82 -48.53
CA THR M 48 89.47 14.33 -49.36
C THR M 48 89.02 15.60 -50.07
N GLU M 49 89.94 16.55 -50.20
CA GLU M 49 89.65 17.77 -50.96
C GLU M 49 89.21 17.44 -52.38
N ALA M 50 89.80 16.40 -52.97
CA ALA M 50 89.36 15.95 -54.28
C ALA M 50 87.94 15.40 -54.22
N GLU M 51 87.60 14.67 -53.16
CA GLU M 51 86.24 14.17 -53.02
C GLU M 51 85.26 15.31 -52.80
N VAL M 52 85.67 16.34 -52.07
CA VAL M 52 84.81 17.50 -51.87
C VAL M 52 84.59 18.22 -53.20
N VAL M 53 85.65 18.39 -53.99
CA VAL M 53 85.51 19.01 -55.31
C VAL M 53 84.61 18.18 -56.20
N ARG M 54 84.69 16.85 -56.10
CA ARG M 54 83.87 15.98 -56.93
C ARG M 54 82.39 16.08 -56.56
N LEU M 55 82.10 15.98 -55.25
CA LEU M 55 80.72 16.10 -54.78
C LEU M 55 80.16 17.48 -55.12
N ARG M 56 80.99 18.52 -55.00
CA ARG M 56 80.56 19.86 -55.36
C ARG M 56 80.25 19.96 -56.85
N GLU M 57 81.14 19.41 -57.69
CA GLU M 57 80.93 19.42 -59.13
C GLU M 57 79.61 18.76 -59.49
N TYR M 58 79.32 17.61 -58.88
CA TYR M 58 78.07 16.92 -59.19
C TYR M 58 76.87 17.69 -58.66
N VAL M 59 76.81 17.90 -57.35
CA VAL M 59 75.60 18.40 -56.71
C VAL M 59 75.30 19.85 -57.09
N GLU M 60 76.34 20.66 -57.32
CA GLU M 60 76.14 22.08 -57.60
C GLU M 60 75.17 22.29 -58.76
N ASN M 61 75.38 21.57 -59.88
CA ASN M 61 74.45 21.62 -61.00
C ASN M 61 74.08 20.19 -61.39
N THR M 62 73.19 19.57 -60.63
CA THR M 62 72.51 18.37 -61.11
C THR M 62 71.02 18.52 -60.89
N TRP M 63 70.67 19.19 -59.78
CA TRP M 63 69.30 19.53 -59.44
C TRP M 63 69.24 20.97 -58.96
N LYS M 64 68.02 21.51 -58.89
CA LYS M 64 67.83 22.86 -58.40
C LYS M 64 67.94 22.89 -56.87
N LEU M 65 68.70 23.85 -56.35
CA LEU M 65 69.01 23.93 -54.93
C LEU M 65 68.61 25.26 -54.30
N GLU M 66 69.16 25.52 -53.10
CA GLU M 66 68.57 26.37 -52.07
C GLU M 66 67.87 27.62 -52.59
N GLY M 67 68.63 28.53 -53.19
CA GLY M 67 68.05 29.80 -53.56
C GLY M 67 67.06 29.67 -54.69
N GLU M 68 67.47 29.01 -55.78
CA GLU M 68 66.58 28.80 -56.89
C GLU M 68 65.38 27.93 -56.49
N LEU M 69 65.57 27.00 -55.56
CA LEU M 69 64.47 26.14 -55.14
C LEU M 69 63.42 26.94 -54.37
N ARG M 70 63.86 27.70 -53.36
CA ARG M 70 62.90 28.51 -52.60
C ARG M 70 62.23 29.54 -53.51
N ALA M 71 62.99 30.15 -54.42
CA ALA M 71 62.40 31.13 -55.33
C ALA M 71 61.42 30.48 -56.29
N GLU M 72 61.69 29.25 -56.72
CA GLU M 72 60.78 28.58 -57.65
C GLU M 72 59.50 28.13 -56.95
N VAL M 73 59.60 27.70 -55.69
CA VAL M 73 58.40 27.38 -54.93
C VAL M 73 57.58 28.64 -54.69
N ALA M 74 58.24 29.75 -54.34
CA ALA M 74 57.53 31.01 -54.20
C ALA M 74 56.88 31.43 -55.50
N ALA M 75 57.56 31.20 -56.63
CA ALA M 75 57.00 31.55 -57.93
C ALA M 75 55.81 30.67 -58.27
N ASN M 76 55.87 29.39 -57.92
CA ASN M 76 54.75 28.49 -58.17
C ASN M 76 53.52 28.93 -57.38
N ILE M 77 53.71 29.21 -56.09
CA ILE M 77 52.56 29.64 -55.27
C ILE M 77 52.05 31.00 -55.72
N LYS M 78 52.96 31.90 -56.09
CA LYS M 78 52.57 33.22 -56.58
C LYS M 78 51.80 33.11 -57.89
N ARG M 79 52.20 32.17 -58.76
CA ARG M 79 51.46 31.95 -60.00
C ARG M 79 50.09 31.36 -59.72
N LEU M 80 50.00 30.42 -58.77
CA LEU M 80 48.70 29.87 -58.39
C LEU M 80 47.77 30.95 -57.85
N MET M 81 48.32 31.94 -57.15
CA MET M 81 47.49 33.01 -56.62
C MET M 81 47.13 34.03 -57.70
N ASP M 82 48.08 34.39 -58.56
CA ASP M 82 47.85 35.44 -59.54
C ASP M 82 46.85 35.02 -60.62
N ILE M 83 46.72 33.71 -60.87
CA ILE M 83 45.75 33.23 -61.84
C ILE M 83 44.34 33.12 -61.26
N GLY M 84 44.18 33.41 -59.97
CA GLY M 84 42.87 33.31 -59.35
C GLY M 84 42.38 31.89 -59.14
N CYS M 85 43.30 30.92 -59.06
CA CYS M 85 42.91 29.53 -58.89
C CYS M 85 42.35 29.30 -57.48
N TYR M 86 41.68 28.15 -57.33
CA TYR M 86 41.17 27.75 -56.02
C TYR M 86 42.31 27.50 -55.04
N ARG M 87 43.36 26.82 -55.50
CA ARG M 87 44.55 26.66 -54.66
C ARG M 87 45.15 28.01 -54.29
N GLY M 88 45.09 28.98 -55.21
CA GLY M 88 45.53 30.32 -54.88
C GLY M 88 44.71 30.94 -53.78
N LEU M 89 43.40 30.67 -53.76
CA LEU M 89 42.56 31.16 -52.67
C LEU M 89 42.91 30.48 -51.36
N ARG M 90 43.12 29.15 -51.39
CA ARG M 90 43.46 28.43 -50.17
C ARG M 90 44.78 28.92 -49.59
N HIS M 91 45.75 29.22 -50.47
CA HIS M 91 46.99 29.83 -50.00
C HIS M 91 46.78 31.26 -49.52
N ARG M 92 45.81 31.96 -50.11
CA ARG M 92 45.56 33.36 -49.74
C ARG M 92 44.99 33.47 -48.33
N ARG M 93 44.09 32.57 -47.97
CA ARG M 93 43.50 32.55 -46.64
C ARG M 93 44.32 31.75 -45.63
N GLY M 94 45.29 30.99 -46.09
CA GLY M 94 46.07 30.13 -45.20
C GLY M 94 45.29 28.92 -44.75
N LEU M 95 44.75 28.16 -45.68
CA LEU M 95 43.92 27.00 -45.43
C LEU M 95 44.48 25.80 -46.15
N PRO M 96 44.08 24.59 -45.75
CA PRO M 96 44.56 23.38 -46.46
C PRO M 96 44.25 23.43 -47.95
N VAL M 97 45.24 23.08 -48.75
CA VAL M 97 45.11 23.11 -50.21
C VAL M 97 44.77 21.76 -50.81
N ARG M 98 45.12 20.65 -50.13
CA ARG M 98 44.99 19.32 -50.70
C ARG M 98 43.72 18.61 -50.26
N GLY M 99 42.64 19.36 -50.06
CA GLY M 99 41.33 18.77 -49.83
C GLY M 99 41.12 18.14 -48.46
N GLN M 100 41.67 18.76 -47.42
CA GLN M 100 41.44 18.28 -46.06
C GLN M 100 40.25 19.00 -45.44
N ARG M 101 39.81 18.49 -44.29
CA ARG M 101 38.71 19.11 -43.56
C ARG M 101 39.22 20.25 -42.70
N THR M 102 38.37 21.28 -42.52
CA THR M 102 38.73 22.45 -41.75
C THR M 102 37.81 22.72 -40.57
N ARG M 103 36.70 21.97 -40.44
CA ARG M 103 35.87 22.06 -39.24
C ARG M 103 36.64 21.66 -37.98
N THR M 104 37.72 20.91 -38.16
CA THR M 104 38.52 20.37 -37.06
C THR M 104 39.96 20.78 -37.35
N ASN M 105 40.91 20.01 -36.79
CA ASN M 105 42.34 20.23 -36.99
C ASN M 105 42.69 20.23 -38.48
N ALA M 106 43.98 20.32 -38.79
CA ALA M 106 44.56 21.24 -39.78
C ALA M 106 44.83 22.57 -39.08
N ARG M 107 45.15 22.48 -37.79
CA ARG M 107 45.71 23.62 -37.07
C ARG M 107 47.04 24.07 -37.66
N THR M 108 47.84 23.11 -38.16
CA THR M 108 49.18 23.45 -38.62
C THR M 108 49.16 24.38 -39.82
N ARG M 109 48.03 24.49 -40.52
CA ARG M 109 47.90 25.46 -41.59
C ARG M 109 47.29 26.78 -41.10
N LYS M 110 46.45 26.73 -40.09
CA LYS M 110 45.81 27.91 -39.52
C LYS M 110 46.60 28.52 -38.37
N GLY M 111 47.77 27.98 -38.06
CA GLY M 111 48.60 28.51 -37.00
C GLY M 111 48.08 28.18 -35.63
N PRO M 112 48.22 29.11 -34.68
CA PRO M 112 47.73 28.87 -33.31
C PRO M 112 46.21 28.80 -33.25
N ARG M 113 45.68 28.52 -32.06
CA ARG M 113 44.25 28.31 -31.86
C ARG M 113 43.66 29.59 -31.26
N LYS M 114 42.90 30.32 -32.08
CA LYS M 114 42.33 31.61 -31.68
C LYS M 114 40.91 31.37 -31.17
N THR M 115 40.79 31.06 -29.90
CA THR M 115 39.49 30.72 -29.31
C THR M 115 38.64 31.97 -29.16
N VAL M 116 37.34 31.83 -29.43
CA VAL M 116 36.35 32.89 -29.28
C VAL M 116 35.20 32.38 -28.43
N ALA M 117 34.20 33.23 -28.24
CA ALA M 117 33.06 32.90 -27.40
C ALA M 117 32.18 31.84 -28.07
N GLY M 118 31.34 31.21 -27.25
CA GLY M 118 30.44 30.18 -27.73
C GLY M 118 29.61 29.55 -26.62
N ALA N 1 13.06 3.87 -48.49
CA ALA N 1 12.92 3.17 -49.77
C ALA N 1 11.81 3.79 -50.61
N ARG N 2 12.11 4.91 -51.26
CA ARG N 2 11.14 5.57 -52.11
C ARG N 2 10.92 4.78 -53.39
N LYS N 3 9.67 4.75 -53.87
CA LYS N 3 9.34 3.95 -55.04
C LYS N 3 10.13 4.39 -56.27
N ALA N 4 10.33 5.71 -56.43
CA ALA N 4 11.05 6.21 -57.59
C ALA N 4 12.46 5.65 -57.65
N LEU N 5 13.14 5.58 -56.49
CA LEU N 5 14.50 5.04 -56.44
C LEU N 5 14.55 3.56 -56.78
N ILE N 6 13.41 2.86 -56.76
CA ILE N 6 13.35 1.45 -57.12
C ILE N 6 13.57 1.33 -58.62
N GLU N 7 13.64 2.47 -59.31
CA GLU N 7 14.11 2.48 -60.68
C GLU N 7 15.59 2.10 -60.82
N LYS N 8 16.26 1.86 -59.69
CA LYS N 8 17.66 1.42 -59.71
C LYS N 8 17.88 0.29 -60.70
N ALA N 9 17.05 -0.76 -60.62
CA ALA N 9 17.11 -1.84 -61.60
C ALA N 9 16.87 -1.27 -62.98
N LYS N 10 17.90 -1.27 -63.82
CA LYS N 10 17.85 -0.56 -65.09
C LYS N 10 18.85 -1.20 -66.04
N ARG N 11 18.36 -1.64 -67.20
CA ARG N 11 19.26 -2.14 -68.24
C ARG N 11 20.08 -1.02 -68.87
N THR N 12 19.72 0.23 -68.65
CA THR N 12 20.46 1.38 -69.17
C THR N 12 20.71 2.37 -68.03
N PRO N 13 21.64 2.05 -67.12
CA PRO N 13 22.01 3.02 -66.09
C PRO N 13 22.84 4.19 -66.61
N LYS N 14 23.15 4.17 -67.92
CA LYS N 14 23.86 5.23 -68.64
C LYS N 14 25.34 5.23 -68.29
N PHE N 15 25.72 4.45 -67.28
CA PHE N 15 27.10 4.34 -66.82
C PHE N 15 27.21 3.11 -65.94
N LYS N 16 28.40 2.50 -65.94
CA LYS N 16 28.63 1.35 -65.08
C LYS N 16 28.78 1.75 -63.62
N VAL N 17 29.34 2.94 -63.35
CA VAL N 17 29.58 3.36 -61.98
C VAL N 17 28.28 3.72 -61.28
N ARG N 18 27.34 4.35 -62.01
CA ARG N 18 26.09 4.77 -61.40
C ARG N 18 25.23 3.58 -60.95
N ALA N 19 25.52 2.38 -61.44
CA ALA N 19 24.78 1.19 -61.03
C ALA N 19 25.21 0.79 -59.62
N TYR N 20 24.30 0.92 -58.66
CA TYR N 20 24.52 0.48 -57.29
C TYR N 20 23.57 -0.66 -56.98
N THR N 21 23.68 -1.20 -55.77
CA THR N 21 22.87 -2.32 -55.34
C THR N 21 21.89 -1.88 -54.25
N ARG N 22 20.71 -2.52 -54.25
CA ARG N 22 19.66 -2.25 -53.28
C ARG N 22 19.16 -3.56 -52.70
N CYS N 23 18.40 -3.45 -51.61
CA CYS N 23 17.75 -4.60 -51.02
C CYS N 23 16.52 -4.98 -51.85
N VAL N 24 16.45 -6.25 -52.24
CA VAL N 24 15.36 -6.67 -53.11
C VAL N 24 14.04 -6.73 -52.35
N ARG N 25 14.08 -6.99 -51.04
CA ARG N 25 12.85 -7.15 -50.28
C ARG N 25 12.28 -5.80 -49.84
N CYS N 26 13.03 -5.03 -49.07
CA CYS N 26 12.52 -3.79 -48.50
C CYS N 26 12.95 -2.54 -49.27
N GLY N 27 13.83 -2.68 -50.26
CA GLY N 27 14.26 -1.51 -51.02
C GLY N 27 15.34 -0.68 -50.37
N ARG N 28 16.04 -1.23 -49.38
CA ARG N 28 17.11 -0.51 -48.70
C ARG N 28 18.24 -0.19 -49.68
N ALA N 29 19.00 0.84 -49.35
CA ALA N 29 20.16 1.25 -50.14
C ALA N 29 21.49 0.94 -49.46
N ARG N 30 21.61 1.20 -48.17
CA ARG N 30 22.84 0.92 -47.42
C ARG N 30 22.76 -0.46 -46.77
N SER N 31 23.95 -0.98 -46.45
CA SER N 31 24.08 -2.29 -45.78
C SER N 31 23.37 -3.38 -46.56
N VAL N 32 23.65 -3.44 -47.86
CA VAL N 32 23.02 -4.39 -48.77
C VAL N 32 24.04 -5.49 -49.04
N TYR N 33 23.86 -6.64 -48.38
CA TYR N 33 24.76 -7.77 -48.58
C TYR N 33 24.64 -8.31 -50.00
N ARG N 34 25.80 -8.50 -50.65
CA ARG N 34 25.82 -8.92 -52.04
C ARG N 34 25.52 -10.42 -52.19
N PHE N 35 25.90 -11.23 -51.21
CA PHE N 35 25.67 -12.66 -51.30
C PHE N 35 24.18 -12.98 -51.33
N PHE N 36 23.41 -12.34 -50.45
CA PHE N 36 21.97 -12.57 -50.39
C PHE N 36 21.17 -11.60 -51.24
N GLY N 37 21.73 -10.44 -51.57
CA GLY N 37 20.99 -9.41 -52.25
C GLY N 37 20.05 -8.61 -51.35
N LEU N 38 19.91 -9.00 -50.10
CA LEU N 38 19.05 -8.31 -49.15
C LEU N 38 19.82 -7.24 -48.40
N CYS N 39 19.12 -6.52 -47.53
CA CYS N 39 19.76 -5.62 -46.59
C CYS N 39 20.13 -6.42 -45.34
N ARG N 40 20.51 -5.73 -44.27
CA ARG N 40 20.83 -6.43 -43.04
C ARG N 40 19.57 -6.79 -42.24
N ILE N 41 18.56 -5.92 -42.28
CA ILE N 41 17.35 -6.14 -41.50
C ILE N 41 16.55 -7.31 -42.07
N CYS N 42 16.31 -7.28 -43.39
CA CYS N 42 15.65 -8.41 -44.04
C CYS N 42 16.48 -9.69 -43.89
N LEU N 43 17.80 -9.56 -43.90
CA LEU N 43 18.66 -10.72 -43.65
C LEU N 43 18.34 -11.34 -42.30
N ARG N 44 18.34 -10.53 -41.24
CA ARG N 44 18.07 -11.06 -39.91
C ARG N 44 16.65 -11.63 -39.81
N GLU N 45 15.69 -10.96 -40.43
CA GLU N 45 14.30 -11.42 -40.35
C GLU N 45 14.13 -12.78 -41.02
N LEU N 46 14.58 -12.89 -42.28
CA LEU N 46 14.45 -14.15 -43.00
C LEU N 46 15.35 -15.24 -42.42
N ALA N 47 16.43 -14.87 -41.73
CA ALA N 47 17.23 -15.89 -41.04
C ALA N 47 16.50 -16.42 -39.82
N HIS N 48 15.82 -15.53 -39.09
CA HIS N 48 15.03 -15.99 -37.95
C HIS N 48 13.86 -16.84 -38.40
N LYS N 49 13.21 -16.48 -39.50
CA LYS N 49 12.11 -17.29 -40.02
C LYS N 49 12.58 -18.62 -40.59
N GLY N 50 13.88 -18.78 -40.86
CA GLY N 50 14.40 -20.04 -41.36
C GLY N 50 14.30 -20.22 -42.85
N GLN N 51 14.09 -19.15 -43.61
CA GLN N 51 13.96 -19.23 -45.05
C GLN N 51 15.30 -19.18 -45.78
N LEU N 52 16.41 -19.08 -45.04
CA LEU N 52 17.73 -19.07 -45.64
C LEU N 52 18.42 -20.41 -45.37
N PRO N 53 18.52 -21.28 -46.37
CA PRO N 53 19.09 -22.62 -46.12
C PRO N 53 20.52 -22.56 -45.61
N GLY N 54 20.80 -23.39 -44.59
CA GLY N 54 22.12 -23.49 -44.03
C GLY N 54 22.51 -22.38 -43.08
N VAL N 55 21.79 -21.26 -43.06
CA VAL N 55 22.14 -20.15 -42.19
C VAL N 55 21.82 -20.51 -40.75
N ARG N 56 22.79 -20.35 -39.86
CA ARG N 56 22.67 -20.74 -38.47
C ARG N 56 23.30 -19.66 -37.61
N LYS N 57 22.92 -19.65 -36.32
CA LYS N 57 23.50 -18.70 -35.38
C LYS N 57 24.92 -19.10 -35.04
N ALA N 58 25.84 -18.15 -35.10
CA ALA N 58 27.25 -18.40 -34.86
C ALA N 58 27.58 -18.20 -33.38
N SER N 59 28.30 -19.16 -32.81
CA SER N 59 28.71 -19.08 -31.42
C SER N 59 29.97 -19.92 -31.23
N TRP N 60 31.05 -19.29 -30.80
CA TRP N 60 32.32 -19.97 -30.62
C TRP N 60 33.19 -19.28 -29.58
N PRO O 1 1.58 16.07 67.76
CA PRO O 1 0.55 15.20 67.16
C PRO O 1 -0.71 15.13 68.01
N ILE O 2 -1.42 14.01 67.93
CA ILE O 2 -2.64 13.76 68.69
C ILE O 2 -2.46 12.42 69.38
N THR O 3 -2.03 12.44 70.64
CA THR O 3 -1.77 11.21 71.37
C THR O 3 -3.08 10.47 71.66
N LYS O 4 -2.93 9.20 72.05
CA LYS O 4 -4.10 8.35 72.27
C LYS O 4 -4.91 8.79 73.49
N GLU O 5 -4.26 9.40 74.48
CA GLU O 5 -4.98 9.80 75.68
C GLU O 5 -5.97 10.93 75.39
N GLU O 6 -5.58 11.90 74.58
CA GLU O 6 -6.51 12.98 74.20
C GLU O 6 -7.65 12.42 73.36
N LYS O 7 -7.36 11.48 72.46
CA LYS O 7 -8.39 10.87 71.65
C LYS O 7 -9.39 10.12 72.51
N GLN O 8 -8.91 9.34 73.48
CA GLN O 8 -9.82 8.67 74.40
C GLN O 8 -10.58 9.65 75.26
N LYS O 9 -9.94 10.77 75.65
CA LYS O 9 -10.64 11.79 76.42
C LYS O 9 -11.84 12.33 75.64
N VAL O 10 -11.63 12.73 74.38
CA VAL O 10 -12.74 13.28 73.62
C VAL O 10 -13.77 12.22 73.28
N ILE O 11 -13.33 10.97 73.04
CA ILE O 11 -14.27 9.91 72.72
C ILE O 11 -15.19 9.61 73.91
N GLN O 12 -14.60 9.43 75.09
CA GLN O 12 -15.39 9.22 76.30
C GLN O 12 -16.19 10.45 76.69
N GLU O 13 -15.76 11.64 76.25
CA GLU O 13 -16.52 12.86 76.55
C GLU O 13 -17.77 12.95 75.70
N PHE O 14 -17.67 12.62 74.42
CA PHE O 14 -18.78 12.75 73.49
C PHE O 14 -19.51 11.43 73.22
N ALA O 15 -19.22 10.39 73.99
CA ALA O 15 -19.86 9.10 73.76
C ALA O 15 -21.33 9.15 74.18
N ARG O 16 -22.21 8.68 73.29
CA ARG O 16 -23.62 8.56 73.62
C ARG O 16 -23.84 7.58 74.77
N PHE O 17 -22.95 6.60 74.90
CA PHE O 17 -23.05 5.57 75.93
C PHE O 17 -21.70 4.89 76.05
N PRO O 18 -21.40 4.25 77.19
CA PRO O 18 -20.12 3.55 77.32
C PRO O 18 -19.97 2.46 76.27
N GLY O 19 -18.87 2.53 75.53
CA GLY O 19 -18.58 1.62 74.45
C GLY O 19 -18.78 2.22 73.07
N ASP O 20 -19.48 3.33 72.96
CA ASP O 20 -19.70 3.98 71.67
C ASP O 20 -18.43 4.68 71.21
N THR O 21 -17.95 4.33 70.02
CA THR O 21 -16.76 4.94 69.46
C THR O 21 -16.97 5.49 68.05
N GLY O 22 -18.16 5.38 67.49
CA GLY O 22 -18.36 5.78 66.12
C GLY O 22 -19.67 6.50 65.82
N SER O 23 -20.35 6.99 66.85
CA SER O 23 -21.55 7.78 66.64
C SER O 23 -21.22 9.10 65.96
N THR O 24 -22.26 9.79 65.50
CA THR O 24 -22.05 11.04 64.76
C THR O 24 -21.39 12.10 65.64
N GLU O 25 -21.82 12.20 66.91
CA GLU O 25 -21.24 13.20 67.79
C GLU O 25 -19.75 12.97 68.00
N VAL O 26 -19.34 11.71 68.19
CA VAL O 26 -17.93 11.40 68.39
C VAL O 26 -17.13 11.75 67.14
N GLN O 27 -17.66 11.40 65.96
CA GLN O 27 -16.95 11.70 64.73
C GLN O 27 -16.79 13.21 64.53
N VAL O 28 -17.84 13.97 64.80
CA VAL O 28 -17.77 15.41 64.62
C VAL O 28 -16.82 16.03 65.63
N ALA O 29 -16.79 15.50 66.86
CA ALA O 29 -15.87 16.02 67.87
C ALA O 29 -14.42 15.75 67.47
N LEU O 30 -14.14 14.54 66.98
CA LEU O 30 -12.77 14.21 66.56
C LEU O 30 -12.36 15.06 65.36
N LEU O 31 -13.28 15.24 64.39
CA LEU O 31 -12.97 16.10 63.25
C LEU O 31 -12.73 17.53 63.69
N THR O 32 -13.48 18.02 64.68
CA THR O 32 -13.29 19.37 65.18
C THR O 32 -11.93 19.51 65.86
N LEU O 33 -11.54 18.52 66.64
CA LEU O 33 -10.21 18.54 67.27
C LEU O 33 -9.12 18.60 66.21
N ARG O 34 -9.20 17.71 65.22
CA ARG O 34 -8.19 17.71 64.17
C ARG O 34 -8.20 19.01 63.36
N ILE O 35 -9.39 19.59 63.16
CA ILE O 35 -9.50 20.81 62.38
C ILE O 35 -8.88 21.98 63.12
N ASN O 36 -9.13 22.08 64.43
CA ASN O 36 -8.51 23.14 65.22
C ASN O 36 -7.00 22.97 65.27
N ARG O 37 -6.53 21.72 65.41
CA ARG O 37 -5.08 21.49 65.40
C ARG O 37 -4.47 21.91 64.07
N LEU O 38 -5.12 21.56 62.96
CA LEU O 38 -4.58 21.92 61.65
C LEU O 38 -4.66 23.42 61.40
N SER O 39 -5.69 24.09 61.91
CA SER O 39 -5.77 25.54 61.75
C SER O 39 -4.67 26.24 62.54
N GLU O 40 -4.41 25.78 63.75
CA GLU O 40 -3.29 26.31 64.51
C GLU O 40 -1.97 26.01 63.83
N HIS O 41 -1.88 24.88 63.13
CA HIS O 41 -0.69 24.56 62.35
C HIS O 41 -0.56 25.44 61.11
N LEU O 42 -1.68 25.91 60.57
CA LEU O 42 -1.69 26.67 59.33
C LEU O 42 -1.68 28.17 59.54
N LYS O 43 -1.86 28.66 60.77
CA LYS O 43 -1.55 30.06 61.04
C LYS O 43 -0.09 30.36 60.75
N VAL O 44 0.81 29.59 61.38
CA VAL O 44 2.20 29.52 60.95
C VAL O 44 2.22 28.58 59.75
N HIS O 45 3.34 28.54 59.02
CA HIS O 45 3.48 27.65 57.86
C HIS O 45 2.33 27.84 56.87
N LYS O 46 1.93 29.09 56.68
CA LYS O 46 0.81 29.39 55.80
C LYS O 46 1.09 29.06 54.34
N LYS O 47 2.32 28.71 54.00
CA LYS O 47 2.68 28.29 52.65
C LYS O 47 2.46 26.80 52.43
N ASP O 48 1.89 26.09 53.41
CA ASP O 48 1.64 24.66 53.30
C ASP O 48 0.23 24.46 52.73
N HIS O 49 0.16 24.06 51.47
CA HIS O 49 -1.11 23.90 50.76
C HIS O 49 -1.61 22.46 50.73
N HIS O 50 -0.68 21.49 50.65
CA HIS O 50 -1.08 20.09 50.62
C HIS O 50 -1.82 19.69 51.89
N SER O 51 -1.50 20.32 53.02
CA SER O 51 -2.26 20.09 54.25
C SER O 51 -3.53 20.93 54.29
N HIS O 52 -3.52 22.08 53.62
CA HIS O 52 -4.75 22.88 53.50
C HIS O 52 -5.83 22.11 52.76
N ARG O 53 -5.44 21.27 51.79
CA ARG O 53 -6.42 20.42 51.11
C ARG O 53 -7.05 19.42 52.07
N GLY O 54 -6.23 18.79 52.92
CA GLY O 54 -6.77 17.90 53.94
C GLY O 54 -7.70 18.63 54.91
N LEU O 55 -7.35 19.87 55.23
CA LEU O 55 -8.26 20.69 56.05
C LEU O 55 -9.59 20.88 55.36
N LEU O 56 -9.57 21.19 54.06
CA LEU O 56 -10.81 21.33 53.31
C LEU O 56 -11.64 20.05 53.35
N MET O 57 -10.97 18.91 53.18
CA MET O 57 -11.68 17.62 53.19
C MET O 57 -12.30 17.35 54.56
N MET O 58 -11.55 17.60 55.64
CA MET O 58 -12.10 17.38 56.97
C MET O 58 -13.28 18.31 57.24
N VAL O 59 -13.19 19.56 56.79
CA VAL O 59 -14.29 20.50 56.98
C VAL O 59 -15.53 20.02 56.22
N GLY O 60 -15.35 19.56 54.98
CA GLY O 60 -16.47 19.03 54.23
C GLY O 60 -17.12 17.83 54.92
N GLN O 61 -16.29 16.92 55.43
CA GLN O 61 -16.82 15.74 56.12
C GLN O 61 -17.60 16.13 57.37
N ARG O 62 -17.05 17.06 58.16
CA ARG O 62 -17.74 17.51 59.37
C ARG O 62 -19.06 18.20 59.02
N ARG O 63 -19.06 19.00 57.94
CA ARG O 63 -20.30 19.65 57.53
C ARG O 63 -21.35 18.63 57.09
N ARG O 64 -20.93 17.59 56.38
CA ARG O 64 -21.90 16.59 55.94
C ARG O 64 -22.47 15.80 57.12
N LEU O 65 -21.61 15.46 58.09
CA LEU O 65 -22.10 14.76 59.28
C LEU O 65 -23.06 15.64 60.09
N LEU O 66 -22.72 16.93 60.23
CA LEU O 66 -23.61 17.85 60.92
C LEU O 66 -24.92 18.03 60.17
N ARG O 67 -24.89 17.97 58.84
CA ARG O 67 -26.12 18.05 58.06
C ARG O 67 -26.99 16.81 58.29
N TYR O 68 -26.37 15.63 58.37
CA TYR O 68 -27.13 14.43 58.69
C TYR O 68 -27.78 14.55 60.07
N LEU O 69 -27.02 15.00 61.06
CA LEU O 69 -27.58 15.17 62.40
C LEU O 69 -28.71 16.21 62.39
N GLN O 70 -28.54 17.28 61.62
CA GLN O 70 -29.60 18.28 61.46
C GLN O 70 -30.86 17.64 60.91
N ARG O 71 -30.73 16.76 59.93
CA ARG O 71 -31.90 16.14 59.33
C ARG O 71 -32.59 15.19 60.30
N GLU O 72 -31.82 14.37 61.02
CA GLU O 72 -32.43 13.32 61.83
C GLU O 72 -32.94 13.84 63.17
N ASP O 73 -32.05 14.34 64.01
CA ASP O 73 -32.40 14.80 65.36
C ASP O 73 -31.81 16.18 65.58
N PRO O 74 -32.60 17.24 65.34
CA PRO O 74 -32.07 18.60 65.52
C PRO O 74 -31.71 18.94 66.95
N GLU O 75 -32.26 18.23 67.94
CA GLU O 75 -31.93 18.52 69.33
C GLU O 75 -30.48 18.16 69.63
N ARG O 76 -30.07 16.94 69.27
CA ARG O 76 -28.66 16.57 69.43
C ARG O 76 -27.77 17.44 68.56
N TYR O 77 -28.29 17.94 67.44
CA TYR O 77 -27.53 18.85 66.59
C TYR O 77 -27.23 20.15 67.33
N ARG O 78 -28.26 20.77 67.92
CA ARG O 78 -28.06 21.99 68.68
C ARG O 78 -27.16 21.73 69.89
N ALA O 79 -27.32 20.57 70.54
CA ALA O 79 -26.48 20.25 71.69
C ALA O 79 -25.02 20.12 71.30
N LEU O 80 -24.76 19.45 70.17
CA LEU O 80 -23.39 19.29 69.69
C LEU O 80 -22.78 20.64 69.35
N ILE O 81 -23.53 21.49 68.64
CA ILE O 81 -23.01 22.81 68.27
C ILE O 81 -22.74 23.65 69.51
N GLU O 82 -23.63 23.57 70.51
CA GLU O 82 -23.44 24.35 71.73
C GLU O 82 -22.23 23.86 72.52
N LYS O 83 -22.04 22.53 72.59
CA LYS O 83 -20.92 22.00 73.35
C LYS O 83 -19.59 22.28 72.67
N LEU O 84 -19.56 22.22 71.33
CA LEU O 84 -18.31 22.44 70.60
C LEU O 84 -18.07 23.89 70.24
N GLY O 85 -19.12 24.69 70.06
CA GLY O 85 -18.95 26.07 69.68
C GLY O 85 -18.60 26.23 68.21
N ILE O 86 -19.52 25.83 67.34
CA ILE O 86 -19.29 25.85 65.90
C ILE O 86 -20.24 26.86 65.26
N ARG O 87 -20.12 27.03 63.94
CA ARG O 87 -20.96 27.94 63.15
C ARG O 87 -20.77 29.40 63.56
N GLY O 88 -19.65 29.72 64.18
CA GLY O 88 -19.38 31.08 64.61
C GLY O 88 -20.02 31.44 65.93
N MET P 1 -79.66 39.12 17.05
CA MET P 1 -80.35 37.92 17.50
C MET P 1 -79.76 36.67 16.85
N VAL P 2 -80.11 35.51 17.37
CA VAL P 2 -79.72 34.23 16.79
C VAL P 2 -80.73 33.87 15.71
N LYS P 3 -80.22 33.47 14.54
CA LYS P 3 -81.07 33.20 13.39
C LYS P 3 -80.74 31.83 12.79
N ILE P 4 -81.75 31.25 12.16
CA ILE P 4 -81.62 30.01 11.40
C ILE P 4 -81.57 30.38 9.92
N ARG P 5 -80.45 30.11 9.27
CA ARG P 5 -80.26 30.53 7.89
C ARG P 5 -79.50 29.44 7.13
N LEU P 6 -79.15 29.76 5.89
CA LEU P 6 -78.44 28.84 5.02
C LEU P 6 -77.01 29.31 4.83
N ALA P 7 -76.08 28.36 4.87
CA ALA P 7 -74.67 28.63 4.60
C ALA P 7 -74.28 27.92 3.31
N ARG P 8 -73.51 28.60 2.46
CA ARG P 8 -73.11 28.06 1.17
C ARG P 8 -71.82 27.27 1.34
N PHE P 9 -71.83 26.00 0.93
CA PHE P 9 -70.68 25.12 1.08
C PHE P 9 -70.25 24.42 -0.20
N GLY P 10 -71.07 24.42 -1.26
CA GLY P 10 -70.70 23.81 -2.51
C GLY P 10 -69.69 24.65 -3.28
N SER P 11 -69.28 24.11 -4.42
CA SER P 11 -68.33 24.79 -5.28
C SER P 11 -69.04 25.76 -6.21
N LYS P 12 -68.27 26.40 -7.09
CA LYS P 12 -68.84 27.34 -8.05
C LYS P 12 -69.80 26.62 -8.99
N HIS P 13 -70.97 27.22 -9.21
CA HIS P 13 -72.06 26.66 -10.01
C HIS P 13 -72.60 25.35 -9.43
N ASN P 14 -72.15 24.97 -8.23
CA ASN P 14 -72.61 23.77 -7.55
C ASN P 14 -72.98 24.14 -6.12
N PRO P 15 -74.10 24.83 -5.93
CA PRO P 15 -74.44 25.32 -4.58
C PRO P 15 -74.96 24.20 -3.70
N HIS P 16 -74.46 24.18 -2.46
CA HIS P 16 -74.93 23.25 -1.44
C HIS P 16 -75.01 23.99 -0.13
N TYR P 17 -76.20 24.03 0.45
CA TYR P 17 -76.46 24.83 1.64
C TYR P 17 -76.58 23.94 2.88
N ARG P 18 -76.08 24.47 4.00
CA ARG P 18 -76.29 23.89 5.32
C ARG P 18 -77.29 24.76 6.06
N ILE P 19 -78.42 24.17 6.43
CA ILE P 19 -79.39 24.83 7.30
C ILE P 19 -78.83 24.84 8.70
N VAL P 20 -78.59 26.04 9.23
CA VAL P 20 -77.64 26.25 10.31
C VAL P 20 -78.14 27.33 11.25
N VAL P 21 -77.86 27.17 12.53
CA VAL P 21 -78.22 28.14 13.56
C VAL P 21 -76.97 28.92 13.92
N THR P 22 -77.04 30.25 13.83
CA THR P 22 -75.88 31.08 14.10
C THR P 22 -76.33 32.49 14.42
N ASP P 23 -75.43 33.26 15.04
CA ASP P 23 -75.71 34.67 15.29
C ASP P 23 -75.76 35.41 13.96
N ALA P 24 -76.70 36.37 13.85
CA ALA P 24 -76.86 37.10 12.61
C ALA P 24 -75.64 37.97 12.30
N ARG P 25 -74.89 38.37 13.33
CA ARG P 25 -73.77 39.27 13.12
C ARG P 25 -72.59 38.58 12.45
N ARG P 26 -72.40 37.28 12.69
CA ARG P 26 -71.28 36.58 12.07
C ARG P 26 -71.56 36.35 10.59
N LYS P 27 -70.48 36.19 9.83
CA LYS P 27 -70.59 35.99 8.39
C LYS P 27 -71.36 34.71 8.08
N ARG P 28 -71.90 34.64 6.86
CA ARG P 28 -72.79 33.53 6.51
C ARG P 28 -72.06 32.20 6.41
N ASP P 29 -70.75 32.21 6.18
CA ASP P 29 -69.95 31.00 6.14
C ASP P 29 -69.04 30.86 7.35
N GLY P 30 -69.34 31.56 8.44
CA GLY P 30 -68.51 31.55 9.62
C GLY P 30 -68.92 30.48 10.61
N LYS P 31 -68.34 30.58 11.81
CA LYS P 31 -68.59 29.61 12.87
C LYS P 31 -70.05 29.65 13.32
N TYR P 32 -70.79 28.59 13.06
CA TYR P 32 -72.18 28.51 13.44
C TYR P 32 -72.34 27.70 14.73
N ILE P 33 -73.51 27.86 15.36
CA ILE P 33 -73.76 27.21 16.63
C ILE P 33 -74.06 25.72 16.44
N GLU P 34 -74.87 25.38 15.43
CA GLU P 34 -75.23 23.99 15.19
C GLU P 34 -75.76 23.85 13.76
N LYS P 35 -75.42 22.72 13.13
CA LYS P 35 -75.96 22.37 11.83
C LYS P 35 -77.23 21.54 12.05
N ILE P 36 -78.38 22.09 11.69
CA ILE P 36 -79.65 21.41 11.89
C ILE P 36 -80.18 20.78 10.61
N GLY P 37 -79.52 20.98 9.48
CA GLY P 37 -79.93 20.26 8.28
C GLY P 37 -79.08 20.66 7.10
N TYR P 38 -79.48 20.15 5.94
CA TYR P 38 -78.81 20.51 4.69
C TYR P 38 -79.83 20.53 3.56
N TYR P 39 -79.51 21.33 2.53
CA TYR P 39 -80.40 21.61 1.42
C TYR P 39 -79.61 21.66 0.12
N ASP P 40 -80.10 20.94 -0.89
CA ASP P 40 -79.52 20.95 -2.23
C ASP P 40 -80.53 21.58 -3.19
N PRO P 41 -80.27 22.79 -3.70
CA PRO P 41 -81.30 23.46 -4.52
C PRO P 41 -81.51 22.83 -5.89
N ARG P 42 -80.54 22.09 -6.41
CA ARG P 42 -80.63 21.54 -7.76
C ARG P 42 -81.22 20.14 -7.81
N LYS P 43 -81.52 19.55 -6.65
CA LYS P 43 -82.15 18.24 -6.55
C LYS P 43 -81.34 17.18 -7.31
N THR P 44 -80.08 17.04 -6.91
CA THR P 44 -79.18 16.10 -7.58
C THR P 44 -79.39 14.67 -7.07
N THR P 45 -79.68 14.51 -5.80
CA THR P 45 -79.90 13.22 -5.17
C THR P 45 -81.34 13.08 -4.72
N PRO P 46 -81.82 11.85 -4.50
CA PRO P 46 -83.19 11.68 -3.97
C PRO P 46 -83.38 12.30 -2.60
N ASP P 47 -82.32 12.55 -1.85
CA ASP P 47 -82.38 13.22 -0.57
C ASP P 47 -81.63 14.54 -0.71
N TRP P 48 -82.35 15.56 -1.17
CA TRP P 48 -81.79 16.89 -1.38
C TRP P 48 -82.18 17.88 -0.29
N LEU P 49 -82.87 17.41 0.75
CA LEU P 49 -83.29 18.28 1.84
C LEU P 49 -83.52 17.44 3.08
N LYS P 50 -82.72 17.64 4.11
CA LYS P 50 -82.90 16.95 5.39
C LYS P 50 -82.85 17.96 6.52
N VAL P 51 -83.70 17.76 7.52
CA VAL P 51 -83.84 18.68 8.64
C VAL P 51 -84.06 17.88 9.91
N ASP P 52 -83.34 18.26 10.98
CA ASP P 52 -83.59 17.71 12.31
C ASP P 52 -84.76 18.48 12.93
N VAL P 53 -85.89 17.80 13.10
CA VAL P 53 -87.13 18.49 13.45
C VAL P 53 -87.14 18.90 14.91
N GLU P 54 -86.73 18.00 15.81
CA GLU P 54 -86.76 18.31 17.23
C GLU P 54 -85.80 19.45 17.57
N ARG P 55 -84.63 19.47 16.93
CA ARG P 55 -83.67 20.56 17.17
C ARG P 55 -84.20 21.89 16.65
N ALA P 56 -84.87 21.87 15.50
CA ALA P 56 -85.47 23.10 14.98
C ALA P 56 -86.56 23.60 15.90
N ARG P 57 -87.40 22.69 16.42
CA ARG P 57 -88.41 23.09 17.38
C ARG P 57 -87.78 23.69 18.63
N TYR P 58 -86.67 23.12 19.10
CA TYR P 58 -85.97 23.68 20.25
C TYR P 58 -85.49 25.09 19.97
N TRP P 59 -84.75 25.27 18.87
CA TRP P 59 -84.19 26.59 18.59
C TRP P 59 -85.26 27.62 18.30
N LEU P 60 -86.43 27.20 17.81
CA LEU P 60 -87.54 28.13 17.69
C LEU P 60 -88.17 28.43 19.05
N SER P 61 -88.15 27.46 19.96
CA SER P 61 -88.70 27.69 21.30
C SER P 61 -87.83 28.68 22.07
N VAL P 62 -86.51 28.62 21.88
CA VAL P 62 -85.64 29.53 22.62
C VAL P 62 -85.57 30.91 21.97
N GLY P 63 -86.01 31.06 20.73
CA GLY P 63 -86.11 32.38 20.13
C GLY P 63 -85.24 32.65 18.93
N ALA P 64 -84.95 31.64 18.12
CA ALA P 64 -84.25 31.86 16.86
C ALA P 64 -85.23 32.32 15.79
N GLN P 65 -84.71 33.08 14.83
CA GLN P 65 -85.54 33.63 13.75
C GLN P 65 -85.04 33.13 12.40
N PRO P 66 -85.78 32.27 11.72
CA PRO P 66 -85.33 31.77 10.41
C PRO P 66 -85.56 32.80 9.32
N THR P 67 -84.71 32.70 8.28
CA THR P 67 -84.92 33.49 7.08
C THR P 67 -86.16 32.99 6.34
N ASP P 68 -86.64 33.81 5.40
CA ASP P 68 -87.79 33.41 4.61
C ASP P 68 -87.51 32.12 3.85
N THR P 69 -86.30 32.00 3.28
CA THR P 69 -85.91 30.74 2.64
C THR P 69 -85.77 29.62 3.65
N ALA P 70 -85.14 29.90 4.80
CA ALA P 70 -85.02 28.90 5.84
C ALA P 70 -86.39 28.49 6.37
N ARG P 71 -87.29 29.46 6.54
CA ARG P 71 -88.64 29.14 6.99
C ARG P 71 -89.37 28.28 5.96
N ARG P 72 -89.18 28.59 4.67
CA ARG P 72 -89.79 27.78 3.63
C ARG P 72 -89.28 26.34 3.68
N LEU P 73 -87.97 26.17 3.80
CA LEU P 73 -87.39 24.84 3.85
C LEU P 73 -87.87 24.07 5.09
N LEU P 74 -87.96 24.75 6.23
CA LEU P 74 -88.44 24.09 7.45
C LEU P 74 -89.92 23.72 7.31
N ARG P 75 -90.72 24.59 6.70
CA ARG P 75 -92.13 24.29 6.50
C ARG P 75 -92.31 23.09 5.59
N GLN P 76 -91.45 22.97 4.56
CA GLN P 76 -91.51 21.80 3.70
C GLN P 76 -91.11 20.52 4.44
N ALA P 77 -90.33 20.64 5.52
CA ALA P 77 -89.93 19.50 6.32
C ALA P 77 -90.87 19.26 7.51
N GLY P 78 -92.02 19.92 7.53
CA GLY P 78 -93.01 19.68 8.57
C GLY P 78 -92.58 20.10 9.96
N VAL P 79 -91.76 21.14 10.09
CA VAL P 79 -91.36 21.61 11.41
C VAL P 79 -92.52 22.29 12.11
N PHE P 80 -93.36 23.01 11.35
CA PHE P 80 -94.48 23.74 11.90
C PHE P 80 -95.79 22.95 11.86
N ARG P 81 -95.77 21.74 11.31
CA ARG P 81 -96.99 20.95 11.17
C ARG P 81 -97.51 20.54 12.54
N GLN P 82 -98.74 20.92 12.84
CA GLN P 82 -99.38 20.62 14.12
C GLN P 82 -100.64 19.78 13.95
N GLU P 83 -100.79 19.12 12.81
CA GLU P 83 -101.99 18.34 12.52
C GLU P 83 -102.13 17.16 13.49
N ALA P 84 -101.18 16.24 13.44
N PRO Q 1 -64.08 23.84 37.99
CA PRO Q 1 -63.61 23.93 39.38
C PRO Q 1 -62.43 24.87 39.54
N LYS Q 2 -62.42 25.64 40.63
CA LYS Q 2 -61.31 26.53 40.90
C LYS Q 2 -60.06 25.74 41.25
N LYS Q 3 -58.95 26.05 40.57
CA LYS Q 3 -57.71 25.31 40.75
C LYS Q 3 -57.23 25.39 42.20
N VAL Q 4 -56.77 24.27 42.73
CA VAL Q 4 -56.25 24.18 44.08
C VAL Q 4 -54.84 23.61 44.01
N LEU Q 5 -53.88 24.34 44.56
CA LEU Q 5 -52.48 23.95 44.61
C LEU Q 5 -52.06 23.72 46.07
N THR Q 6 -50.84 23.27 46.25
CA THR Q 6 -50.30 22.99 47.59
C THR Q 6 -48.84 23.43 47.62
N GLY Q 7 -48.50 24.29 48.58
CA GLY Q 7 -47.16 24.81 48.63
C GLY Q 7 -46.67 25.23 50.01
N VAL Q 8 -45.56 25.96 50.03
CA VAL Q 8 -44.87 26.33 51.26
C VAL Q 8 -44.85 27.85 51.36
N VAL Q 9 -45.16 28.37 52.55
CA VAL Q 9 -45.08 29.80 52.81
C VAL Q 9 -43.61 30.17 53.02
N VAL Q 10 -43.08 31.02 52.14
CA VAL Q 10 -41.67 31.39 52.14
C VAL Q 10 -41.45 32.87 52.40
N SER Q 11 -42.51 33.66 52.55
CA SER Q 11 -42.37 35.09 52.79
C SER Q 11 -43.63 35.58 53.51
N ASP Q 12 -43.48 35.95 54.78
CA ASP Q 12 -44.55 36.59 55.55
C ASP Q 12 -44.28 38.07 55.77
N LYS Q 13 -43.35 38.66 55.00
CA LYS Q 13 -42.93 40.03 55.20
C LYS Q 13 -43.94 41.05 54.70
N MET Q 14 -45.00 40.62 54.05
CA MET Q 14 -46.04 41.52 53.56
C MET Q 14 -47.23 41.54 54.52
N GLN Q 15 -48.06 42.56 54.37
CA GLN Q 15 -49.26 42.72 55.18
C GLN Q 15 -50.40 41.94 54.53
N LYS Q 16 -50.98 41.00 55.28
CA LYS Q 16 -52.11 40.20 54.83
C LYS Q 16 -51.80 39.44 53.54
N THR Q 17 -50.56 39.01 53.37
CA THR Q 17 -50.15 38.32 52.15
C THR Q 17 -49.04 37.33 52.48
N VAL Q 18 -49.03 36.21 51.76
CA VAL Q 18 -47.98 35.21 51.89
C VAL Q 18 -47.50 34.82 50.50
N THR Q 19 -46.31 34.25 50.43
CA THR Q 19 -45.72 33.78 49.18
C THR Q 19 -45.63 32.26 49.23
N VAL Q 20 -46.51 31.60 48.50
CA VAL Q 20 -46.61 30.14 48.51
C VAL Q 20 -45.87 29.60 47.30
N LEU Q 21 -44.78 28.90 47.54
CA LEU Q 21 -44.05 28.20 46.48
C LEU Q 21 -44.68 26.83 46.26
N VAL Q 22 -45.03 26.54 45.01
CA VAL Q 22 -45.70 25.31 44.63
C VAL Q 22 -44.86 24.61 43.58
N GLU Q 23 -44.52 23.34 43.84
CA GLU Q 23 -43.77 22.53 42.90
C GLU Q 23 -44.70 21.64 42.09
N ARG Q 24 -44.16 21.09 41.00
CA ARG Q 24 -44.92 20.19 40.14
C ARG Q 24 -43.95 19.35 39.33
N GLN Q 25 -44.28 18.07 39.20
CA GLN Q 25 -43.50 17.14 38.39
C GLN Q 25 -44.26 16.81 37.10
N PHE Q 26 -43.50 16.63 36.02
CA PHE Q 26 -44.10 16.26 34.75
C PHE Q 26 -43.02 15.69 33.85
N PRO Q 27 -43.38 14.77 32.96
CA PRO Q 27 -42.38 14.25 32.01
C PRO Q 27 -42.03 15.31 30.97
N HIS Q 28 -40.75 15.37 30.63
CA HIS Q 28 -40.29 16.31 29.61
C HIS Q 28 -40.99 16.00 28.28
N PRO Q 29 -41.39 17.02 27.52
CA PRO Q 29 -42.16 16.74 26.30
C PRO Q 29 -41.41 15.93 25.26
N LEU Q 30 -40.09 16.03 25.22
CA LEU Q 30 -39.29 15.29 24.25
C LEU Q 30 -38.37 14.26 24.87
N TYR Q 31 -37.79 14.55 26.03
CA TYR Q 31 -36.79 13.69 26.64
C TYR Q 31 -37.36 12.78 27.72
N GLY Q 32 -38.65 12.90 28.03
CA GLY Q 32 -39.34 11.94 28.87
C GLY Q 32 -38.96 11.92 30.33
N LYS Q 33 -37.86 12.58 30.72
CA LYS Q 33 -37.46 12.59 32.11
C LYS Q 33 -38.51 13.33 32.96
N VAL Q 34 -38.81 12.77 34.13
CA VAL Q 34 -39.73 13.41 35.05
C VAL Q 34 -39.00 14.59 35.70
N ILE Q 35 -39.29 15.79 35.21
CA ILE Q 35 -38.63 17.00 35.68
C ILE Q 35 -39.55 17.73 36.63
N LYS Q 36 -38.93 18.53 37.51
CA LYS Q 36 -39.62 19.21 38.60
C LYS Q 36 -39.47 20.72 38.41
N ARG Q 37 -40.58 21.39 38.15
CA ARG Q 37 -40.62 22.85 38.03
C ARG Q 37 -41.33 23.41 39.26
N SER Q 38 -41.20 24.73 39.45
CA SER Q 38 -41.79 25.38 40.62
C SER Q 38 -42.22 26.79 40.25
N LYS Q 39 -43.17 27.32 41.04
CA LYS Q 39 -43.69 28.65 40.80
C LYS Q 39 -44.21 29.23 42.12
N LYS Q 40 -43.95 30.52 42.34
CA LYS Q 40 -44.42 31.22 43.52
C LYS Q 40 -45.71 31.96 43.22
N TYR Q 41 -46.67 31.86 44.15
CA TYR Q 41 -47.95 32.53 44.04
C TYR Q 41 -48.16 33.41 45.27
N LEU Q 42 -48.66 34.62 45.05
CA LEU Q 42 -48.99 35.52 46.15
C LEU Q 42 -50.39 35.21 46.62
N ALA Q 43 -50.50 34.62 47.81
CA ALA Q 43 -51.76 34.19 48.38
C ALA Q 43 -52.22 35.17 49.46
N HIS Q 44 -53.54 35.21 49.67
CA HIS Q 44 -54.17 36.16 50.57
C HIS Q 44 -54.37 35.53 51.93
N ASP Q 45 -53.85 36.18 52.97
CA ASP Q 45 -54.03 35.75 54.36
C ASP Q 45 -54.63 36.93 55.13
N PRO Q 46 -55.96 37.04 55.16
CA PRO Q 46 -56.59 38.24 55.76
C PRO Q 46 -56.45 38.31 57.27
N GLU Q 47 -56.02 37.25 57.94
CA GLU Q 47 -55.90 37.23 59.39
C GLU Q 47 -54.47 37.08 59.87
N GLU Q 48 -53.49 37.12 58.96
CA GLU Q 48 -52.08 36.85 59.29
C GLU Q 48 -51.95 35.53 60.05
N LYS Q 49 -52.77 34.55 59.64
CA LYS Q 49 -52.87 33.28 60.36
C LYS Q 49 -51.68 32.37 60.07
N TYR Q 50 -51.18 32.39 58.84
CA TYR Q 50 -50.13 31.48 58.41
C TYR Q 50 -48.77 32.19 58.49
N LYS Q 51 -47.75 31.43 58.88
CA LYS Q 51 -46.40 31.96 59.07
C LYS Q 51 -45.42 31.20 58.18
N LEU Q 52 -44.13 31.49 58.37
CA LEU Q 52 -43.09 30.91 57.53
C LEU Q 52 -42.98 29.41 57.76
N GLY Q 53 -42.79 28.66 56.67
CA GLY Q 53 -42.61 27.23 56.74
C GLY Q 53 -43.88 26.40 56.70
N ASP Q 54 -45.04 27.03 56.85
CA ASP Q 54 -46.29 26.29 56.86
C ASP Q 54 -46.64 25.81 55.46
N VAL Q 55 -46.94 24.52 55.35
CA VAL Q 55 -47.38 23.94 54.07
C VAL Q 55 -48.89 24.03 54.01
N VAL Q 56 -49.39 24.75 53.00
CA VAL Q 56 -50.79 25.14 52.92
C VAL Q 56 -51.35 24.83 51.53
N GLU Q 57 -52.67 24.73 51.47
CA GLU Q 57 -53.39 24.62 50.21
C GLU Q 57 -53.86 26.01 49.76
N ILE Q 58 -53.93 26.19 48.45
CA ILE Q 58 -54.20 27.47 47.81
C ILE Q 58 -55.32 27.29 46.80
N ILE Q 59 -56.26 28.24 46.78
CA ILE Q 59 -57.43 28.15 45.93
C ILE Q 59 -57.52 29.38 45.05
N GLU Q 60 -57.90 29.16 43.79
CA GLU Q 60 -58.12 30.25 42.85
C GLU Q 60 -59.25 31.14 43.34
N SER Q 61 -59.02 32.45 43.32
CA SER Q 61 -59.93 33.38 43.96
C SER Q 61 -60.18 34.58 43.05
N ARG Q 62 -61.24 35.31 43.37
CA ARG Q 62 -61.46 36.63 42.79
C ARG Q 62 -60.26 37.51 43.10
N PRO Q 63 -59.73 38.27 42.13
CA PRO Q 63 -58.47 38.99 42.34
C PRO Q 63 -58.53 39.96 43.50
N ILE Q 64 -57.50 39.92 44.33
CA ILE Q 64 -57.37 40.83 45.46
C ILE Q 64 -56.53 42.05 45.12
N SER Q 65 -55.53 41.86 44.27
CA SER Q 65 -54.73 42.95 43.72
C SER Q 65 -53.93 42.41 42.53
N LYS Q 66 -53.22 43.30 41.85
CA LYS Q 66 -52.29 42.87 40.82
C LYS Q 66 -51.29 41.90 41.41
N ARG Q 67 -51.06 40.80 40.72
CA ARG Q 67 -50.15 39.72 41.11
C ARG Q 67 -50.74 38.86 42.24
N LYS Q 68 -51.87 39.24 42.82
CA LYS Q 68 -52.48 38.53 43.94
C LYS Q 68 -53.84 38.00 43.49
N ARG Q 69 -53.90 36.69 43.20
CA ARG Q 69 -55.11 36.08 42.65
C ARG Q 69 -55.46 34.77 43.34
N PHE Q 70 -55.03 34.56 44.58
CA PHE Q 70 -55.23 33.28 45.24
C PHE Q 70 -55.45 33.49 46.72
N ARG Q 71 -56.24 32.60 47.32
CA ARG Q 71 -56.46 32.60 48.77
C ARG Q 71 -55.92 31.32 49.37
N VAL Q 72 -55.67 31.35 50.68
CA VAL Q 72 -55.15 30.19 51.39
C VAL Q 72 -56.34 29.39 51.89
N LEU Q 73 -56.53 28.20 51.32
CA LEU Q 73 -57.67 27.37 51.69
C LEU Q 73 -57.54 26.86 53.12
N ARG Q 74 -56.49 26.10 53.40
CA ARG Q 74 -56.31 25.51 54.71
C ARG Q 74 -54.84 25.21 54.93
N LEU Q 75 -54.50 24.83 56.15
CA LEU Q 75 -53.13 24.46 56.52
C LEU Q 75 -52.99 22.95 56.40
N VAL Q 76 -52.15 22.51 55.46
CA VAL Q 76 -51.89 21.08 55.31
C VAL Q 76 -51.05 20.58 56.48
N GLU Q 77 -49.88 21.15 56.68
CA GLU Q 77 -49.06 20.78 57.82
C GLU Q 77 -48.27 21.99 58.31
N SER Q 78 -47.90 21.94 59.58
CA SER Q 78 -47.28 23.07 60.26
C SER Q 78 -45.87 23.32 59.73
N GLY Q 79 -45.22 24.32 60.31
CA GLY Q 79 -43.92 24.79 59.85
C GLY Q 79 -42.84 23.73 59.70
N ARG Q 80 -42.28 23.65 58.50
CA ARG Q 80 -41.12 22.81 58.22
C ARG Q 80 -40.11 23.68 57.47
N MET Q 81 -39.14 24.22 58.20
CA MET Q 81 -38.24 25.23 57.65
C MET Q 81 -37.19 24.65 56.71
N ASP Q 82 -37.21 23.34 56.42
CA ASP Q 82 -36.23 22.76 55.52
C ASP Q 82 -36.43 23.27 54.09
N LEU Q 83 -37.68 23.29 53.62
CA LEU Q 83 -37.95 23.77 52.27
C LEU Q 83 -37.70 25.27 52.15
N VAL Q 84 -38.04 26.03 53.20
CA VAL Q 84 -37.75 27.46 53.20
C VAL Q 84 -36.25 27.69 53.17
N GLU Q 85 -35.48 26.88 53.90
CA GLU Q 85 -34.03 27.00 53.84
C GLU Q 85 -33.50 26.66 52.46
N LYS Q 86 -34.06 25.64 51.82
CA LYS Q 86 -33.65 25.30 50.46
C LYS Q 86 -33.90 26.47 49.50
N TYR Q 87 -35.08 27.08 49.60
CA TYR Q 87 -35.40 28.22 48.74
C TYR Q 87 -34.48 29.40 49.02
N LEU Q 88 -34.19 29.66 50.30
CA LEU Q 88 -33.33 30.78 50.65
C LEU Q 88 -31.90 30.54 50.18
N ILE Q 89 -31.42 29.30 50.21
CA ILE Q 89 -30.09 29.00 49.68
C ILE Q 89 -30.07 29.17 48.17
N ARG Q 90 -31.11 28.69 47.48
CA ARG Q 90 -31.19 28.86 46.04
C ARG Q 90 -31.22 30.33 45.66
N ARG Q 91 -31.83 31.18 46.50
CA ARG Q 91 -31.82 32.61 46.23
C ARG Q 91 -30.46 33.23 46.54
N GLN Q 92 -29.86 32.86 47.68
CA GLN Q 92 -28.59 33.45 48.09
C GLN Q 92 -27.47 33.10 47.14
N ASN Q 93 -27.57 31.96 46.44
CA ASN Q 93 -26.55 31.60 45.46
C ASN Q 93 -26.45 32.60 44.32
N TYR Q 94 -27.48 33.43 44.12
CA TYR Q 94 -27.48 34.38 43.01
C TYR Q 94 -26.47 35.51 43.21
N GLU Q 95 -26.07 35.79 44.45
CA GLU Q 95 -25.11 36.86 44.72
C GLU Q 95 -23.68 36.47 44.35
N SER Q 96 -23.41 35.18 44.11
CA SER Q 96 -22.05 34.75 43.82
C SER Q 96 -21.66 34.93 42.36
N LEU Q 97 -22.63 35.02 41.45
CA LEU Q 97 -22.34 35.12 40.02
C LEU Q 97 -22.84 36.46 39.50
N SER Q 98 -22.01 37.49 39.64
CA SER Q 98 -22.30 38.79 39.06
C SER Q 98 -21.22 39.23 38.08
N LYS Q 99 -19.97 39.37 38.53
CA LYS Q 99 -18.86 39.78 37.68
C LYS Q 99 -17.54 39.71 38.43
N PRO R 1 27.39 -10.19 35.79
CA PRO R 1 26.31 -10.86 36.50
C PRO R 1 26.54 -10.92 38.02
N SER R 2 27.76 -10.57 38.44
CA SER R 2 28.14 -10.54 39.86
C SER R 2 27.93 -11.92 40.51
N ARG R 3 28.66 -12.90 39.98
CA ARG R 3 28.61 -14.26 40.51
C ARG R 3 29.70 -14.55 41.53
N LYS R 4 30.45 -13.52 41.94
CA LYS R 4 31.54 -13.75 42.89
C LYS R 4 31.01 -14.12 44.26
N ALA R 5 30.23 -13.22 44.88
CA ALA R 5 29.67 -13.46 46.20
C ALA R 5 28.62 -12.40 46.49
N LYS R 6 27.64 -12.78 47.31
CA LYS R 6 26.63 -11.85 47.82
C LYS R 6 27.02 -11.43 49.23
N VAL R 7 26.91 -10.13 49.51
CA VAL R 7 27.35 -9.60 50.79
C VAL R 7 26.49 -10.14 51.93
N LYS R 8 25.19 -10.29 51.70
CA LYS R 8 24.31 -10.83 52.74
C LYS R 8 24.66 -12.27 53.05
N ALA R 9 24.86 -13.10 52.02
CA ALA R 9 25.22 -14.49 52.24
C ALA R 9 26.60 -14.64 52.84
N THR R 10 27.50 -13.68 52.58
CA THR R 10 28.83 -13.66 53.15
C THR R 10 28.86 -13.06 54.56
N LEU R 11 27.69 -12.95 55.20
CA LEU R 11 27.60 -12.34 56.52
C LEU R 11 26.57 -13.10 57.35
N GLY R 12 26.50 -12.76 58.63
CA GLY R 12 25.58 -13.44 59.53
C GLY R 12 24.45 -12.56 60.03
N GLU R 13 24.18 -12.60 61.32
CA GLU R 13 23.14 -11.79 61.93
C GLU R 13 23.68 -10.41 62.27
N PHE R 14 23.01 -9.38 61.76
CA PHE R 14 23.45 -8.01 61.98
C PHE R 14 22.27 -7.06 61.88
N ASP R 15 22.43 -5.89 62.47
CA ASP R 15 21.40 -4.85 62.45
C ASP R 15 21.63 -3.95 61.24
N LEU R 16 20.60 -3.80 60.42
CA LEU R 16 20.68 -2.92 59.26
C LEU R 16 20.54 -1.45 59.63
N ARG R 17 19.87 -1.14 60.74
CA ARG R 17 19.62 0.24 61.13
C ARG R 17 20.71 0.82 62.02
N ASP R 18 21.76 0.06 62.32
CA ASP R 18 22.85 0.54 63.16
C ASP R 18 23.83 1.33 62.30
N TYR R 19 23.85 2.64 62.49
CA TYR R 19 24.76 3.52 61.76
C TYR R 19 26.14 3.59 62.39
N ARG R 20 26.34 3.02 63.58
CA ARG R 20 27.61 3.11 64.27
C ARG R 20 28.53 1.91 64.00
N ASN R 21 27.97 0.80 63.54
CA ASN R 21 28.77 -0.41 63.30
C ASN R 21 29.47 -0.26 61.95
N VAL R 22 30.78 -0.01 61.99
CA VAL R 22 31.54 0.26 60.77
C VAL R 22 31.96 -1.04 60.10
N GLU R 23 32.54 -1.96 60.87
CA GLU R 23 33.14 -3.17 60.31
C GLU R 23 32.17 -4.02 59.51
N VAL R 24 30.87 -3.75 59.60
CA VAL R 24 29.88 -4.43 58.76
C VAL R 24 29.50 -3.60 57.55
N LEU R 25 29.38 -2.28 57.70
CA LEU R 25 28.97 -1.43 56.59
C LEU R 25 30.10 -1.23 55.59
N LYS R 26 31.35 -1.36 56.04
CA LYS R 26 32.49 -1.31 55.11
C LYS R 26 32.37 -2.40 54.06
N ARG R 27 31.86 -3.58 54.45
CA ARG R 27 31.67 -4.67 53.51
C ARG R 27 30.64 -4.36 52.44
N PHE R 28 29.74 -3.41 52.69
CA PHE R 28 28.71 -3.04 51.73
C PHE R 28 29.13 -1.91 50.79
N LEU R 29 30.27 -1.27 51.05
CA LEU R 29 30.82 -0.30 50.12
C LEU R 29 31.72 -0.99 49.10
N SER R 30 31.84 -0.38 47.93
CA SER R 30 32.67 -0.93 46.87
C SER R 30 34.13 -0.61 47.15
N GLU R 31 35.00 -0.82 46.15
CA GLU R 31 36.38 -0.39 46.27
C GLU R 31 36.45 1.11 46.51
N THR R 32 35.60 1.88 45.81
CA THR R 32 35.39 3.27 46.12
C THR R 32 34.39 3.41 47.27
N GLY R 33 34.21 4.63 47.75
CA GLY R 33 33.24 4.87 48.80
C GLY R 33 31.79 4.72 48.39
N LYS R 34 31.52 4.29 47.16
CA LYS R 34 30.16 4.19 46.66
C LYS R 34 29.42 3.03 47.33
N ILE R 35 28.10 3.15 47.35
CA ILE R 35 27.24 2.08 47.87
C ILE R 35 27.05 1.03 46.77
N LEU R 36 27.22 -0.23 47.14
CA LEU R 36 27.07 -1.31 46.18
C LEU R 36 25.61 -1.42 45.71
N PRO R 37 25.40 -1.86 44.46
CA PRO R 37 24.02 -2.05 43.98
C PRO R 37 23.37 -3.28 44.59
N ARG R 38 22.15 -3.59 44.15
CA ARG R 38 21.44 -4.75 44.67
C ARG R 38 22.09 -6.06 44.27
N ARG R 39 22.68 -6.12 43.07
CA ARG R 39 23.28 -7.35 42.59
C ARG R 39 24.47 -7.77 43.44
N ARG R 40 25.17 -6.81 44.05
CA ARG R 40 26.32 -7.12 44.88
C ARG R 40 25.94 -7.40 46.32
N THR R 41 25.00 -6.63 46.88
CA THR R 41 24.61 -6.81 48.27
C THR R 41 23.67 -7.99 48.48
N GLY R 42 22.89 -8.34 47.46
CA GLY R 42 21.93 -9.42 47.60
C GLY R 42 20.81 -9.15 48.56
N LEU R 43 20.55 -7.88 48.88
CA LEU R 43 19.48 -7.51 49.79
C LEU R 43 18.17 -7.36 49.02
N SER R 44 17.11 -7.01 49.74
CA SER R 44 15.81 -6.75 49.16
C SER R 44 15.59 -5.24 49.05
N ALA R 45 14.40 -4.86 48.56
CA ALA R 45 14.11 -3.43 48.38
C ALA R 45 14.11 -2.69 49.70
N LYS R 46 13.40 -3.23 50.70
CA LYS R 46 13.33 -2.60 52.01
C LYS R 46 14.70 -2.58 52.69
N GLU R 47 15.40 -3.72 52.64
CA GLU R 47 16.72 -3.81 53.24
C GLU R 47 17.68 -2.81 52.61
N GLN R 48 17.68 -2.73 51.28
CA GLN R 48 18.56 -1.77 50.58
C GLN R 48 18.18 -0.34 50.92
N ARG R 49 16.88 -0.05 51.00
CA ARG R 49 16.44 1.32 51.28
C ARG R 49 16.86 1.75 52.68
N ILE R 50 16.84 0.82 53.64
CA ILE R 50 17.32 1.15 54.98
C ILE R 50 18.83 1.27 55.02
N LEU R 51 19.52 0.35 54.35
CA LEU R 51 20.99 0.36 54.31
C LEU R 51 21.51 1.68 53.74
N ALA R 52 20.81 2.22 52.73
CA ALA R 52 21.24 3.48 52.13
C ALA R 52 21.29 4.59 53.17
N LYS R 53 20.18 4.80 53.88
CA LYS R 53 20.13 5.89 54.86
C LYS R 53 21.09 5.65 56.02
N THR R 54 21.26 4.39 56.43
CA THR R 54 22.19 4.14 57.52
C THR R 54 23.64 4.38 57.11
N ILE R 55 23.99 4.01 55.87
CA ILE R 55 25.33 4.30 55.36
C ILE R 55 25.54 5.80 55.25
N LYS R 56 24.52 6.54 54.83
CA LYS R 56 24.64 7.99 54.74
C LYS R 56 24.83 8.61 56.13
N ARG R 57 24.11 8.09 57.12
CA ARG R 57 24.32 8.55 58.50
C ARG R 57 25.76 8.30 58.95
N ALA R 58 26.27 7.09 58.71
CA ALA R 58 27.65 6.78 59.08
C ALA R 58 28.65 7.66 58.34
N ARG R 59 28.34 8.02 57.08
CA ARG R 59 29.20 8.94 56.33
C ARG R 59 29.23 10.31 56.98
N ILE R 60 28.06 10.85 57.32
CA ILE R 60 28.00 12.18 57.93
C ILE R 60 28.70 12.16 59.28
N LEU R 61 28.60 11.05 60.02
CA LEU R 61 29.32 10.95 61.29
C LEU R 61 30.83 10.89 61.09
N GLY R 62 31.30 10.57 59.89
CA GLY R 62 32.72 10.47 59.64
C GLY R 62 33.30 9.06 59.70
N LEU R 63 32.45 8.04 59.81
CA LEU R 63 32.89 6.66 59.93
C LEU R 63 33.11 6.01 58.56
N LEU R 64 32.22 6.30 57.61
CA LEU R 64 32.33 5.76 56.26
C LEU R 64 32.68 6.89 55.28
N PRO R 65 33.45 6.58 54.24
CA PRO R 65 33.88 7.64 53.31
C PRO R 65 32.80 7.98 52.30
N PHE R 66 32.86 9.22 51.82
CA PHE R 66 31.99 9.65 50.73
C PHE R 66 32.48 9.14 49.39
N THR R 67 33.80 9.12 49.20
CA THR R 67 34.40 8.61 47.97
C THR R 67 35.84 8.23 48.27
N GLU R 68 36.37 7.31 47.47
CA GLU R 68 37.74 6.86 47.57
C GLU R 68 38.42 6.99 46.21
N LYS R 69 39.67 6.52 46.15
CA LYS R 69 40.45 6.57 44.93
C LYS R 69 40.75 5.16 44.45
N LEU R 70 40.51 4.92 43.15
CA LEU R 70 40.74 3.60 42.58
C LEU R 70 42.24 3.33 42.48
N VAL R 71 42.63 2.06 42.69
CA VAL R 71 44.02 1.67 42.67
C VAL R 71 44.24 0.64 41.57
N ARG R 72 45.49 0.56 41.10
CA ARG R 72 45.95 -0.46 40.16
C ARG R 72 45.30 -0.36 38.78
N LYS R 73 44.79 0.81 38.41
CA LYS R 73 44.16 0.96 37.10
C LYS R 73 45.20 0.86 35.99
N PRO S 1 51.17 17.99 -57.08
CA PRO S 1 51.34 16.54 -57.12
C PRO S 1 50.12 15.82 -57.66
N ARG S 2 49.50 16.38 -58.69
CA ARG S 2 48.29 15.83 -59.29
C ARG S 2 48.60 15.20 -60.64
N SER S 3 47.66 14.39 -61.13
CA SER S 3 47.78 13.69 -62.41
C SER S 3 46.46 13.02 -62.79
N LEU S 4 46.17 12.87 -64.09
CA LEU S 4 45.01 12.09 -64.47
C LEU S 4 45.38 10.82 -65.22
N LYS S 5 45.98 10.94 -66.41
CA LYS S 5 46.47 9.80 -67.19
C LYS S 5 47.08 10.31 -68.49
N LYS S 6 47.66 9.42 -69.28
CA LYS S 6 47.93 9.74 -70.67
C LYS S 6 46.61 9.88 -71.43
N GLY S 7 46.60 10.76 -72.42
CA GLY S 7 45.37 11.06 -73.12
C GLY S 7 44.45 11.93 -72.28
N VAL S 8 44.86 13.18 -72.07
CA VAL S 8 44.14 14.08 -71.18
C VAL S 8 42.68 14.19 -71.59
N PHE S 9 41.79 14.20 -70.60
CA PHE S 9 40.36 14.23 -70.85
C PHE S 9 39.86 15.66 -70.91
N VAL S 10 39.09 15.97 -71.96
CA VAL S 10 38.38 17.23 -72.10
C VAL S 10 36.98 16.93 -72.60
N ASP S 11 35.97 17.52 -71.96
CA ASP S 11 34.59 17.29 -72.38
C ASP S 11 34.37 17.82 -73.79
N ASP S 12 33.82 16.95 -74.65
CA ASP S 12 33.58 17.30 -76.05
C ASP S 12 32.36 18.21 -76.23
N HIS S 13 31.75 18.67 -75.14
CA HIS S 13 30.64 19.62 -75.25
C HIS S 13 31.12 20.96 -75.79
N LEU S 14 32.05 21.60 -75.07
CA LEU S 14 32.63 22.86 -75.50
C LEU S 14 33.86 22.68 -76.37
N LEU S 15 34.38 21.45 -76.49
CA LEU S 15 35.56 21.23 -77.32
C LEU S 15 35.26 21.57 -78.78
N GLU S 16 34.09 21.16 -79.28
CA GLU S 16 33.69 21.56 -80.62
C GLU S 16 33.28 23.03 -80.66
N LYS S 17 32.73 23.55 -79.57
CA LYS S 17 32.23 24.92 -79.55
C LYS S 17 33.37 25.93 -79.70
N VAL S 18 34.46 25.72 -78.96
CA VAL S 18 35.57 26.68 -78.99
C VAL S 18 36.24 26.67 -80.36
N LEU S 19 36.36 25.50 -80.99
CA LEU S 19 36.96 25.45 -82.32
C LEU S 19 36.00 26.02 -83.37
N GLU S 20 34.69 25.83 -83.21
CA GLU S 20 33.74 26.47 -84.12
C GLU S 20 33.78 27.99 -83.98
N LEU S 21 34.05 28.48 -82.78
CA LEU S 21 34.21 29.93 -82.62
C LEU S 21 35.51 30.41 -83.26
N ASN S 22 36.61 29.67 -83.06
CA ASN S 22 37.87 30.03 -83.68
C ASN S 22 37.79 29.97 -85.20
N ALA S 23 36.92 29.12 -85.74
CA ALA S 23 36.79 28.98 -87.18
C ALA S 23 36.29 30.27 -87.84
N LYS S 24 35.48 31.06 -87.13
CA LYS S 24 34.94 32.28 -87.69
C LYS S 24 35.31 33.55 -86.93
N GLY S 25 35.80 33.45 -85.70
CA GLY S 25 36.20 34.65 -84.99
C GLY S 25 36.47 34.48 -83.51
N GLU S 26 35.97 35.42 -82.72
CA GLU S 26 36.23 35.48 -81.28
C GLU S 26 34.95 35.80 -80.52
N LYS S 27 33.86 35.10 -80.88
CA LYS S 27 32.52 35.37 -80.35
C LYS S 27 32.51 35.45 -78.82
N ARG S 28 31.47 36.10 -78.28
CA ARG S 28 31.41 36.49 -76.88
C ARG S 28 31.09 35.34 -75.93
N LEU S 29 30.78 35.69 -74.67
CA LEU S 29 30.59 34.75 -73.58
C LEU S 29 29.94 33.44 -74.02
N ILE S 30 30.52 32.34 -73.54
CA ILE S 30 29.95 31.00 -73.66
C ILE S 30 29.54 30.56 -72.26
N LYS S 31 28.47 29.77 -72.19
CA LYS S 31 27.96 29.23 -70.93
C LYS S 31 28.19 27.74 -70.91
N THR S 32 28.88 27.25 -69.87
CA THR S 32 29.24 25.84 -69.79
C THR S 32 28.97 25.33 -68.38
N TRP S 33 28.28 24.20 -68.29
CA TRP S 33 28.08 23.50 -67.02
C TRP S 33 29.14 22.44 -66.76
N SER S 34 29.97 22.12 -67.76
CA SER S 34 31.01 21.11 -67.64
C SER S 34 32.27 21.77 -67.09
N ARG S 35 32.41 21.74 -65.77
CA ARG S 35 33.60 22.23 -65.10
C ARG S 35 34.66 21.14 -64.93
N ARG S 36 34.35 19.89 -65.27
CA ARG S 36 35.29 18.80 -65.19
C ARG S 36 36.29 18.78 -66.34
N SER S 37 36.05 19.56 -67.39
CA SER S 37 36.93 19.54 -68.55
C SER S 37 38.23 20.29 -68.27
N THR S 38 39.27 19.90 -68.98
CA THR S 38 40.59 20.49 -68.83
C THR S 38 40.79 21.61 -69.85
N ILE S 39 41.57 22.61 -69.46
CA ILE S 39 41.86 23.75 -70.34
C ILE S 39 42.89 23.34 -71.37
N VAL S 40 42.60 23.61 -72.64
CA VAL S 40 43.52 23.32 -73.74
C VAL S 40 44.00 24.64 -74.33
N PRO S 41 45.16 24.66 -75.01
CA PRO S 41 45.68 25.94 -75.51
C PRO S 41 44.77 26.67 -76.47
N GLU S 42 43.95 25.96 -77.25
CA GLU S 42 43.08 26.62 -78.22
C GLU S 42 41.96 27.42 -77.57
N MET S 43 41.87 27.44 -76.24
CA MET S 43 40.88 28.25 -75.53
C MET S 43 41.42 29.60 -75.09
N VAL S 44 42.73 29.81 -75.15
CA VAL S 44 43.34 31.03 -74.63
C VAL S 44 42.81 32.24 -75.39
N GLY S 45 42.35 33.24 -74.65
CA GLY S 45 41.82 34.46 -75.22
C GLY S 45 40.30 34.58 -75.17
N HIS S 46 39.59 33.46 -75.05
CA HIS S 46 38.14 33.49 -74.99
C HIS S 46 37.67 33.81 -73.58
N THR S 47 36.35 33.76 -73.38
CA THR S 47 35.73 34.02 -72.09
C THR S 47 34.61 33.01 -71.89
N ILE S 48 34.70 32.21 -70.84
CA ILE S 48 33.77 31.12 -70.59
C ILE S 48 33.06 31.38 -69.27
N ALA S 49 31.74 31.31 -69.29
CA ALA S 49 30.93 31.45 -68.07
C ALA S 49 30.75 30.06 -67.47
N VAL S 50 31.40 29.82 -66.34
CA VAL S 50 31.35 28.52 -65.69
C VAL S 50 30.27 28.54 -64.63
N TYR S 51 29.48 27.46 -64.56
CA TYR S 51 28.39 27.35 -63.61
C TYR S 51 28.94 26.86 -62.27
N ASN S 52 28.87 27.70 -61.25
CA ASN S 52 29.38 27.38 -59.92
C ASN S 52 28.35 26.69 -59.04
N GLY S 53 27.25 26.21 -59.60
CA GLY S 53 26.15 25.64 -58.87
C GLY S 53 24.97 26.57 -58.69
N LYS S 54 25.21 27.88 -58.73
CA LYS S 54 24.15 28.87 -58.60
C LYS S 54 24.05 29.77 -59.83
N GLN S 55 25.17 30.31 -60.30
CA GLN S 55 25.18 31.24 -61.42
C GLN S 55 26.33 30.90 -62.36
N HIS S 56 26.50 31.72 -63.37
CA HIS S 56 27.60 31.60 -64.32
C HIS S 56 28.59 32.74 -64.09
N VAL S 57 29.83 32.39 -63.78
CA VAL S 57 30.89 33.37 -63.54
C VAL S 57 31.69 33.54 -64.83
N PRO S 58 31.99 34.76 -65.25
CA PRO S 58 32.73 35.03 -66.50
C PRO S 58 34.25 34.86 -66.36
N VAL S 59 34.72 33.62 -66.43
CA VAL S 59 36.13 33.32 -66.32
C VAL S 59 36.81 33.68 -67.63
N TYR S 60 37.76 34.61 -67.56
CA TYR S 60 38.62 34.94 -68.70
C TYR S 60 39.90 34.11 -68.60
N ILE S 61 40.26 33.46 -69.70
CA ILE S 61 41.39 32.53 -69.73
C ILE S 61 42.59 33.22 -70.35
N THR S 62 43.75 33.04 -69.72
CA THR S 62 45.02 33.60 -70.17
C THR S 62 45.97 32.46 -70.53
N GLU S 63 47.23 32.82 -70.82
CA GLU S 63 48.21 31.83 -71.24
C GLU S 63 48.62 30.93 -70.08
N ASN S 64 48.91 31.52 -68.93
CA ASN S 64 49.37 30.77 -67.75
C ASN S 64 48.27 29.95 -67.08
N MET S 65 47.07 29.86 -67.67
CA MET S 65 45.97 29.10 -67.08
C MET S 65 45.76 27.74 -67.76
N VAL S 66 46.61 27.38 -68.71
CA VAL S 66 46.46 26.12 -69.43
C VAL S 66 46.88 24.96 -68.54
N GLY S 67 46.07 23.90 -68.53
CA GLY S 67 46.31 22.70 -67.76
C GLY S 67 45.33 22.49 -66.62
N HIS S 68 44.76 23.56 -66.09
CA HIS S 68 43.83 23.47 -64.98
C HIS S 68 42.41 23.20 -65.48
N LYS S 69 41.50 22.98 -64.53
CA LYS S 69 40.09 22.78 -64.84
C LYS S 69 39.35 24.12 -64.78
N LEU S 70 38.14 24.12 -65.34
CA LEU S 70 37.31 25.32 -65.26
C LEU S 70 36.79 25.55 -63.85
N GLY S 71 36.57 24.47 -63.09
CA GLY S 71 36.07 24.61 -61.73
C GLY S 71 37.05 25.25 -60.77
N GLU S 72 38.35 25.20 -61.08
CA GLU S 72 39.34 25.83 -60.22
C GLU S 72 39.22 27.34 -60.19
N PHE S 73 38.63 27.93 -61.23
CA PHE S 73 38.44 29.37 -61.32
C PHE S 73 36.99 29.78 -61.07
N ALA S 74 36.15 28.84 -60.63
CA ALA S 74 34.75 29.10 -60.31
C ALA S 74 34.48 28.55 -58.92
N PRO S 75 34.73 29.34 -57.87
CA PRO S 75 34.49 28.85 -56.51
C PRO S 75 33.01 28.63 -56.26
N THR S 76 32.68 27.45 -55.70
CA THR S 76 31.29 27.09 -55.48
C THR S 76 30.74 27.66 -54.19
N ARG S 77 31.50 27.56 -53.10
CA ARG S 77 31.03 27.98 -51.79
C ARG S 77 31.34 29.45 -51.53
N THR S 78 30.53 30.05 -50.67
CA THR S 78 30.69 31.44 -50.25
C THR S 78 31.01 31.46 -48.76
N TYR S 79 32.02 32.23 -48.38
CA TYR S 79 32.46 32.30 -46.99
C TYR S 79 32.82 33.73 -46.62
N ARG S 80 32.26 34.21 -45.52
CA ARG S 80 32.56 35.52 -44.95
C ARG S 80 32.47 36.64 -45.98
N GLY S 81 31.42 36.61 -46.79
N ARG T 1 -68.93 66.63 0.46
CA ARG T 1 -68.68 65.43 -0.34
C ARG T 1 -68.84 64.18 0.50
N ASN T 2 -69.37 64.34 1.71
CA ASN T 2 -69.49 63.26 2.68
C ASN T 2 -70.95 62.90 2.92
N LEU T 3 -71.14 61.85 3.72
CA LEU T 3 -72.46 61.29 3.99
C LEU T 3 -73.12 61.99 5.17
N SER T 4 -74.45 61.94 5.20
CA SER T 4 -75.25 62.69 6.15
C SER T 4 -75.28 62.06 7.55
N ALA T 5 -74.54 60.98 7.78
CA ALA T 5 -74.45 60.42 9.12
C ALA T 5 -73.86 61.40 10.12
N LEU T 6 -73.34 62.54 9.66
CA LEU T 6 -72.98 63.64 10.55
C LEU T 6 -74.13 64.00 11.46
N LYS T 7 -75.37 63.78 11.01
CA LYS T 7 -76.54 63.95 11.87
C LYS T 7 -76.32 63.28 13.23
N ARG T 8 -75.92 62.01 13.21
CA ARG T 8 -75.58 61.30 14.45
C ARG T 8 -74.68 62.14 15.33
N HIS T 9 -73.55 62.61 14.76
CA HIS T 9 -72.64 63.48 15.50
C HIS T 9 -73.40 64.60 16.20
N ARG T 10 -74.19 65.36 15.43
CA ARG T 10 -74.98 66.43 16.02
C ARG T 10 -75.76 65.92 17.22
N GLN T 11 -76.53 64.85 17.02
CA GLN T 11 -77.34 64.29 18.10
C GLN T 11 -76.48 64.02 19.33
N SER T 12 -75.32 63.37 19.12
CA SER T 12 -74.45 63.05 20.25
C SER T 12 -74.16 64.30 21.07
N LEU T 13 -73.79 65.39 20.38
CA LEU T 13 -73.50 66.63 21.08
C LEU T 13 -74.65 67.00 22.01
N LYS T 14 -75.88 67.04 21.48
CA LYS T 14 -77.04 67.32 22.31
C LYS T 14 -77.06 66.38 23.51
N ARG T 15 -77.02 65.07 23.26
CA ARG T 15 -77.05 64.10 24.34
C ARG T 15 -75.92 64.35 25.33
N ARG T 16 -74.75 64.73 24.83
CA ARG T 16 -73.65 65.09 25.72
C ARG T 16 -74.10 66.15 26.72
N LEU T 17 -74.57 67.29 26.20
CA LEU T 17 -75.03 68.36 27.07
C LEU T 17 -76.18 67.91 27.97
N ARG T 18 -76.93 66.89 27.54
CA ARG T 18 -77.99 66.37 28.38
C ARG T 18 -77.45 65.53 29.53
N ASN T 19 -76.42 64.73 29.25
CA ASN T 19 -75.87 63.85 30.28
C ASN T 19 -75.02 64.63 31.27
N LYS T 20 -74.02 65.36 30.75
CA LYS T 20 -73.15 66.18 31.59
C LYS T 20 -73.95 67.04 32.57
N ALA T 21 -75.10 67.55 32.12
CA ALA T 21 -75.96 68.32 33.01
C ALA T 21 -76.39 67.47 34.21
N LYS T 22 -77.10 66.37 33.95
CA LYS T 22 -77.67 65.58 35.03
C LYS T 22 -76.61 65.18 36.05
N LYS T 23 -75.53 64.54 35.57
CA LYS T 23 -74.43 64.16 36.46
C LYS T 23 -73.95 65.36 37.28
N SER T 24 -73.74 66.50 36.60
CA SER T 24 -73.24 67.69 37.30
C SER T 24 -74.15 68.06 38.45
N ALA T 25 -75.46 67.90 38.28
CA ALA T 25 -76.37 68.11 39.40
C ALA T 25 -76.14 67.08 40.49
N ILE T 26 -76.20 65.79 40.13
CA ILE T 26 -76.16 64.71 41.11
C ILE T 26 -74.98 64.88 42.05
N LYS T 27 -73.77 64.80 41.48
CA LYS T 27 -72.53 65.02 42.23
C LYS T 27 -72.69 66.18 43.20
N THR T 28 -73.06 67.36 42.67
CA THR T 28 -73.22 68.54 43.51
C THR T 28 -74.09 68.25 44.72
N LEU T 29 -75.34 67.83 44.46
CA LEU T 29 -76.26 67.54 45.56
C LEU T 29 -75.62 66.58 46.55
N SER T 30 -74.99 65.51 46.04
CA SER T 30 -74.33 64.54 46.90
C SER T 30 -73.41 65.24 47.89
N LYS T 31 -72.46 66.03 47.37
CA LYS T 31 -71.55 66.78 48.22
C LYS T 31 -72.33 67.53 49.29
N LYS T 32 -73.33 68.31 48.87
CA LYS T 32 -74.14 69.08 49.79
C LYS T 32 -74.64 68.20 50.93
N ALA T 33 -75.31 67.10 50.57
CA ALA T 33 -75.86 66.20 51.58
C ALA T 33 -74.75 65.75 52.53
N ILE T 34 -73.63 65.29 51.98
CA ILE T 34 -72.54 64.79 52.81
C ILE T 34 -72.09 65.87 53.79
N GLN T 35 -71.99 67.12 53.31
CA GLN T 35 -71.61 68.21 54.20
C GLN T 35 -72.55 68.29 55.39
N LEU T 36 -73.85 68.28 55.13
CA LEU T 36 -74.83 68.37 56.21
C LEU T 36 -74.76 67.17 57.14
N ALA T 37 -74.27 66.03 56.65
CA ALA T 37 -74.07 64.88 57.53
C ALA T 37 -72.82 65.04 58.38
N GLN T 38 -71.79 65.71 57.84
CA GLN T 38 -70.57 65.93 58.61
C GLN T 38 -70.79 66.94 59.72
N GLU T 39 -71.67 67.93 59.50
CA GLU T 39 -71.92 68.99 60.45
C GLU T 39 -73.06 68.66 61.42
N GLY T 40 -73.69 67.49 61.28
CA GLY T 40 -74.67 67.04 62.24
C GLY T 40 -76.11 67.36 61.91
N LYS T 41 -76.37 68.25 60.95
CA LYS T 41 -77.74 68.62 60.59
C LYS T 41 -78.38 67.44 59.87
N ALA T 42 -79.17 66.65 60.61
CA ALA T 42 -79.64 65.36 60.09
C ALA T 42 -80.88 65.51 59.22
N GLU T 43 -81.86 66.29 59.67
CA GLU T 43 -83.09 66.46 58.90
C GLU T 43 -82.78 66.99 57.50
N GLU T 44 -81.98 68.06 57.43
CA GLU T 44 -81.63 68.65 56.14
C GLU T 44 -80.81 67.70 55.29
N ALA T 45 -79.85 67.00 55.92
CA ALA T 45 -79.01 66.06 55.18
C ALA T 45 -79.84 64.98 54.52
N LEU T 46 -80.77 64.37 55.28
CA LEU T 46 -81.59 63.30 54.71
C LEU T 46 -82.60 63.85 53.70
N LYS T 47 -83.15 65.04 53.96
CA LYS T 47 -84.08 65.65 53.01
C LYS T 47 -83.39 65.92 51.67
N ILE T 48 -82.09 66.21 51.69
CA ILE T 48 -81.37 66.41 50.44
C ILE T 48 -80.93 65.08 49.84
N MET T 49 -80.59 64.10 50.67
CA MET T 49 -80.23 62.78 50.16
C MET T 49 -81.38 62.13 49.42
N ARG T 50 -82.62 62.39 49.86
CA ARG T 50 -83.78 61.90 49.14
C ARG T 50 -83.80 62.43 47.71
N LYS T 51 -83.59 63.74 47.55
CA LYS T 51 -83.58 64.33 46.21
C LYS T 51 -82.39 63.82 45.39
N ALA T 52 -81.26 63.58 46.05
CA ALA T 52 -80.10 63.04 45.34
C ALA T 52 -80.40 61.65 44.80
N GLU T 53 -80.99 60.79 45.63
CA GLU T 53 -81.40 59.45 45.17
C GLU T 53 -82.42 59.54 44.05
N SER T 54 -83.36 60.48 44.16
CA SER T 54 -84.36 60.67 43.10
C SER T 54 -83.69 61.03 41.79
N LEU T 55 -82.75 61.98 41.82
CA LEU T 55 -82.05 62.37 40.60
C LEU T 55 -81.23 61.22 40.05
N ILE T 56 -80.61 60.42 40.91
CA ILE T 56 -79.84 59.26 40.46
C ILE T 56 -80.73 58.30 39.69
N ASP T 57 -81.87 57.93 40.27
CA ASP T 57 -82.74 56.97 39.61
C ASP T 57 -83.36 57.56 38.34
N LYS T 58 -83.74 58.84 38.36
CA LYS T 58 -84.30 59.46 37.18
C LYS T 58 -83.28 59.55 36.05
N ALA T 59 -82.00 59.74 36.38
CA ALA T 59 -80.96 59.67 35.36
C ALA T 59 -80.75 58.23 34.89
N ALA T 60 -80.97 57.26 35.78
CA ALA T 60 -80.92 55.86 35.37
C ALA T 60 -82.05 55.50 34.42
N LYS T 61 -83.15 56.26 34.44
CA LYS T 61 -84.23 56.03 33.49
C LYS T 61 -83.73 56.08 32.04
N GLY T 62 -82.80 57.00 31.76
CA GLY T 62 -82.26 57.17 30.43
C GLY T 62 -80.92 56.49 30.25
N SER T 63 -80.17 56.96 29.26
CA SER T 63 -78.85 56.42 28.95
C SER T 63 -77.72 57.18 29.64
N THR T 64 -78.06 58.13 30.53
CA THR T 64 -77.04 58.93 31.19
C THR T 64 -76.35 58.14 32.31
N LEU T 65 -77.13 57.68 33.27
CA LEU T 65 -76.65 57.06 34.49
C LEU T 65 -77.29 55.69 34.67
N HIS T 66 -77.16 54.85 33.65
CA HIS T 66 -77.87 53.59 33.47
C HIS T 66 -77.38 52.56 34.47
N LYS T 67 -77.50 51.28 34.11
CA LYS T 67 -77.52 50.13 35.03
C LYS T 67 -76.40 50.15 36.07
N ASN T 68 -76.41 49.17 36.98
CA ASN T 68 -76.23 49.32 38.42
C ASN T 68 -75.13 50.28 38.91
N ALA T 69 -74.42 50.95 38.01
CA ALA T 69 -73.64 52.12 38.44
C ALA T 69 -74.48 53.09 39.28
N ALA T 70 -75.76 53.24 38.93
CA ALA T 70 -76.65 54.08 39.74
C ALA T 70 -76.82 53.51 41.14
N ALA T 71 -76.99 52.18 41.25
CA ALA T 71 -77.05 51.56 42.56
C ALA T 71 -75.76 51.74 43.33
N ARG T 72 -74.62 51.73 42.63
CA ARG T 72 -73.34 51.99 43.27
C ARG T 72 -73.32 53.38 43.90
N ARG T 73 -73.74 54.38 43.11
CA ARG T 73 -73.77 55.75 43.63
C ARG T 73 -74.71 55.87 44.82
N LYS T 74 -75.91 55.28 44.72
CA LYS T 74 -76.87 55.32 45.82
C LYS T 74 -76.31 54.65 47.07
N SER T 75 -75.69 53.48 46.91
CA SER T 75 -75.13 52.76 48.05
C SER T 75 -74.04 53.58 48.73
N ARG T 76 -73.10 54.11 47.95
CA ARG T 76 -72.02 54.90 48.54
C ARG T 76 -72.57 56.13 49.26
N LEU T 77 -73.55 56.81 48.64
CA LEU T 77 -74.15 57.99 49.26
C LEU T 77 -74.80 57.64 50.59
N MET T 78 -75.70 56.66 50.60
CA MET T 78 -76.43 56.33 51.81
C MET T 78 -75.50 55.82 52.90
N ARG T 79 -74.49 55.03 52.53
CA ARG T 79 -73.52 54.55 53.50
C ARG T 79 -72.77 55.72 54.13
N LYS T 80 -72.25 56.63 53.31
CA LYS T 80 -71.51 57.76 53.86
C LYS T 80 -72.38 58.63 54.75
N VAL T 81 -73.64 58.84 54.37
CA VAL T 81 -74.53 59.69 55.17
C VAL T 81 -74.82 59.03 56.51
N ARG T 82 -75.18 57.74 56.50
CA ARG T 82 -75.47 57.05 57.76
C ARG T 82 -74.23 56.99 58.65
N GLN T 83 -73.04 56.85 58.05
CA GLN T 83 -71.81 56.81 58.84
C GLN T 83 -71.51 58.17 59.46
N LEU T 84 -71.66 59.24 58.69
CA LEU T 84 -71.37 60.57 59.23
C LEU T 84 -72.40 61.00 60.26
N LEU T 85 -73.65 60.55 60.13
CA LEU T 85 -74.64 60.88 61.15
C LEU T 85 -74.40 60.10 62.43
N GLU T 86 -73.84 58.90 62.35
CA GLU T 86 -73.51 58.14 63.55
C GLU T 86 -72.42 58.83 64.37
N ALA T 87 -71.64 59.72 63.75
CA ALA T 87 -70.70 60.53 64.52
C ALA T 87 -71.39 61.62 65.31
N ALA T 88 -72.65 61.93 64.98
CA ALA T 88 -73.43 62.91 65.72
C ALA T 88 -74.69 62.30 66.32
N GLY T 89 -75.45 61.55 65.53
CA GLY T 89 -76.66 60.90 66.02
C GLY T 89 -77.92 61.62 65.59
N ALA T 90 -79.04 61.11 66.12
CA ALA T 90 -80.37 61.69 65.94
C ALA T 90 -80.76 61.78 64.47
N PRO T 91 -81.06 60.66 63.80
CA PRO T 91 -81.55 60.74 62.42
C PRO T 91 -82.98 61.23 62.36
N LEU T 92 -83.15 62.56 62.38
CA LEU T 92 -84.44 63.21 62.59
C LEU T 92 -85.51 62.86 61.56
N ILE T 93 -85.31 63.23 60.30
CA ILE T 93 -86.41 63.20 59.34
C ILE T 93 -86.81 61.77 58.98
N GLY T 94 -85.92 60.79 59.16
CA GLY T 94 -86.24 59.42 58.81
C GLY T 94 -86.63 59.24 57.35
N GLY T 95 -85.72 59.59 56.45
CA GLY T 95 -86.02 59.52 55.03
C GLY T 95 -85.55 58.25 54.37
N GLY T 96 -84.51 58.34 53.55
CA GLY T 96 -84.05 57.18 52.80
C GLY T 96 -83.54 56.06 53.68
N LEU T 97 -82.89 56.41 54.79
CA LEU T 97 -82.31 55.39 55.65
C LEU T 97 -83.40 54.59 56.37
N SER T 98 -83.27 53.28 56.34
CA SER T 98 -84.21 52.42 57.06
C SER T 98 -84.02 52.56 58.56
N ALA T 99 -85.03 52.12 59.30
CA ALA T 99 -85.01 52.22 60.76
C ALA T 99 -83.84 51.44 61.36
N GLY U 1 57.82 6.63 -37.75
CA GLY U 1 57.11 5.44 -37.36
C GLY U 1 56.26 4.84 -38.45
N LYS U 2 55.06 4.37 -38.08
CA LYS U 2 54.15 3.77 -39.05
C LYS U 2 53.50 4.79 -39.98
N GLY U 3 53.71 6.08 -39.73
CA GLY U 3 53.12 7.12 -40.56
C GLY U 3 54.02 7.69 -41.63
N ASP U 4 55.24 7.16 -41.78
CA ASP U 4 56.17 7.65 -42.79
C ASP U 4 56.01 6.80 -44.06
N ARG U 5 55.82 7.48 -45.19
CA ARG U 5 55.65 6.77 -46.45
C ARG U 5 56.93 6.06 -46.88
N ARG U 6 58.08 6.68 -46.62
CA ARG U 6 59.36 6.19 -47.12
C ARG U 6 60.03 5.18 -46.19
N THR U 7 59.28 4.48 -45.36
CA THR U 7 59.82 3.49 -44.45
C THR U 7 59.16 2.13 -44.69
N ARG U 8 59.79 1.09 -44.14
CA ARG U 8 59.24 -0.25 -44.24
C ARG U 8 57.93 -0.37 -43.45
N ARG U 9 57.98 -0.04 -42.16
CA ARG U 9 56.78 -0.10 -41.34
C ARG U 9 55.68 0.80 -41.88
N GLY U 10 56.04 1.90 -42.54
CA GLY U 10 55.03 2.76 -43.14
C GLY U 10 54.28 2.07 -44.27
N LYS U 11 55.01 1.43 -45.18
CA LYS U 11 54.36 0.67 -46.24
C LYS U 11 53.57 -0.50 -45.68
N ILE U 12 54.05 -1.12 -44.60
CA ILE U 12 53.31 -2.24 -44.02
C ILE U 12 52.02 -1.77 -43.37
N TRP U 13 52.07 -0.62 -42.69
CA TRP U 13 50.88 -0.08 -42.05
C TRP U 13 49.86 0.37 -43.09
N ARG U 14 50.30 1.17 -44.07
CA ARG U 14 49.40 1.57 -45.14
C ARG U 14 49.08 0.43 -46.10
N GLY U 15 49.80 -0.70 -46.01
CA GLY U 15 49.51 -1.86 -46.82
C GLY U 15 49.84 -1.69 -48.28
N THR U 16 51.01 -1.13 -48.58
CA THR U 16 51.43 -0.88 -49.95
C THR U 16 52.85 -1.37 -50.15
N TYR U 17 53.29 -1.36 -51.41
CA TYR U 17 54.65 -1.69 -51.80
C TYR U 17 55.25 -0.52 -52.57
N GLY U 18 56.57 -0.41 -52.52
CA GLY U 18 57.22 0.68 -53.21
C GLY U 18 58.73 0.55 -53.17
N LYS U 19 59.39 1.68 -53.40
CA LYS U 19 60.85 1.72 -53.40
C LYS U 19 61.42 1.34 -52.03
N TYR U 20 60.69 1.62 -50.96
CA TYR U 20 61.14 1.35 -49.61
C TYR U 20 60.54 0.07 -49.04
N ARG U 21 59.86 -0.72 -49.87
CA ARG U 21 59.41 -2.06 -49.51
C ARG U 21 59.18 -2.87 -50.78
N PRO U 22 60.22 -3.51 -51.32
CA PRO U 22 60.06 -4.26 -52.57
C PRO U 22 59.28 -5.55 -52.39
N ARG U 23 59.05 -6.26 -53.50
CA ARG U 23 58.42 -7.57 -53.49
C ARG U 23 59.40 -8.67 -53.85
N LYS U 24 60.68 -8.47 -53.55
CA LYS U 24 61.75 -9.40 -53.88
C LYS U 24 61.85 -9.63 -55.40
N LYS U 25 62.70 -10.58 -55.79
#